data_5F2W
#
_entry.id   5F2W
#
_cell.length_a   57.390
_cell.length_b   102.040
_cell.length_c   142.150
_cell.angle_alpha   90.00
_cell.angle_beta   99.70
_cell.angle_gamma   90.00
#
_symmetry.space_group_name_H-M   'P 1 21 1'
#
loop_
_entity.id
_entity.type
_entity.pdbx_description
1 polymer 'Lysine-specific demethylase 4A'
2 non-polymer 'ZINC ION'
3 non-polymer 2-(2-azanyl-1,3-thiazol-4-yl)pyridine-4-carboxamide
4 non-polymer 1,2-ETHANEDIOL
5 non-polymer 'DIMETHYL SULFOXIDE'
6 water water
#
_entity_poly.entity_id   1
_entity_poly.type   'polypeptide(L)'
_entity_poly.pdbx_seq_one_letter_code
;SMASESETLNPSARIMTFYPTMEEFRNFSRYIAYIESQGAHRAGLAKVVPPKEWKPRASYDDIDDLVIPAPIQQLVTGQS
GLFTQYNIQKKAMTVREFRKIANSDKYCTPRYSEFEELERKYWKNLTFNPPIYGADVNGTLYEKHVDEWNIGRLRTILDL
VEKESGITIEGVNTPYLYFGMWKTSFAWHTEDMDLYSINYLHFGEPKSWYSVPPEHGKRLERLAKGFFPGSAQSCEAFLR
HKMTLISPLMLKKYGIPFDKVTQEAGEFMITFPYGYHAGFNHGFNCAESTNFATRRWIEYGKQAVLCSCRKDMVKISMDV
FVRKFQPERYKLWKAGKDNTVIDHTLPTPEAAEFLKESEL
;
_entity_poly.pdbx_strand_id   A,B,C,D
#
loop_
_chem_comp.id
_chem_comp.type
_chem_comp.name
_chem_comp.formula
5UP non-polymer 2-(2-azanyl-1,3-thiazol-4-yl)pyridine-4-carboxamide 'C9 H8 N4 O S'
DMS non-polymer 'DIMETHYL SULFOXIDE' 'C2 H6 O S'
EDO non-polymer 1,2-ETHANEDIOL 'C2 H6 O2'
ZN non-polymer 'ZINC ION' 'Zn 2'
#
# COMPACT_ATOMS: atom_id res chain seq x y z
N ASN A 10 -1.68 0.26 -37.56
CA ASN A 10 -1.89 -0.98 -38.34
C ASN A 10 -2.74 -0.68 -39.62
N PRO A 11 -2.16 0.04 -40.62
CA PRO A 11 -2.93 0.41 -41.83
C PRO A 11 -3.39 -0.74 -42.70
N SER A 12 -2.68 -1.88 -42.61
CA SER A 12 -2.89 -3.13 -43.34
C SER A 12 -4.04 -3.94 -42.71
N ALA A 13 -4.43 -3.62 -41.45
CA ALA A 13 -5.44 -4.28 -40.62
C ALA A 13 -5.15 -5.78 -40.51
N ARG A 14 -3.91 -6.08 -40.11
CA ARG A 14 -3.40 -7.44 -39.92
C ARG A 14 -3.56 -7.86 -38.48
N ILE A 15 -3.80 -9.15 -38.26
CA ILE A 15 -3.95 -9.75 -36.94
C ILE A 15 -2.61 -9.57 -36.20
N MET A 16 -2.65 -8.96 -34.99
CA MET A 16 -1.45 -8.79 -34.17
C MET A 16 -1.39 -9.78 -33.00
N THR A 17 -0.19 -10.05 -32.50
CA THR A 17 0.04 -10.99 -31.39
C THR A 17 0.71 -10.24 -30.24
N PHE A 18 0.21 -10.44 -29.00
CA PHE A 18 0.72 -9.78 -27.81
C PHE A 18 1.29 -10.74 -26.79
N TYR A 19 2.40 -10.34 -26.15
CA TYR A 19 3.12 -11.16 -25.15
C TYR A 19 3.22 -10.41 -23.80
N PRO A 20 2.10 -10.28 -23.05
CA PRO A 20 2.15 -9.54 -21.78
C PRO A 20 2.93 -10.25 -20.67
N THR A 21 3.62 -9.48 -19.82
CA THR A 21 4.34 -10.00 -18.65
C THR A 21 3.30 -10.26 -17.55
N MET A 22 3.69 -10.94 -16.45
CA MET A 22 2.76 -11.22 -15.37
C MET A 22 2.05 -9.95 -14.83
N GLU A 23 2.80 -8.83 -14.62
CA GLU A 23 2.24 -7.56 -14.14
C GLU A 23 1.23 -6.95 -15.13
N GLU A 24 1.58 -6.97 -16.44
CA GLU A 24 0.76 -6.48 -17.56
C GLU A 24 -0.53 -7.28 -17.70
N PHE A 25 -0.46 -8.57 -17.37
CA PHE A 25 -1.56 -9.54 -17.49
C PHE A 25 -2.61 -9.41 -16.38
N ARG A 26 -2.20 -8.95 -15.18
CA ARG A 26 -3.07 -8.83 -14.00
C ARG A 26 -4.32 -7.95 -14.22
N ASN A 27 -4.20 -6.84 -14.99
CA ASN A 27 -5.34 -5.95 -15.29
C ASN A 27 -5.85 -6.25 -16.72
N PHE A 28 -6.98 -6.96 -16.81
CA PHE A 28 -7.58 -7.39 -18.07
C PHE A 28 -8.00 -6.20 -18.93
N SER A 29 -9.01 -5.44 -18.47
CA SER A 29 -9.59 -4.27 -19.15
C SER A 29 -8.54 -3.23 -19.55
N ARG A 30 -7.43 -3.14 -18.79
CA ARG A 30 -6.32 -2.22 -19.07
C ARG A 30 -5.52 -2.75 -20.25
N TYR A 31 -5.25 -4.06 -20.29
CA TYR A 31 -4.51 -4.66 -21.38
C TYR A 31 -5.26 -4.61 -22.71
N ILE A 32 -6.60 -4.69 -22.69
CA ILE A 32 -7.45 -4.57 -23.89
C ILE A 32 -7.32 -3.16 -24.42
N ALA A 33 -7.41 -2.14 -23.52
CA ALA A 33 -7.21 -0.72 -23.88
C ALA A 33 -5.83 -0.53 -24.52
N TYR A 34 -4.80 -1.15 -23.96
CA TYR A 34 -3.46 -1.06 -24.52
C TYR A 34 -3.35 -1.67 -25.92
N ILE A 35 -3.95 -2.82 -26.13
CA ILE A 35 -3.91 -3.45 -27.44
C ILE A 35 -4.63 -2.60 -28.49
N GLU A 36 -5.63 -1.84 -28.06
CA GLU A 36 -6.38 -0.94 -28.96
C GLU A 36 -5.55 0.26 -29.33
N SER A 37 -4.70 0.70 -28.39
CA SER A 37 -3.77 1.82 -28.56
C SER A 37 -2.66 1.46 -29.57
N GLN A 38 -2.47 0.15 -29.85
CA GLN A 38 -1.52 -0.45 -30.79
C GLN A 38 -2.16 -0.73 -32.17
N GLY A 39 -3.48 -0.57 -32.26
CA GLY A 39 -4.27 -0.81 -33.47
C GLY A 39 -4.82 -2.22 -33.64
N ALA A 40 -4.73 -3.07 -32.61
CA ALA A 40 -5.15 -4.47 -32.69
C ALA A 40 -6.57 -4.66 -33.20
N HIS A 41 -7.49 -3.78 -32.74
CA HIS A 41 -8.92 -3.77 -33.07
C HIS A 41 -9.22 -3.60 -34.57
N ARG A 42 -8.28 -3.06 -35.36
CA ARG A 42 -8.49 -2.85 -36.79
C ARG A 42 -8.69 -4.14 -37.58
N ALA A 43 -8.02 -5.23 -37.16
CA ALA A 43 -8.10 -6.55 -37.79
C ALA A 43 -9.40 -7.27 -37.41
N GLY A 44 -9.97 -6.92 -36.25
CA GLY A 44 -11.19 -7.48 -35.67
C GLY A 44 -10.91 -8.70 -34.82
N LEU A 45 -9.64 -9.11 -34.77
CA LEU A 45 -9.17 -10.32 -34.11
C LEU A 45 -7.72 -10.13 -33.69
N ALA A 46 -7.38 -10.51 -32.44
CA ALA A 46 -6.02 -10.40 -31.90
C ALA A 46 -5.67 -11.61 -31.07
N LYS A 47 -4.38 -12.03 -31.11
CA LYS A 47 -3.87 -13.16 -30.31
C LYS A 47 -3.10 -12.63 -29.11
N VAL A 48 -3.33 -13.25 -27.95
CA VAL A 48 -2.63 -12.89 -26.72
C VAL A 48 -2.01 -14.16 -26.15
N VAL A 49 -0.68 -14.18 -26.10
CA VAL A 49 0.08 -15.30 -25.55
C VAL A 49 0.35 -14.97 -24.04
N PRO A 50 -0.26 -15.70 -23.11
CA PRO A 50 -0.10 -15.38 -21.68
C PRO A 50 1.27 -15.65 -21.08
N PRO A 51 1.61 -15.05 -19.89
CA PRO A 51 2.91 -15.35 -19.25
C PRO A 51 3.10 -16.84 -19.01
N LYS A 52 4.37 -17.32 -19.14
CA LYS A 52 4.71 -18.72 -18.99
C LYS A 52 4.37 -19.30 -17.60
N GLU A 53 4.45 -18.46 -16.55
CA GLU A 53 4.15 -18.83 -15.16
C GLU A 53 2.66 -19.05 -14.88
N TRP A 54 1.77 -18.43 -15.69
CA TRP A 54 0.31 -18.48 -15.57
C TRP A 54 -0.28 -19.80 -16.07
N LYS A 55 -1.23 -20.38 -15.31
CA LYS A 55 -1.95 -21.63 -15.63
C LYS A 55 -3.38 -21.56 -15.05
N PRO A 56 -4.45 -21.80 -15.83
CA PRO A 56 -5.81 -21.75 -15.22
C PRO A 56 -6.26 -23.02 -14.47
N ARG A 57 -5.54 -24.17 -14.64
CA ARG A 57 -5.89 -25.45 -14.03
C ARG A 57 -4.66 -26.35 -14.00
N ALA A 58 -4.46 -27.06 -12.88
CA ALA A 58 -3.33 -27.96 -12.62
C ALA A 58 -3.13 -29.03 -13.68
N SER A 59 -4.21 -29.72 -14.09
CA SER A 59 -4.23 -30.77 -15.13
C SER A 59 -5.62 -30.91 -15.72
N TYR A 60 -5.75 -31.56 -16.88
CA TYR A 60 -7.05 -31.77 -17.51
C TYR A 60 -7.44 -33.27 -17.58
N ASP A 61 -6.77 -34.15 -16.80
CA ASP A 61 -7.03 -35.60 -16.78
C ASP A 61 -8.33 -36.01 -16.06
N ASP A 62 -8.97 -35.09 -15.33
CA ASP A 62 -10.17 -35.35 -14.54
C ASP A 62 -11.48 -34.83 -15.17
N ILE A 63 -11.57 -34.72 -16.50
CA ILE A 63 -12.81 -34.19 -17.10
C ILE A 63 -13.48 -35.20 -18.04
N ASP A 64 -13.00 -36.46 -18.06
CA ASP A 64 -13.54 -37.54 -18.88
C ASP A 64 -15.05 -37.79 -18.67
N ASP A 65 -15.52 -37.62 -17.43
CA ASP A 65 -16.92 -37.81 -17.03
C ASP A 65 -17.77 -36.55 -17.19
N LEU A 66 -17.19 -35.42 -17.63
CA LEU A 66 -17.93 -34.17 -17.85
C LEU A 66 -18.93 -34.39 -19.01
N VAL A 67 -20.18 -34.01 -18.77
CA VAL A 67 -21.27 -34.23 -19.72
C VAL A 67 -21.50 -33.07 -20.70
N ILE A 68 -21.45 -33.38 -22.00
CA ILE A 68 -21.77 -32.49 -23.11
C ILE A 68 -23.26 -32.79 -23.36
N PRO A 69 -24.18 -31.91 -22.86
CA PRO A 69 -25.62 -32.19 -22.95
C PRO A 69 -26.22 -32.25 -24.36
N ALA A 70 -25.83 -31.33 -25.25
CA ALA A 70 -26.38 -31.31 -26.59
C ALA A 70 -25.33 -31.31 -27.71
N PRO A 71 -24.66 -32.45 -28.00
CA PRO A 71 -23.68 -32.46 -29.11
C PRO A 71 -24.38 -32.29 -30.46
N ILE A 72 -23.70 -31.67 -31.44
CA ILE A 72 -24.28 -31.42 -32.75
C ILE A 72 -23.48 -32.06 -33.90
N GLN A 73 -24.15 -32.85 -34.76
CA GLN A 73 -23.54 -33.39 -35.98
C GLN A 73 -23.65 -32.21 -36.97
N GLN A 74 -22.48 -31.70 -37.44
CA GLN A 74 -22.39 -30.56 -38.35
C GLN A 74 -22.47 -31.00 -39.80
N LEU A 75 -23.67 -30.87 -40.39
CA LEU A 75 -23.99 -31.23 -41.77
C LEU A 75 -23.79 -30.00 -42.63
N VAL A 76 -22.88 -30.07 -43.60
CA VAL A 76 -22.57 -28.95 -44.49
C VAL A 76 -23.02 -29.31 -45.92
N THR A 77 -23.79 -28.38 -46.53
CA THR A 77 -24.27 -28.48 -47.90
C THR A 77 -23.73 -27.26 -48.71
N GLY A 78 -23.31 -27.51 -49.95
CA GLY A 78 -22.78 -26.47 -50.80
C GLY A 78 -21.72 -26.89 -51.79
N GLN A 79 -21.19 -25.88 -52.51
CA GLN A 79 -20.16 -26.01 -53.55
C GLN A 79 -19.53 -24.65 -53.85
N SER A 80 -18.38 -24.66 -54.56
CA SER A 80 -17.64 -23.49 -55.00
C SER A 80 -17.32 -22.45 -53.88
N GLY A 81 -16.82 -22.94 -52.73
CA GLY A 81 -16.44 -22.13 -51.57
C GLY A 81 -17.55 -21.39 -50.84
N LEU A 82 -18.80 -21.80 -51.07
CA LEU A 82 -20.02 -21.21 -50.52
C LEU A 82 -20.91 -22.35 -49.96
N PHE A 83 -21.11 -22.35 -48.62
CA PHE A 83 -21.79 -23.43 -47.91
C PHE A 83 -22.80 -22.99 -46.82
N THR A 84 -23.72 -23.93 -46.44
CA THR A 84 -24.71 -23.81 -45.37
C THR A 84 -24.52 -24.98 -44.41
N GLN A 85 -24.40 -24.66 -43.12
CA GLN A 85 -24.20 -25.64 -42.06
C GLN A 85 -25.46 -25.86 -41.24
N TYR A 86 -25.80 -27.12 -41.04
CA TYR A 86 -26.96 -27.59 -40.31
C TYR A 86 -26.49 -28.36 -39.11
N ASN A 87 -27.16 -28.12 -38.00
CA ASN A 87 -26.81 -28.75 -36.76
C ASN A 87 -27.86 -29.74 -36.35
N ILE A 88 -27.43 -30.97 -36.14
CA ILE A 88 -28.35 -32.00 -35.74
C ILE A 88 -28.03 -32.30 -34.30
N GLN A 89 -29.01 -32.16 -33.42
CA GLN A 89 -28.77 -32.45 -32.02
C GLN A 89 -28.77 -33.96 -31.82
N LYS A 90 -27.72 -34.42 -31.19
CA LYS A 90 -27.49 -35.81 -30.87
C LYS A 90 -27.75 -35.99 -29.36
N LYS A 91 -27.79 -37.25 -28.91
CA LYS A 91 -27.95 -37.56 -27.48
C LYS A 91 -26.70 -37.11 -26.73
N ALA A 92 -26.86 -36.70 -25.46
CA ALA A 92 -25.82 -36.27 -24.55
C ALA A 92 -24.74 -37.32 -24.42
N MET A 93 -23.49 -36.88 -24.46
CA MET A 93 -22.32 -37.74 -24.32
C MET A 93 -21.32 -37.11 -23.39
N THR A 94 -20.38 -37.91 -22.88
CA THR A 94 -19.31 -37.47 -21.98
C THR A 94 -18.10 -37.02 -22.82
N VAL A 95 -17.09 -36.39 -22.16
CA VAL A 95 -15.81 -35.94 -22.75
C VAL A 95 -15.00 -37.17 -23.21
N ARG A 96 -15.18 -38.29 -22.49
CA ARG A 96 -14.52 -39.57 -22.79
C ARG A 96 -15.06 -40.11 -24.11
N GLU A 97 -16.41 -40.15 -24.25
CA GLU A 97 -17.13 -40.64 -25.44
C GLU A 97 -16.81 -39.78 -26.65
N PHE A 98 -16.79 -38.43 -26.49
CA PHE A 98 -16.47 -37.48 -27.54
C PHE A 98 -15.00 -37.61 -28.03
N ARG A 99 -14.03 -37.67 -27.09
CA ARG A 99 -12.61 -37.85 -27.41
C ARG A 99 -12.36 -39.15 -28.21
N LYS A 100 -13.07 -40.26 -27.86
CA LYS A 100 -12.98 -41.55 -28.54
C LYS A 100 -13.39 -41.44 -30.02
N ILE A 101 -14.52 -40.73 -30.31
CA ILE A 101 -15.02 -40.49 -31.67
C ILE A 101 -14.02 -39.63 -32.43
N ALA A 102 -13.52 -38.55 -31.78
CA ALA A 102 -12.56 -37.59 -32.35
C ALA A 102 -11.26 -38.24 -32.85
N ASN A 103 -10.71 -39.24 -32.10
CA ASN A 103 -9.45 -39.92 -32.44
C ASN A 103 -9.64 -41.22 -33.23
N SER A 104 -10.89 -41.55 -33.58
CA SER A 104 -11.22 -42.74 -34.34
C SER A 104 -10.78 -42.56 -35.79
N ASP A 105 -10.50 -43.68 -36.51
CA ASP A 105 -10.05 -43.66 -37.90
C ASP A 105 -10.98 -42.83 -38.80
N LYS A 106 -12.31 -42.95 -38.61
CA LYS A 106 -13.31 -42.19 -39.38
C LYS A 106 -13.19 -40.67 -39.20
N TYR A 107 -12.99 -40.19 -37.94
CA TYR A 107 -13.00 -38.77 -37.63
C TYR A 107 -11.67 -38.08 -37.27
N CYS A 108 -10.54 -38.82 -37.18
CA CYS A 108 -9.26 -38.22 -36.80
C CYS A 108 -8.69 -37.27 -37.86
N THR A 109 -7.78 -36.36 -37.43
CA THR A 109 -7.09 -35.37 -38.24
C THR A 109 -6.26 -36.07 -39.32
N PRO A 110 -6.31 -35.62 -40.60
CA PRO A 110 -5.46 -36.26 -41.62
C PRO A 110 -3.99 -35.82 -41.48
N ARG A 111 -3.06 -36.53 -42.17
CA ARG A 111 -1.63 -36.19 -42.12
C ARG A 111 -1.36 -34.91 -42.92
N TYR A 112 -0.51 -34.01 -42.36
CA TYR A 112 -0.18 -32.74 -43.00
C TYR A 112 1.21 -32.20 -42.62
N SER A 113 1.87 -31.50 -43.57
CA SER A 113 3.18 -30.87 -43.41
C SER A 113 3.00 -29.41 -42.93
N GLU A 114 2.41 -28.56 -43.79
CA GLU A 114 2.10 -27.14 -43.50
C GLU A 114 0.61 -26.96 -43.20
N PHE A 115 0.21 -25.82 -42.59
CA PHE A 115 -1.20 -25.50 -42.29
C PHE A 115 -2.01 -25.43 -43.58
N GLU A 116 -1.40 -24.86 -44.64
CA GLU A 116 -1.96 -24.68 -45.97
C GLU A 116 -2.54 -25.99 -46.51
N GLU A 117 -1.85 -27.13 -46.22
CA GLU A 117 -2.25 -28.48 -46.62
C GLU A 117 -3.53 -28.87 -45.92
N LEU A 118 -3.57 -28.64 -44.60
CA LEU A 118 -4.74 -28.95 -43.76
C LEU A 118 -5.93 -28.04 -44.12
N GLU A 119 -5.67 -26.78 -44.48
CA GLU A 119 -6.66 -25.80 -44.89
C GLU A 119 -7.29 -26.25 -46.22
N ARG A 120 -6.47 -26.78 -47.14
CA ARG A 120 -6.95 -27.31 -48.43
C ARG A 120 -7.79 -28.57 -48.17
N LYS A 121 -7.35 -29.42 -47.23
CA LYS A 121 -8.08 -30.64 -46.85
C LYS A 121 -9.44 -30.32 -46.24
N TYR A 122 -9.52 -29.22 -45.48
CA TYR A 122 -10.73 -28.76 -44.81
C TYR A 122 -11.73 -28.28 -45.84
N TRP A 123 -11.32 -27.38 -46.74
CA TRP A 123 -12.23 -26.82 -47.73
C TRP A 123 -12.60 -27.82 -48.84
N LYS A 124 -11.78 -28.86 -49.01
CA LYS A 124 -12.04 -29.92 -50.00
C LYS A 124 -12.98 -30.96 -49.44
N ASN A 125 -13.03 -31.17 -48.10
CA ASN A 125 -13.82 -32.24 -47.48
C ASN A 125 -14.86 -31.83 -46.44
N LEU A 126 -15.15 -30.54 -46.26
CA LEU A 126 -16.07 -30.11 -45.19
C LEU A 126 -17.51 -30.67 -45.34
N THR A 127 -17.95 -30.95 -46.59
CA THR A 127 -19.28 -31.52 -46.88
C THR A 127 -19.35 -33.02 -46.65
N PHE A 128 -18.23 -33.69 -46.42
CA PHE A 128 -18.22 -35.12 -46.20
C PHE A 128 -17.95 -35.55 -44.78
N ASN A 129 -18.46 -36.73 -44.40
CA ASN A 129 -18.20 -37.27 -43.08
C ASN A 129 -18.48 -36.28 -41.97
N PRO A 130 -19.71 -35.80 -41.86
CA PRO A 130 -20.00 -34.76 -40.85
C PRO A 130 -19.47 -35.04 -39.43
N PRO A 131 -18.70 -34.10 -38.84
CA PRO A 131 -18.20 -34.34 -37.47
C PRO A 131 -19.21 -33.94 -36.37
N ILE A 132 -18.93 -34.31 -35.11
CA ILE A 132 -19.74 -33.89 -33.97
C ILE A 132 -19.00 -32.76 -33.22
N TYR A 133 -19.69 -31.63 -32.91
CA TYR A 133 -19.19 -30.47 -32.15
C TYR A 133 -19.82 -30.50 -30.75
N GLY A 134 -18.99 -30.56 -29.72
CA GLY A 134 -19.46 -30.53 -28.34
C GLY A 134 -19.52 -29.11 -27.84
N ALA A 135 -20.39 -28.30 -28.50
CA ALA A 135 -20.56 -26.84 -28.31
C ALA A 135 -21.60 -26.40 -27.25
N ASP A 136 -21.50 -25.11 -26.82
CA ASP A 136 -22.40 -24.40 -25.89
C ASP A 136 -22.59 -25.09 -24.52
N VAL A 137 -21.55 -25.78 -24.01
CA VAL A 137 -21.61 -26.44 -22.71
C VAL A 137 -21.43 -25.35 -21.66
N ASN A 138 -22.38 -25.20 -20.75
CA ASN A 138 -22.27 -24.21 -19.69
C ASN A 138 -21.28 -24.69 -18.64
N GLY A 139 -20.17 -23.97 -18.55
CA GLY A 139 -19.15 -24.29 -17.55
C GLY A 139 -17.83 -23.63 -17.80
N THR A 140 -16.92 -23.80 -16.82
CA THR A 140 -15.56 -23.26 -16.84
C THR A 140 -14.55 -24.35 -16.48
N LEU A 141 -13.30 -24.19 -16.95
CA LEU A 141 -12.23 -25.11 -16.60
C LEU A 141 -11.17 -24.41 -15.76
N TYR A 142 -11.45 -23.14 -15.41
CA TYR A 142 -10.57 -22.33 -14.57
C TYR A 142 -10.79 -22.78 -13.12
N GLU A 143 -9.72 -22.85 -12.34
CA GLU A 143 -9.84 -23.20 -10.92
C GLU A 143 -10.29 -21.95 -10.18
N LYS A 144 -10.99 -22.12 -9.05
CA LYS A 144 -11.60 -21.05 -8.23
C LYS A 144 -10.72 -19.80 -7.99
N HIS A 145 -9.45 -20.02 -7.62
CA HIS A 145 -8.46 -19.01 -7.27
C HIS A 145 -7.82 -18.21 -8.42
N VAL A 146 -8.02 -18.62 -9.69
CA VAL A 146 -7.39 -17.93 -10.82
C VAL A 146 -8.01 -16.54 -11.01
N ASP A 147 -7.23 -15.49 -10.66
CA ASP A 147 -7.70 -14.11 -10.77
C ASP A 147 -7.41 -13.47 -12.12
N GLU A 148 -6.30 -13.89 -12.76
CA GLU A 148 -5.82 -13.34 -14.02
C GLU A 148 -6.55 -13.91 -15.25
N TRP A 149 -7.28 -13.03 -15.97
CA TRP A 149 -8.03 -13.33 -17.19
C TRP A 149 -9.00 -14.49 -17.02
N ASN A 150 -9.78 -14.46 -15.92
CA ASN A 150 -10.76 -15.49 -15.66
C ASN A 150 -12.01 -15.20 -16.47
N ILE A 151 -12.28 -16.04 -17.48
CA ILE A 151 -13.41 -15.97 -18.42
C ILE A 151 -14.77 -15.91 -17.70
N GLY A 152 -14.88 -16.58 -16.57
CA GLY A 152 -16.10 -16.57 -15.76
C GLY A 152 -16.36 -15.27 -15.02
N ARG A 153 -15.30 -14.49 -14.72
CA ARG A 153 -15.39 -13.22 -13.96
C ARG A 153 -14.40 -12.14 -14.46
N LEU A 154 -14.64 -11.63 -15.68
CA LEU A 154 -13.74 -10.65 -16.32
C LEU A 154 -13.80 -9.22 -15.76
N ARG A 155 -14.86 -8.90 -14.99
CA ARG A 155 -15.08 -7.61 -14.30
C ARG A 155 -15.11 -6.35 -15.23
N THR A 156 -15.58 -6.50 -16.50
CA THR A 156 -15.73 -5.39 -17.47
C THR A 156 -17.09 -4.67 -17.25
N ILE A 157 -17.42 -3.65 -18.07
CA ILE A 157 -18.67 -2.89 -17.91
C ILE A 157 -19.93 -3.72 -18.29
N LEU A 158 -19.74 -4.91 -18.90
CA LEU A 158 -20.83 -5.83 -19.25
C LEU A 158 -21.56 -6.22 -17.98
N ASP A 159 -20.82 -6.30 -16.85
CA ASP A 159 -21.31 -6.64 -15.52
C ASP A 159 -22.57 -5.86 -15.10
N LEU A 160 -22.81 -4.67 -15.74
CA LEU A 160 -23.97 -3.81 -15.52
C LEU A 160 -25.31 -4.49 -15.84
N VAL A 161 -25.32 -5.40 -16.81
CA VAL A 161 -26.49 -6.19 -17.22
C VAL A 161 -26.93 -7.14 -16.06
N GLU A 162 -25.97 -7.82 -15.41
CA GLU A 162 -26.27 -8.74 -14.31
C GLU A 162 -26.43 -8.01 -12.99
N LYS A 163 -25.61 -6.97 -12.73
CA LYS A 163 -25.66 -6.20 -11.49
C LYS A 163 -26.93 -5.35 -11.37
N GLU A 164 -27.32 -4.65 -12.44
CA GLU A 164 -28.50 -3.77 -12.42
C GLU A 164 -29.82 -4.44 -12.87
N SER A 165 -29.78 -5.42 -13.80
CA SER A 165 -31.02 -6.05 -14.26
C SER A 165 -31.32 -7.43 -13.62
N GLY A 166 -30.27 -8.17 -13.28
CA GLY A 166 -30.39 -9.50 -12.72
C GLY A 166 -30.35 -10.60 -13.78
N ILE A 167 -30.58 -10.20 -15.05
CA ILE A 167 -30.63 -11.04 -16.27
C ILE A 167 -29.31 -11.77 -16.58
N THR A 168 -29.43 -13.10 -16.79
CA THR A 168 -28.34 -14.00 -17.15
C THR A 168 -28.51 -14.46 -18.61
N ILE A 169 -27.46 -14.27 -19.42
CA ILE A 169 -27.41 -14.68 -20.83
C ILE A 169 -26.26 -15.66 -21.00
N GLU A 170 -26.57 -16.98 -20.92
CA GLU A 170 -25.63 -18.10 -21.02
C GLU A 170 -24.77 -17.97 -22.28
N GLY A 171 -23.45 -17.96 -22.07
CA GLY A 171 -22.48 -17.77 -23.14
C GLY A 171 -22.07 -16.32 -23.34
N VAL A 172 -23.03 -15.37 -23.13
CA VAL A 172 -22.82 -13.92 -23.30
C VAL A 172 -22.19 -13.29 -22.04
N ASN A 173 -22.82 -13.45 -20.86
CA ASN A 173 -22.22 -12.96 -19.61
C ASN A 173 -21.85 -14.12 -18.64
N THR A 174 -21.87 -15.38 -19.16
CA THR A 174 -21.51 -16.62 -18.45
C THR A 174 -20.52 -17.38 -19.34
N PRO A 175 -19.61 -18.24 -18.83
CA PRO A 175 -18.72 -18.95 -19.76
C PRO A 175 -19.36 -20.17 -20.45
N TYR A 176 -18.86 -20.46 -21.65
CA TYR A 176 -19.23 -21.60 -22.49
C TYR A 176 -17.97 -22.41 -22.79
N LEU A 177 -18.11 -23.73 -22.81
CA LEU A 177 -17.03 -24.66 -23.14
C LEU A 177 -17.35 -25.27 -24.51
N TYR A 178 -16.33 -25.38 -25.39
CA TYR A 178 -16.44 -25.91 -26.76
C TYR A 178 -15.45 -27.05 -26.98
N PHE A 179 -15.99 -28.26 -27.12
CA PHE A 179 -15.19 -29.45 -27.37
C PHE A 179 -15.23 -29.68 -28.86
N GLY A 180 -14.09 -29.50 -29.51
CA GLY A 180 -13.97 -29.68 -30.95
C GLY A 180 -13.23 -30.91 -31.40
N MET A 181 -13.43 -31.26 -32.67
CA MET A 181 -12.71 -32.34 -33.35
C MET A 181 -12.29 -31.87 -34.75
N TRP A 182 -11.59 -32.70 -35.51
CA TRP A 182 -11.18 -32.32 -36.85
C TRP A 182 -12.40 -31.92 -37.69
N LYS A 183 -12.32 -30.75 -38.37
CA LYS A 183 -13.34 -30.28 -39.30
C LYS A 183 -14.57 -29.65 -38.62
N THR A 184 -14.59 -29.53 -37.27
CA THR A 184 -15.72 -28.84 -36.63
C THR A 184 -15.55 -27.33 -36.87
N SER A 185 -16.61 -26.58 -37.13
CA SER A 185 -16.41 -25.16 -37.43
C SER A 185 -17.39 -24.14 -36.91
N PHE A 186 -16.97 -22.89 -36.98
CA PHE A 186 -17.82 -21.77 -36.63
C PHE A 186 -17.99 -20.95 -37.90
N ALA A 187 -19.24 -20.70 -38.25
CA ALA A 187 -19.60 -19.94 -39.44
C ALA A 187 -19.37 -18.46 -39.31
N TRP A 188 -19.38 -17.73 -40.43
CA TRP A 188 -19.18 -16.28 -40.43
C TRP A 188 -20.18 -15.53 -39.55
N HIS A 189 -19.68 -14.75 -38.59
CA HIS A 189 -20.54 -14.03 -37.66
C HIS A 189 -19.76 -12.97 -36.91
N THR A 190 -20.50 -12.04 -36.28
CA THR A 190 -20.02 -11.05 -35.32
C THR A 190 -20.67 -11.54 -34.00
N GLU A 191 -20.29 -10.97 -32.85
CA GLU A 191 -20.85 -11.36 -31.56
C GLU A 191 -22.25 -10.81 -31.34
N ASP A 192 -23.00 -11.40 -30.39
CA ASP A 192 -24.32 -10.88 -30.04
C ASP A 192 -24.17 -9.43 -29.56
N MET A 193 -25.03 -8.53 -30.07
CA MET A 193 -25.02 -7.07 -29.80
C MET A 193 -23.72 -6.40 -30.26
N ASP A 194 -22.97 -7.08 -31.18
CA ASP A 194 -21.64 -6.69 -31.68
C ASP A 194 -20.65 -6.49 -30.52
N LEU A 195 -20.69 -7.38 -29.53
CA LEU A 195 -19.82 -7.33 -28.35
C LEU A 195 -18.43 -7.84 -28.72
N TYR A 196 -17.51 -7.80 -27.73
CA TYR A 196 -16.18 -8.37 -27.86
C TYR A 196 -16.34 -9.80 -27.39
N SER A 197 -15.32 -10.63 -27.61
CA SER A 197 -15.27 -11.98 -27.08
C SER A 197 -13.83 -12.35 -26.75
N ILE A 198 -13.68 -13.33 -25.84
CA ILE A 198 -12.42 -13.89 -25.39
C ILE A 198 -12.52 -15.39 -25.57
N ASN A 199 -11.48 -16.01 -26.12
CA ASN A 199 -11.42 -17.44 -26.40
C ASN A 199 -10.09 -18.00 -25.95
N TYR A 200 -10.11 -18.91 -24.97
CA TYR A 200 -8.92 -19.58 -24.46
C TYR A 200 -8.93 -21.04 -24.85
N LEU A 201 -7.90 -21.48 -25.56
CA LEU A 201 -7.79 -22.87 -25.96
C LEU A 201 -7.09 -23.64 -24.81
N HIS A 202 -7.90 -24.31 -23.96
CA HIS A 202 -7.42 -25.05 -22.79
C HIS A 202 -6.39 -26.10 -23.12
N PHE A 203 -6.71 -26.96 -24.11
CA PHE A 203 -5.83 -28.06 -24.54
C PHE A 203 -6.21 -28.59 -25.92
N GLY A 204 -5.32 -29.44 -26.45
CA GLY A 204 -5.55 -30.14 -27.70
C GLY A 204 -4.97 -29.52 -28.95
N GLU A 205 -5.50 -29.99 -30.10
CA GLU A 205 -5.08 -29.56 -31.43
C GLU A 205 -5.50 -28.11 -31.68
N PRO A 206 -4.77 -27.40 -32.58
CA PRO A 206 -5.10 -25.98 -32.85
C PRO A 206 -6.51 -25.70 -33.36
N LYS A 207 -6.79 -24.39 -33.47
CA LYS A 207 -8.02 -23.81 -33.99
C LYS A 207 -7.60 -22.67 -34.94
N SER A 208 -7.95 -22.80 -36.21
CA SER A 208 -7.61 -21.77 -37.18
C SER A 208 -8.78 -20.87 -37.31
N TRP A 209 -8.48 -19.60 -37.53
CA TRP A 209 -9.43 -18.50 -37.59
C TRP A 209 -9.23 -17.68 -38.85
N TYR A 210 -10.33 -17.11 -39.34
CA TYR A 210 -10.39 -16.14 -40.43
C TYR A 210 -11.11 -14.94 -39.85
N SER A 211 -10.73 -13.74 -40.28
CA SER A 211 -11.30 -12.49 -39.82
C SER A 211 -11.39 -11.49 -40.96
N VAL A 212 -12.41 -10.62 -40.95
CA VAL A 212 -12.62 -9.51 -41.87
C VAL A 212 -12.53 -8.24 -41.00
N PRO A 213 -11.62 -7.29 -41.30
CA PRO A 213 -11.54 -6.10 -40.45
C PRO A 213 -12.91 -5.42 -40.32
N PRO A 214 -13.31 -4.95 -39.11
CA PRO A 214 -14.61 -4.27 -38.96
C PRO A 214 -14.93 -3.20 -40.01
N GLU A 215 -13.90 -2.48 -40.51
CA GLU A 215 -14.11 -1.43 -41.52
C GLU A 215 -14.56 -2.00 -42.90
N HIS A 216 -14.37 -3.31 -43.11
CA HIS A 216 -14.78 -3.99 -44.34
C HIS A 216 -15.91 -4.98 -44.09
N GLY A 217 -16.49 -4.92 -42.90
CA GLY A 217 -17.59 -5.78 -42.48
C GLY A 217 -18.88 -5.69 -43.28
N LYS A 218 -19.21 -4.48 -43.78
CA LYS A 218 -20.40 -4.23 -44.60
C LYS A 218 -20.28 -4.88 -46.00
N ARG A 219 -19.04 -5.05 -46.48
CA ARG A 219 -18.72 -5.68 -47.76
C ARG A 219 -19.01 -7.19 -47.73
N LEU A 220 -18.65 -7.87 -46.61
CA LEU A 220 -18.95 -9.30 -46.41
C LEU A 220 -20.45 -9.52 -46.38
N GLU A 221 -21.19 -8.62 -45.70
CA GLU A 221 -22.64 -8.62 -45.61
C GLU A 221 -23.28 -8.47 -46.99
N ARG A 222 -22.82 -7.48 -47.81
CA ARG A 222 -23.32 -7.25 -49.17
C ARG A 222 -23.06 -8.47 -50.03
N LEU A 223 -21.89 -9.11 -49.86
CA LEU A 223 -21.51 -10.35 -50.54
C LEU A 223 -22.51 -11.46 -50.18
N ALA A 224 -22.61 -11.75 -48.86
CA ALA A 224 -23.49 -12.75 -48.26
C ALA A 224 -24.94 -12.57 -48.70
N LYS A 225 -25.41 -11.31 -48.78
CA LYS A 225 -26.77 -10.99 -49.20
C LYS A 225 -27.01 -11.39 -50.65
N GLY A 226 -26.07 -11.04 -51.53
CA GLY A 226 -26.13 -11.35 -52.95
C GLY A 226 -26.15 -12.83 -53.29
N PHE A 227 -25.50 -13.67 -52.44
CA PHE A 227 -25.42 -15.12 -52.60
C PHE A 227 -26.65 -15.83 -52.11
N PHE A 228 -27.18 -15.37 -50.96
CA PHE A 228 -28.35 -15.94 -50.31
C PHE A 228 -29.47 -14.89 -50.31
N PRO A 229 -30.12 -14.60 -51.48
CA PRO A 229 -31.18 -13.58 -51.51
C PRO A 229 -32.46 -13.99 -50.77
N GLY A 230 -32.65 -15.30 -50.58
CA GLY A 230 -33.77 -15.88 -49.85
C GLY A 230 -33.67 -15.62 -48.36
N SER A 231 -32.50 -15.96 -47.77
CA SER A 231 -32.15 -15.80 -46.35
C SER A 231 -32.16 -14.32 -45.92
N ALA A 232 -31.70 -13.41 -46.81
CA ALA A 232 -31.64 -11.97 -46.57
C ALA A 232 -33.02 -11.29 -46.57
N GLN A 233 -33.98 -11.81 -47.37
CA GLN A 233 -35.35 -11.30 -47.44
C GLN A 233 -36.14 -11.70 -46.18
N SER A 234 -35.74 -12.84 -45.55
CA SER A 234 -36.33 -13.41 -44.35
C SER A 234 -35.74 -12.87 -43.03
N CYS A 235 -34.51 -12.31 -43.07
CA CYS A 235 -33.84 -11.78 -41.88
C CYS A 235 -32.88 -10.62 -42.20
N GLU A 236 -32.94 -9.54 -41.39
CA GLU A 236 -32.09 -8.34 -41.50
C GLU A 236 -30.60 -8.70 -41.28
N ALA A 237 -30.34 -9.62 -40.32
CA ALA A 237 -29.00 -10.07 -39.97
C ALA A 237 -28.92 -11.61 -40.01
N PHE A 238 -29.16 -12.20 -41.20
CA PHE A 238 -29.18 -13.66 -41.41
C PHE A 238 -27.84 -14.37 -41.06
N LEU A 239 -26.68 -13.65 -41.10
CA LEU A 239 -25.38 -14.23 -40.75
C LEU A 239 -25.33 -14.60 -39.26
N ARG A 240 -26.23 -13.99 -38.45
CA ARG A 240 -26.35 -14.24 -37.00
C ARG A 240 -26.82 -15.66 -36.70
N HIS A 241 -27.41 -16.30 -37.70
CA HIS A 241 -27.86 -17.69 -37.60
C HIS A 241 -26.63 -18.56 -37.48
N LYS A 242 -25.51 -18.05 -37.97
CA LYS A 242 -24.21 -18.72 -37.98
C LYS A 242 -24.17 -20.02 -38.76
N MET A 243 -24.86 -20.03 -39.90
CA MET A 243 -24.87 -21.20 -40.76
C MET A 243 -24.12 -21.02 -42.07
N THR A 244 -23.60 -19.83 -42.33
CA THR A 244 -22.93 -19.52 -43.59
C THR A 244 -21.42 -19.65 -43.53
N LEU A 245 -20.87 -20.60 -44.34
CA LEU A 245 -19.43 -20.84 -44.50
C LEU A 245 -19.01 -20.33 -45.88
N ILE A 246 -17.98 -19.45 -45.92
CA ILE A 246 -17.43 -18.82 -47.13
C ILE A 246 -15.88 -18.98 -47.09
N SER A 247 -15.30 -19.68 -48.10
CA SER A 247 -13.85 -19.97 -48.16
C SER A 247 -12.95 -18.77 -48.41
N PRO A 248 -11.67 -18.75 -47.91
CA PRO A 248 -10.77 -17.61 -48.20
C PRO A 248 -10.67 -17.29 -49.69
N LEU A 249 -10.70 -18.31 -50.58
CA LEU A 249 -10.68 -18.17 -52.04
C LEU A 249 -11.87 -17.35 -52.57
N MET A 250 -13.08 -17.55 -51.99
CA MET A 250 -14.29 -16.79 -52.35
C MET A 250 -14.09 -15.31 -52.00
N LEU A 251 -13.51 -15.04 -50.82
CA LEU A 251 -13.21 -13.72 -50.26
C LEU A 251 -12.14 -13.03 -51.11
N LYS A 252 -11.13 -13.79 -51.56
CA LYS A 252 -10.05 -13.31 -52.42
C LYS A 252 -10.66 -12.94 -53.78
N LYS A 253 -11.58 -13.77 -54.29
CA LYS A 253 -12.26 -13.55 -55.59
C LYS A 253 -13.10 -12.27 -55.64
N TYR A 254 -13.83 -11.97 -54.56
CA TYR A 254 -14.74 -10.83 -54.51
C TYR A 254 -14.12 -9.59 -53.86
N GLY A 255 -12.81 -9.63 -53.67
CA GLY A 255 -12.04 -8.55 -53.07
C GLY A 255 -12.37 -8.21 -51.63
N ILE A 256 -12.73 -9.20 -50.83
CA ILE A 256 -13.01 -9.00 -49.41
C ILE A 256 -11.66 -9.10 -48.66
N PRO A 257 -11.15 -8.01 -48.05
CA PRO A 257 -9.88 -8.10 -47.31
C PRO A 257 -10.08 -8.97 -46.09
N PHE A 258 -9.11 -9.84 -45.79
CA PHE A 258 -9.19 -10.78 -44.67
C PHE A 258 -7.80 -11.24 -44.25
N ASP A 259 -7.71 -11.87 -43.07
CA ASP A 259 -6.46 -12.41 -42.53
C ASP A 259 -6.74 -13.75 -41.90
N LYS A 260 -5.70 -14.53 -41.66
CA LYS A 260 -5.86 -15.84 -41.01
C LYS A 260 -4.84 -16.01 -39.90
N VAL A 261 -5.21 -16.78 -38.87
CA VAL A 261 -4.36 -17.07 -37.72
C VAL A 261 -4.71 -18.45 -37.13
N THR A 262 -3.72 -19.13 -36.56
CA THR A 262 -3.88 -20.41 -35.89
C THR A 262 -3.64 -20.25 -34.39
N GLN A 263 -4.66 -20.61 -33.59
CA GLN A 263 -4.63 -20.54 -32.14
C GLN A 263 -4.22 -21.91 -31.62
N GLU A 264 -3.09 -21.95 -30.90
CA GLU A 264 -2.54 -23.17 -30.34
C GLU A 264 -2.95 -23.25 -28.88
N ALA A 265 -2.89 -24.44 -28.27
CA ALA A 265 -3.24 -24.64 -26.86
C ALA A 265 -2.45 -23.69 -25.96
N GLY A 266 -3.15 -23.12 -24.99
CA GLY A 266 -2.59 -22.16 -24.05
C GLY A 266 -2.57 -20.73 -24.57
N GLU A 267 -3.31 -20.43 -25.65
CA GLU A 267 -3.39 -19.07 -26.21
C GLU A 267 -4.79 -18.50 -26.18
N PHE A 268 -4.86 -17.16 -26.13
CA PHE A 268 -6.10 -16.39 -26.12
C PHE A 268 -6.30 -15.72 -27.46
N MET A 269 -7.58 -15.62 -27.88
CA MET A 269 -8.02 -14.86 -29.06
C MET A 269 -9.08 -13.87 -28.59
N ILE A 270 -8.90 -12.59 -28.94
CA ILE A 270 -9.83 -11.49 -28.65
C ILE A 270 -10.49 -11.08 -29.97
N THR A 271 -11.83 -11.10 -30.01
CA THR A 271 -12.59 -10.61 -31.16
C THR A 271 -13.16 -9.25 -30.72
N PHE A 272 -13.18 -8.31 -31.64
CA PHE A 272 -13.57 -6.94 -31.37
C PHE A 272 -14.96 -6.61 -31.94
N PRO A 273 -15.65 -5.55 -31.41
CA PRO A 273 -16.97 -5.20 -31.93
C PRO A 273 -17.00 -5.11 -33.45
N TYR A 274 -17.95 -5.84 -34.04
CA TYR A 274 -18.24 -5.91 -35.47
C TYR A 274 -17.13 -6.59 -36.28
N GLY A 275 -16.31 -7.39 -35.60
CA GLY A 275 -15.25 -8.16 -36.25
C GLY A 275 -15.80 -9.49 -36.71
N TYR A 276 -16.00 -9.68 -38.02
CA TYR A 276 -16.52 -10.94 -38.56
C TYR A 276 -15.47 -12.02 -38.49
N HIS A 277 -15.81 -13.19 -37.96
CA HIS A 277 -14.88 -14.32 -37.89
C HIS A 277 -15.56 -15.63 -38.22
N ALA A 278 -14.76 -16.58 -38.65
CA ALA A 278 -15.12 -17.97 -38.91
C ALA A 278 -13.84 -18.78 -38.76
N GLY A 279 -13.97 -20.08 -38.67
CA GLY A 279 -12.79 -20.93 -38.56
C GLY A 279 -13.14 -22.39 -38.35
N PHE A 280 -12.12 -23.21 -38.06
CA PHE A 280 -12.29 -24.66 -37.90
C PHE A 280 -11.29 -25.26 -36.92
N ASN A 281 -11.64 -26.41 -36.33
CA ASN A 281 -10.76 -27.09 -35.36
C ASN A 281 -9.86 -28.14 -36.02
N HIS A 282 -8.58 -28.17 -35.62
CA HIS A 282 -7.61 -29.10 -36.21
C HIS A 282 -7.76 -30.52 -35.72
N GLY A 283 -8.32 -30.70 -34.53
CA GLY A 283 -8.56 -32.02 -33.98
C GLY A 283 -9.22 -31.92 -32.63
N PHE A 284 -9.01 -32.95 -31.79
CA PHE A 284 -9.56 -32.92 -30.44
C PHE A 284 -9.00 -31.75 -29.59
N ASN A 285 -9.90 -30.84 -29.16
CA ASN A 285 -9.56 -29.68 -28.34
C ASN A 285 -10.70 -29.22 -27.43
N CYS A 286 -10.38 -28.26 -26.53
CA CYS A 286 -11.31 -27.62 -25.64
C CYS A 286 -11.02 -26.12 -25.54
N ALA A 287 -12.00 -25.29 -25.86
CA ALA A 287 -11.93 -23.82 -25.79
C ALA A 287 -12.97 -23.27 -24.83
N GLU A 288 -12.63 -22.24 -24.07
CA GLU A 288 -13.57 -21.55 -23.17
C GLU A 288 -13.82 -20.15 -23.72
N SER A 289 -15.09 -19.73 -23.77
CA SER A 289 -15.49 -18.47 -24.37
C SER A 289 -16.55 -17.71 -23.59
N THR A 290 -16.57 -16.37 -23.75
CA THR A 290 -17.55 -15.40 -23.19
C THR A 290 -17.44 -14.07 -23.92
N ASN A 291 -18.40 -13.17 -23.68
CA ASN A 291 -18.41 -11.84 -24.26
C ASN A 291 -18.06 -10.85 -23.15
N PHE A 292 -17.53 -9.67 -23.52
CA PHE A 292 -17.18 -8.58 -22.61
C PHE A 292 -17.35 -7.27 -23.38
N ALA A 293 -17.17 -6.12 -22.71
CA ALA A 293 -17.31 -4.81 -23.33
C ALA A 293 -16.31 -3.80 -22.79
N THR A 294 -16.25 -2.63 -23.45
CA THR A 294 -15.45 -1.44 -23.10
C THR A 294 -16.39 -0.28 -23.41
N ARG A 295 -16.06 0.96 -22.94
CA ARG A 295 -16.89 2.16 -23.21
C ARG A 295 -17.19 2.33 -24.73
N ARG A 296 -16.19 1.97 -25.59
CA ARG A 296 -16.24 2.00 -27.06
C ARG A 296 -17.37 1.14 -27.63
N TRP A 297 -17.65 0.01 -27.00
CA TRP A 297 -18.68 -0.89 -27.46
C TRP A 297 -20.09 -0.31 -27.43
N ILE A 298 -20.34 0.64 -26.56
CA ILE A 298 -21.69 1.14 -26.40
C ILE A 298 -22.28 1.63 -27.70
N GLU A 299 -21.52 2.32 -28.52
CA GLU A 299 -22.07 2.80 -29.79
C GLU A 299 -22.49 1.62 -30.68
N TYR A 300 -21.69 0.55 -30.69
CA TYR A 300 -21.98 -0.63 -31.48
C TYR A 300 -23.27 -1.33 -31.03
N GLY A 301 -23.44 -1.44 -29.72
CA GLY A 301 -24.62 -2.04 -29.12
C GLY A 301 -25.87 -1.29 -29.53
N LYS A 302 -25.79 0.06 -29.50
CA LYS A 302 -26.85 1.00 -29.91
C LYS A 302 -27.20 0.85 -31.41
N GLN A 303 -26.18 0.66 -32.26
CA GLN A 303 -26.33 0.54 -33.71
C GLN A 303 -26.50 -0.89 -34.24
N ALA A 304 -26.24 -1.94 -33.41
CA ALA A 304 -26.30 -3.35 -33.79
C ALA A 304 -27.60 -3.78 -34.46
N VAL A 305 -27.48 -4.40 -35.66
CA VAL A 305 -28.60 -4.95 -36.44
C VAL A 305 -28.75 -6.39 -35.97
N LEU A 306 -29.90 -6.71 -35.38
CA LEU A 306 -30.16 -8.02 -34.81
C LEU A 306 -31.01 -8.89 -35.74
N CYS A 307 -31.02 -10.21 -35.43
CA CYS A 307 -31.78 -11.23 -36.12
C CYS A 307 -33.30 -10.98 -35.88
N SER A 308 -34.05 -10.70 -36.97
CA SER A 308 -35.49 -10.42 -36.91
C SER A 308 -36.37 -11.67 -36.82
N VAL A 314 -30.82 -12.83 -28.93
CA VAL A 314 -30.21 -12.09 -27.81
C VAL A 314 -30.23 -10.56 -28.03
N LYS A 315 -30.99 -9.86 -27.15
CA LYS A 315 -31.12 -8.39 -27.09
C LYS A 315 -30.83 -7.91 -25.67
N ILE A 316 -29.85 -7.00 -25.53
CA ILE A 316 -29.45 -6.39 -24.27
C ILE A 316 -29.99 -4.95 -24.28
N SER A 317 -30.69 -4.53 -23.20
CA SER A 317 -31.23 -3.17 -23.07
C SER A 317 -30.05 -2.21 -22.96
N MET A 318 -29.98 -1.23 -23.89
CA MET A 318 -28.87 -0.28 -23.93
C MET A 318 -29.05 0.92 -23.01
N ASP A 319 -30.28 1.07 -22.47
CA ASP A 319 -30.67 2.18 -21.59
C ASP A 319 -29.69 2.44 -20.44
N VAL A 320 -29.36 1.37 -19.66
CA VAL A 320 -28.45 1.39 -18.50
C VAL A 320 -27.06 1.94 -18.86
N PHE A 321 -26.54 1.57 -20.05
CA PHE A 321 -25.25 1.99 -20.58
C PHE A 321 -25.26 3.45 -21.05
N VAL A 322 -26.32 3.85 -21.79
CA VAL A 322 -26.49 5.21 -22.32
C VAL A 322 -26.59 6.20 -21.16
N ARG A 323 -27.37 5.89 -20.12
CA ARG A 323 -27.52 6.77 -18.95
C ARG A 323 -26.18 6.98 -18.21
N LYS A 324 -25.49 5.86 -17.92
CA LYS A 324 -24.24 5.86 -17.16
C LYS A 324 -23.02 6.44 -17.91
N PHE A 325 -22.90 6.20 -19.23
CA PHE A 325 -21.70 6.62 -19.96
C PHE A 325 -21.91 7.69 -21.03
N GLN A 326 -23.17 7.89 -21.49
CA GLN A 326 -23.50 8.95 -22.45
C GLN A 326 -24.72 9.75 -21.91
N PRO A 327 -24.67 10.35 -20.68
CA PRO A 327 -25.86 11.06 -20.17
C PRO A 327 -26.31 12.23 -21.03
N GLU A 328 -25.34 12.92 -21.67
CA GLU A 328 -25.55 14.06 -22.57
C GLU A 328 -26.36 13.64 -23.82
N ARG A 329 -26.13 12.39 -24.27
CA ARG A 329 -26.77 11.81 -25.46
C ARG A 329 -28.07 11.04 -25.15
N TYR A 330 -28.38 10.80 -23.84
CA TYR A 330 -29.55 10.03 -23.39
C TYR A 330 -30.90 10.49 -23.97
N LYS A 331 -31.17 11.81 -23.98
CA LYS A 331 -32.41 12.36 -24.52
C LYS A 331 -32.47 12.21 -26.04
N LEU A 332 -31.36 12.59 -26.72
CA LEU A 332 -31.19 12.50 -28.17
C LEU A 332 -31.38 11.07 -28.69
N TRP A 333 -30.76 10.06 -28.02
CA TRP A 333 -30.82 8.63 -28.36
C TRP A 333 -32.22 8.04 -28.19
N LYS A 334 -32.93 8.47 -27.13
CA LYS A 334 -34.31 8.02 -26.85
C LYS A 334 -35.29 8.60 -27.88
N ALA A 335 -35.01 9.84 -28.37
CA ALA A 335 -35.79 10.54 -29.38
C ALA A 335 -35.50 9.98 -30.78
N GLY A 336 -34.39 9.25 -30.91
CA GLY A 336 -33.93 8.64 -32.17
C GLY A 336 -33.15 9.60 -33.06
N LYS A 337 -32.70 10.74 -32.48
CA LYS A 337 -31.94 11.78 -33.17
C LYS A 337 -30.40 11.64 -33.04
N ASP A 338 -29.91 10.49 -32.49
CA ASP A 338 -28.48 10.19 -32.32
C ASP A 338 -27.89 9.65 -33.65
N ASN A 339 -27.39 10.57 -34.48
CA ASN A 339 -26.81 10.35 -35.80
C ASN A 339 -25.30 9.96 -35.79
N THR A 340 -24.76 9.56 -34.61
CA THR A 340 -23.35 9.17 -34.43
C THR A 340 -22.94 8.09 -35.42
N VAL A 341 -21.86 8.35 -36.18
CA VAL A 341 -21.29 7.42 -37.14
C VAL A 341 -20.04 6.82 -36.50
N ILE A 342 -19.95 5.48 -36.48
CA ILE A 342 -18.82 4.76 -35.87
C ILE A 342 -17.56 4.81 -36.73
N ASP A 343 -16.41 5.18 -36.11
CA ASP A 343 -15.09 5.11 -36.71
C ASP A 343 -14.44 3.82 -36.15
N HIS A 344 -14.31 2.76 -36.98
CA HIS A 344 -13.76 1.45 -36.56
C HIS A 344 -12.25 1.47 -36.22
N THR A 345 -11.51 2.49 -36.69
CA THR A 345 -10.07 2.66 -36.50
C THR A 345 -9.72 3.22 -35.10
N LEU A 346 -10.69 3.90 -34.45
CA LEU A 346 -10.56 4.55 -33.16
C LEU A 346 -10.47 3.59 -32.00
N PRO A 347 -9.45 3.77 -31.13
CA PRO A 347 -9.34 2.92 -29.93
C PRO A 347 -10.30 3.39 -28.83
N THR A 348 -10.60 2.48 -27.89
CA THR A 348 -11.48 2.75 -26.76
C THR A 348 -10.96 3.98 -25.92
N PRO A 349 -11.84 4.90 -25.43
CA PRO A 349 -11.35 6.06 -24.65
C PRO A 349 -10.38 5.72 -23.51
N GLU A 350 -10.46 4.47 -22.98
CA GLU A 350 -9.64 3.92 -21.90
C GLU A 350 -8.14 3.82 -22.27
N ALA A 351 -7.87 3.82 -23.59
CA ALA A 351 -6.53 3.73 -24.19
C ALA A 351 -5.82 5.09 -24.27
N ALA A 352 -6.46 6.15 -23.69
CA ALA A 352 -5.94 7.53 -23.64
C ALA A 352 -4.58 7.63 -22.94
N GLU A 353 -4.36 6.82 -21.87
CA GLU A 353 -3.13 6.74 -21.07
C GLU A 353 -1.93 6.14 -21.82
N PHE A 354 -2.19 5.40 -22.92
CA PHE A 354 -1.17 4.77 -23.77
C PHE A 354 -0.99 5.57 -25.08
N LEU A 355 -1.79 6.66 -25.25
CA LEU A 355 -1.81 7.51 -26.44
C LEU A 355 -1.30 8.91 -26.13
N SER B 4 -12.62 36.39 35.92
CA SER B 4 -12.35 37.01 34.63
C SER B 4 -13.54 36.90 33.64
N GLU B 5 -13.61 37.80 32.63
CA GLU B 5 -14.67 37.84 31.61
C GLU B 5 -14.76 36.52 30.85
N SER B 6 -13.58 35.89 30.63
CA SER B 6 -13.43 34.58 29.98
C SER B 6 -13.99 33.44 30.87
N GLU B 7 -13.75 33.52 32.18
CA GLU B 7 -14.22 32.55 33.19
C GLU B 7 -15.74 32.63 33.45
N THR B 8 -16.36 33.75 33.04
CA THR B 8 -17.80 34.03 33.16
C THR B 8 -18.60 33.33 32.08
N LEU B 9 -17.99 33.13 30.88
CA LEU B 9 -18.63 32.49 29.73
C LEU B 9 -18.41 30.99 29.79
N ASN B 10 -19.50 30.20 29.66
CA ASN B 10 -19.52 28.73 29.74
C ASN B 10 -18.81 28.25 31.02
N PRO B 11 -19.21 28.71 32.22
CA PRO B 11 -18.50 28.31 33.45
C PRO B 11 -18.50 26.82 33.73
N SER B 12 -19.50 26.10 33.19
CA SER B 12 -19.60 24.66 33.28
C SER B 12 -18.84 23.94 32.22
N ALA B 13 -18.33 24.66 31.20
CA ALA B 13 -17.55 24.12 30.08
C ALA B 13 -18.32 23.02 29.34
N ARG B 14 -19.55 23.35 29.00
CA ARG B 14 -20.46 22.49 28.27
C ARG B 14 -20.27 22.62 26.78
N ILE B 15 -20.70 21.61 26.05
CA ILE B 15 -20.60 21.65 24.61
C ILE B 15 -21.67 22.59 24.07
N MET B 16 -21.26 23.48 23.18
CA MET B 16 -22.16 24.45 22.60
C MET B 16 -22.43 24.13 21.15
N THR B 17 -23.63 24.45 20.70
CA THR B 17 -24.04 24.20 19.33
C THR B 17 -24.27 25.53 18.64
N PHE B 18 -23.74 25.67 17.41
CA PHE B 18 -23.85 26.93 16.63
C PHE B 18 -24.62 26.74 15.33
N TYR B 19 -25.44 27.74 14.99
CA TYR B 19 -26.28 27.73 13.78
C TYR B 19 -25.97 28.95 12.89
N PRO B 20 -24.77 28.97 12.22
CA PRO B 20 -24.42 30.15 11.40
C PRO B 20 -25.27 30.30 10.15
N THR B 21 -25.49 31.55 9.73
CA THR B 21 -26.21 31.90 8.50
C THR B 21 -25.24 31.68 7.34
N MET B 22 -25.72 31.75 6.09
CA MET B 22 -24.84 31.57 4.92
C MET B 22 -23.71 32.61 4.89
N GLU B 23 -23.96 33.87 5.35
CA GLU B 23 -22.94 34.91 5.40
C GLU B 23 -21.81 34.65 6.43
N GLU B 24 -22.19 34.26 7.69
CA GLU B 24 -21.26 33.95 8.80
C GLU B 24 -20.43 32.73 8.44
N PHE B 25 -21.10 31.73 7.83
CA PHE B 25 -20.49 30.48 7.41
C PHE B 25 -19.39 30.64 6.34
N ARG B 26 -19.44 31.69 5.49
CA ARG B 26 -18.44 31.96 4.42
C ARG B 26 -16.98 32.16 4.92
N ASN B 27 -16.79 32.82 6.07
CA ASN B 27 -15.45 33.02 6.64
C ASN B 27 -15.22 32.01 7.79
N PHE B 28 -14.41 30.97 7.51
CA PHE B 28 -14.15 29.89 8.44
C PHE B 28 -13.46 30.37 9.71
N SER B 29 -12.19 30.83 9.58
CA SER B 29 -11.33 31.32 10.65
C SER B 29 -12.00 32.40 11.49
N ARG B 30 -12.89 33.22 10.88
CA ARG B 30 -13.66 34.28 11.58
C ARG B 30 -14.71 33.66 12.47
N TYR B 31 -15.42 32.62 11.97
CA TYR B 31 -16.46 31.94 12.75
C TYR B 31 -15.90 31.18 13.94
N ILE B 32 -14.67 30.64 13.82
CA ILE B 32 -13.99 29.92 14.92
C ILE B 32 -13.65 30.94 16.00
N ALA B 33 -13.11 32.12 15.60
CA ALA B 33 -12.81 33.26 16.50
C ALA B 33 -14.12 33.69 17.25
N TYR B 34 -15.27 33.73 16.53
CA TYR B 34 -16.59 34.04 17.09
C TYR B 34 -17.07 32.99 18.12
N ILE B 35 -17.03 31.68 17.78
CA ILE B 35 -17.51 30.66 18.71
C ILE B 35 -16.63 30.67 20.00
N GLU B 36 -15.32 31.05 19.87
CA GLU B 36 -14.39 31.16 20.98
C GLU B 36 -14.71 32.36 21.86
N SER B 37 -15.27 33.45 21.28
CA SER B 37 -15.73 34.65 21.99
C SER B 37 -16.92 34.29 22.91
N GLN B 38 -17.70 33.26 22.50
CA GLN B 38 -18.87 32.72 23.19
C GLN B 38 -18.50 31.70 24.26
N GLY B 39 -17.22 31.32 24.33
CA GLY B 39 -16.67 30.34 25.28
C GLY B 39 -16.69 28.89 24.84
N ALA B 40 -16.97 28.61 23.54
CA ALA B 40 -17.07 27.24 22.99
C ALA B 40 -15.88 26.35 23.29
N HIS B 41 -14.67 26.90 23.16
CA HIS B 41 -13.40 26.21 23.37
C HIS B 41 -13.25 25.61 24.78
N ARG B 42 -13.91 26.19 25.81
CA ARG B 42 -13.81 25.70 27.19
C ARG B 42 -14.17 24.23 27.34
N ALA B 43 -15.13 23.74 26.55
CA ALA B 43 -15.60 22.34 26.55
C ALA B 43 -14.61 21.42 25.86
N GLY B 44 -13.82 21.98 24.92
CA GLY B 44 -12.85 21.29 24.10
C GLY B 44 -13.47 20.69 22.84
N LEU B 45 -14.79 20.83 22.70
CA LEU B 45 -15.58 20.26 21.61
C LEU B 45 -16.83 21.12 21.38
N ALA B 46 -17.13 21.43 20.11
CA ALA B 46 -18.29 22.25 19.74
C ALA B 46 -18.97 21.69 18.49
N LYS B 47 -20.31 21.80 18.40
CA LYS B 47 -21.08 21.38 17.22
C LYS B 47 -21.48 22.58 16.39
N VAL B 48 -21.34 22.46 15.07
CA VAL B 48 -21.71 23.53 14.13
C VAL B 48 -22.67 22.94 13.12
N VAL B 49 -23.91 23.43 13.14
CA VAL B 49 -24.94 23.01 12.19
C VAL B 49 -24.91 24.00 11.01
N PRO B 50 -24.46 23.57 9.81
CA PRO B 50 -24.35 24.51 8.67
C PRO B 50 -25.69 25.02 8.12
N PRO B 51 -25.71 26.14 7.35
CA PRO B 51 -26.99 26.58 6.74
C PRO B 51 -27.63 25.49 5.88
N LYS B 52 -28.96 25.44 5.84
CA LYS B 52 -29.72 24.44 5.07
C LYS B 52 -29.42 24.48 3.57
N GLU B 53 -29.14 25.67 3.03
CA GLU B 53 -28.81 25.85 1.60
C GLU B 53 -27.40 25.31 1.23
N TRP B 54 -26.53 25.04 2.23
CA TRP B 54 -25.16 24.55 2.01
C TRP B 54 -25.10 23.04 1.87
N LYS B 55 -24.30 22.59 0.90
CA LYS B 55 -24.05 21.19 0.57
C LYS B 55 -22.60 21.02 0.11
N PRO B 56 -21.82 20.06 0.64
CA PRO B 56 -20.46 19.87 0.09
C PRO B 56 -20.40 19.04 -1.21
N ARG B 57 -21.45 18.27 -1.54
CA ARG B 57 -21.49 17.35 -2.69
C ARG B 57 -22.93 17.13 -3.13
N ALA B 58 -23.17 17.04 -4.45
CA ALA B 58 -24.50 16.86 -5.02
C ALA B 58 -25.21 15.56 -4.54
N SER B 59 -24.48 14.41 -4.56
CA SER B 59 -24.97 13.09 -4.11
C SER B 59 -23.79 12.20 -3.71
N TYR B 60 -24.06 11.09 -3.02
CA TYR B 60 -23.03 10.14 -2.59
C TYR B 60 -23.19 8.74 -3.25
N ASP B 61 -23.95 8.64 -4.35
CA ASP B 61 -24.20 7.35 -5.02
C ASP B 61 -23.01 6.82 -5.86
N ASP B 62 -21.99 7.66 -6.07
CA ASP B 62 -20.82 7.32 -6.89
C ASP B 62 -19.56 6.95 -6.08
N ILE B 63 -19.71 6.40 -4.86
CA ILE B 63 -18.52 6.08 -4.06
C ILE B 63 -18.44 4.60 -3.64
N ASP B 64 -19.37 3.74 -4.09
CA ASP B 64 -19.35 2.30 -3.78
C ASP B 64 -18.05 1.58 -4.18
N ASP B 65 -17.41 2.04 -5.26
CA ASP B 65 -16.16 1.51 -5.80
C ASP B 65 -14.90 2.16 -5.21
N LEU B 66 -15.07 3.10 -4.25
CA LEU B 66 -13.97 3.78 -3.59
C LEU B 66 -13.25 2.76 -2.72
N VAL B 67 -11.92 2.73 -2.83
CA VAL B 67 -11.07 1.76 -2.12
C VAL B 67 -10.58 2.26 -0.77
N ILE B 68 -10.87 1.48 0.30
CA ILE B 68 -10.40 1.65 1.66
C ILE B 68 -9.12 0.78 1.69
N PRO B 69 -7.92 1.41 1.58
CA PRO B 69 -6.68 0.63 1.48
C PRO B 69 -6.27 -0.22 2.69
N ALA B 70 -6.43 0.29 3.91
CA ALA B 70 -6.03 -0.46 5.10
C ALA B 70 -7.12 -0.49 6.18
N PRO B 71 -8.23 -1.24 5.96
CA PRO B 71 -9.25 -1.33 7.03
C PRO B 71 -8.71 -2.04 8.30
N ILE B 72 -9.15 -1.63 9.46
CA ILE B 72 -8.66 -2.18 10.72
C ILE B 72 -9.75 -2.92 11.50
N GLN B 73 -9.41 -4.09 12.06
CA GLN B 73 -10.35 -4.81 12.91
C GLN B 73 -10.01 -4.32 14.32
N GLN B 74 -11.02 -3.75 15.03
CA GLN B 74 -10.80 -3.15 16.35
C GLN B 74 -11.05 -4.13 17.47
N LEU B 75 -9.97 -4.68 18.02
CA LEU B 75 -9.97 -5.67 19.11
C LEU B 75 -9.83 -4.94 20.41
N VAL B 76 -10.84 -5.07 21.28
CA VAL B 76 -10.86 -4.40 22.59
C VAL B 76 -10.74 -5.44 23.71
N THR B 77 -9.79 -5.20 24.63
CA THR B 77 -9.54 -6.02 25.82
C THR B 77 -9.69 -5.14 27.09
N GLY B 78 -10.32 -5.67 28.13
CA GLY B 78 -10.54 -4.93 29.37
C GLY B 78 -11.80 -5.28 30.14
N GLN B 79 -12.02 -4.54 31.23
CA GLN B 79 -13.15 -4.68 32.15
C GLN B 79 -13.25 -3.45 33.04
N SER B 80 -14.39 -3.30 33.74
CA SER B 80 -14.67 -2.21 34.70
C SER B 80 -14.42 -0.79 34.11
N GLY B 81 -14.99 -0.55 32.92
CA GLY B 81 -14.93 0.74 32.24
C GLY B 81 -13.56 1.22 31.76
N LEU B 82 -12.56 0.31 31.79
N LEU B 82 -12.55 0.33 31.79
CA LEU B 82 -11.17 0.52 31.38
CA LEU B 82 -11.16 0.59 31.39
C LEU B 82 -10.78 -0.51 30.33
C LEU B 82 -10.70 -0.48 30.38
N PHE B 83 -10.42 -0.04 29.14
CA PHE B 83 -10.05 -0.90 28.02
C PHE B 83 -8.82 -0.47 27.20
N THR B 84 -8.27 -1.44 26.42
CA THR B 84 -7.16 -1.27 25.47
C THR B 84 -7.64 -1.81 24.14
N GLN B 85 -7.51 -1.00 23.11
CA GLN B 85 -7.94 -1.31 21.78
C GLN B 85 -6.72 -1.56 20.87
N TYR B 86 -6.76 -2.66 20.15
CA TYR B 86 -5.76 -3.13 19.22
C TYR B 86 -6.33 -3.10 17.80
N ASN B 87 -5.52 -2.66 16.85
CA ASN B 87 -5.93 -2.59 15.45
C ASN B 87 -5.25 -3.68 14.65
N ILE B 88 -6.05 -4.52 13.99
CA ILE B 88 -5.54 -5.61 13.16
C ILE B 88 -5.74 -5.16 11.72
N GLN B 89 -4.64 -4.93 10.97
CA GLN B 89 -4.77 -4.52 9.57
C GLN B 89 -5.30 -5.66 8.73
N LYS B 90 -6.40 -5.37 8.04
CA LYS B 90 -7.08 -6.27 7.15
C LYS B 90 -6.80 -5.86 5.71
N LYS B 91 -7.03 -6.78 4.76
CA LYS B 91 -6.82 -6.51 3.35
C LYS B 91 -7.75 -5.39 2.89
N ALA B 92 -7.31 -4.63 1.88
CA ALA B 92 -8.04 -3.53 1.25
C ALA B 92 -9.40 -4.00 0.74
N MET B 93 -10.43 -3.21 1.00
CA MET B 93 -11.77 -3.47 0.51
C MET B 93 -12.39 -2.18 -0.04
N THR B 94 -13.49 -2.30 -0.78
CA THR B 94 -14.25 -1.18 -1.34
C THR B 94 -15.30 -0.75 -0.34
N VAL B 95 -15.90 0.45 -0.56
CA VAL B 95 -16.99 0.98 0.27
C VAL B 95 -18.23 0.03 0.18
N ARG B 96 -18.45 -0.60 -0.97
CA ARG B 96 -19.53 -1.56 -1.20
C ARG B 96 -19.35 -2.83 -0.32
N GLU B 97 -18.13 -3.39 -0.29
CA GLU B 97 -17.74 -4.55 0.53
C GLU B 97 -17.88 -4.21 2.03
N PHE B 98 -17.43 -3.01 2.44
CA PHE B 98 -17.51 -2.48 3.81
C PHE B 98 -18.99 -2.27 4.25
N ARG B 99 -19.81 -1.58 3.43
CA ARG B 99 -21.24 -1.35 3.71
C ARG B 99 -22.00 -2.69 3.92
N LYS B 100 -21.66 -3.74 3.12
CA LYS B 100 -22.27 -5.06 3.22
C LYS B 100 -22.01 -5.69 4.61
N ILE B 101 -20.76 -5.65 5.11
CA ILE B 101 -20.37 -6.16 6.42
C ILE B 101 -21.09 -5.36 7.50
N ALA B 102 -21.09 -4.01 7.38
CA ALA B 102 -21.71 -3.08 8.32
C ALA B 102 -23.21 -3.36 8.58
N ASN B 103 -23.99 -3.71 7.53
CA ASN B 103 -25.43 -3.95 7.61
C ASN B 103 -25.81 -5.43 7.79
N SER B 104 -24.80 -6.30 7.93
CA SER B 104 -24.97 -7.74 8.12
C SER B 104 -25.48 -8.02 9.53
N ASP B 105 -26.18 -9.15 9.74
CA ASP B 105 -26.73 -9.53 11.03
C ASP B 105 -25.69 -9.50 12.17
N LYS B 106 -24.47 -9.98 11.87
CA LYS B 106 -23.38 -9.99 12.86
C LYS B 106 -22.96 -8.58 13.32
N TYR B 107 -22.83 -7.62 12.38
CA TYR B 107 -22.31 -6.28 12.66
C TYR B 107 -23.29 -5.10 12.66
N CYS B 108 -24.58 -5.30 12.33
CA CYS B 108 -25.53 -4.17 12.27
C CYS B 108 -25.84 -3.58 13.64
N THR B 109 -26.33 -2.31 13.63
CA THR B 109 -26.73 -1.53 14.82
C THR B 109 -27.89 -2.24 15.51
N PRO B 110 -27.85 -2.39 16.87
CA PRO B 110 -29.01 -3.03 17.54
C PRO B 110 -30.20 -2.07 17.62
N ARG B 111 -31.41 -2.59 17.95
CA ARG B 111 -32.61 -1.74 18.11
C ARG B 111 -32.52 -0.92 19.41
N TYR B 112 -32.89 0.38 19.33
CA TYR B 112 -32.84 1.30 20.47
C TYR B 112 -33.89 2.42 20.40
N SER B 113 -34.37 2.86 21.59
CA SER B 113 -35.35 3.94 21.76
C SER B 113 -34.61 5.28 21.93
N GLU B 114 -33.86 5.44 23.05
CA GLU B 114 -33.06 6.63 23.36
C GLU B 114 -31.56 6.33 23.13
N PHE B 115 -30.71 7.39 23.06
CA PHE B 115 -29.26 7.25 22.87
C PHE B 115 -28.65 6.50 24.05
N GLU B 116 -29.16 6.77 25.27
CA GLU B 116 -28.72 6.18 26.53
C GLU B 116 -28.70 4.66 26.45
N GLU B 117 -29.71 4.08 25.73
CA GLU B 117 -29.87 2.64 25.51
C GLU B 117 -28.72 2.12 24.66
N LEU B 118 -28.44 2.83 23.56
CA LEU B 118 -27.36 2.49 22.65
C LEU B 118 -25.98 2.66 23.29
N GLU B 119 -25.81 3.68 24.15
CA GLU B 119 -24.61 3.95 24.92
C GLU B 119 -24.34 2.80 25.92
N ARG B 120 -25.41 2.29 26.54
CA ARG B 120 -25.32 1.16 27.46
C ARG B 120 -24.93 -0.09 26.68
N LYS B 121 -25.50 -0.27 25.47
CA LYS B 121 -25.21 -1.41 24.61
C LYS B 121 -23.76 -1.42 24.14
N TYR B 122 -23.21 -0.22 23.90
CA TYR B 122 -21.85 -0.02 23.46
C TYR B 122 -20.87 -0.39 24.57
N TRP B 123 -21.05 0.16 25.79
CA TRP B 123 -20.14 -0.11 26.90
C TRP B 123 -20.28 -1.50 27.46
N LYS B 124 -21.44 -2.16 27.23
CA LYS B 124 -21.69 -3.52 27.66
C LYS B 124 -21.09 -4.54 26.67
N ASN B 125 -20.96 -4.18 25.37
CA ASN B 125 -20.52 -5.13 24.33
C ASN B 125 -19.27 -4.74 23.51
N LEU B 126 -18.52 -3.70 23.89
CA LEU B 126 -17.39 -3.24 23.07
C LEU B 126 -16.27 -4.29 22.90
N THR B 127 -16.09 -5.20 23.87
CA THR B 127 -15.08 -6.28 23.84
C THR B 127 -15.51 -7.48 22.99
N PHE B 128 -16.75 -7.52 22.52
CA PHE B 128 -17.24 -8.62 21.71
C PHE B 128 -17.46 -8.27 20.24
N ASN B 129 -17.35 -9.27 19.38
CA ASN B 129 -17.61 -9.07 17.95
C ASN B 129 -16.86 -7.89 17.38
N PRO B 130 -15.54 -7.92 17.45
CA PRO B 130 -14.78 -6.77 16.96
C PRO B 130 -15.19 -6.22 15.58
N PRO B 131 -15.51 -4.90 15.47
CA PRO B 131 -15.91 -4.35 14.16
C PRO B 131 -14.73 -3.92 13.28
N ILE B 132 -15.01 -3.63 11.98
CA ILE B 132 -14.01 -3.12 11.04
C ILE B 132 -14.17 -1.61 10.87
N TYR B 133 -13.09 -0.85 11.05
CA TYR B 133 -13.06 0.60 10.86
C TYR B 133 -12.34 0.93 9.55
N GLY B 134 -13.04 1.56 8.61
CA GLY B 134 -12.45 1.97 7.34
C GLY B 134 -11.85 3.35 7.47
N ALA B 135 -10.86 3.49 8.38
CA ALA B 135 -10.18 4.73 8.77
C ALA B 135 -8.93 5.08 7.98
N ASP B 136 -8.49 6.35 8.13
CA ASP B 136 -7.30 6.99 7.55
C ASP B 136 -7.21 6.90 6.03
N VAL B 137 -8.36 6.84 5.31
CA VAL B 137 -8.36 6.80 3.83
C VAL B 137 -8.04 8.23 3.41
N ASN B 138 -7.02 8.43 2.58
CA ASN B 138 -6.66 9.74 2.04
C ASN B 138 -7.64 10.11 0.96
N GLY B 139 -8.25 11.28 1.09
CA GLY B 139 -9.23 11.77 0.13
C GLY B 139 -10.24 12.76 0.69
N THR B 140 -11.12 13.25 -0.20
CA THR B 140 -12.19 14.19 0.14
C THR B 140 -13.49 13.84 -0.59
N LEU B 141 -14.63 14.24 -0.03
CA LEU B 141 -15.92 14.03 -0.67
C LEU B 141 -16.54 15.39 -1.06
N TYR B 142 -15.76 16.45 -0.84
CA TYR B 142 -16.16 17.80 -1.19
C TYR B 142 -15.96 17.96 -2.68
N GLU B 143 -16.86 18.68 -3.35
CA GLU B 143 -16.67 18.98 -4.76
C GLU B 143 -15.68 20.18 -4.81
N LYS B 144 -14.80 20.20 -5.84
CA LYS B 144 -13.71 21.16 -6.00
C LYS B 144 -14.10 22.61 -5.73
N HIS B 145 -15.23 23.08 -6.31
CA HIS B 145 -15.74 24.47 -6.25
C HIS B 145 -16.35 24.93 -4.90
N VAL B 146 -16.58 24.00 -3.94
CA VAL B 146 -17.19 24.28 -2.63
C VAL B 146 -16.20 25.07 -1.73
N ASP B 147 -16.33 26.42 -1.71
CA ASP B 147 -15.47 27.36 -0.99
C ASP B 147 -15.70 27.37 0.51
N GLU B 148 -16.94 27.15 0.95
CA GLU B 148 -17.35 27.22 2.35
C GLU B 148 -17.00 25.95 3.16
N TRP B 149 -16.11 26.14 4.18
CA TRP B 149 -15.68 25.10 5.12
C TRP B 149 -15.18 23.84 4.42
N ASN B 150 -14.35 24.02 3.38
CA ASN B 150 -13.77 22.92 2.65
C ASN B 150 -12.57 22.38 3.42
N ILE B 151 -12.70 21.15 3.97
CA ILE B 151 -11.70 20.43 4.78
C ILE B 151 -10.36 20.28 4.01
N GLY B 152 -10.45 20.15 2.69
CA GLY B 152 -9.27 20.05 1.85
C GLY B 152 -8.47 21.35 1.77
N ARG B 153 -9.13 22.53 1.96
CA ARG B 153 -8.48 23.85 1.90
C ARG B 153 -9.09 24.89 2.89
N LEU B 154 -8.86 24.68 4.18
CA LEU B 154 -9.41 25.58 5.20
C LEU B 154 -8.79 26.99 5.29
N ARG B 155 -7.62 27.20 4.65
CA ARG B 155 -6.87 28.47 4.59
C ARG B 155 -6.54 29.10 5.96
N THR B 156 -6.23 28.26 6.99
CA THR B 156 -5.84 28.75 8.33
C THR B 156 -4.31 28.91 8.37
N ILE B 157 -3.73 29.35 9.52
CA ILE B 157 -2.27 29.55 9.65
C ILE B 157 -1.47 28.22 9.62
N LEU B 158 -2.14 27.05 9.71
CA LEU B 158 -1.51 25.73 9.61
C LEU B 158 -0.93 25.52 8.21
N ASP B 159 -1.38 26.35 7.23
CA ASP B 159 -0.88 26.37 5.84
C ASP B 159 0.62 26.67 5.76
N LEU B 160 1.18 27.30 6.81
CA LEU B 160 2.60 27.66 6.94
C LEU B 160 3.54 26.44 6.94
N VAL B 161 3.07 25.29 7.44
CA VAL B 161 3.84 24.03 7.46
C VAL B 161 4.11 23.54 6.01
N GLU B 162 3.07 23.52 5.14
CA GLU B 162 3.15 23.09 3.74
C GLU B 162 3.77 24.20 2.86
N LYS B 163 3.38 25.48 3.07
CA LYS B 163 3.90 26.62 2.30
C LYS B 163 5.38 26.85 2.57
N GLU B 164 5.79 26.81 3.87
CA GLU B 164 7.17 27.08 4.27
C GLU B 164 8.10 25.89 4.17
N SER B 165 7.71 24.75 4.74
CA SER B 165 8.61 23.60 4.74
C SER B 165 8.47 22.64 3.51
N GLY B 166 7.28 22.54 2.92
CA GLY B 166 7.01 21.64 1.79
C GLY B 166 6.57 20.26 2.23
N ILE B 167 6.54 20.07 3.56
CA ILE B 167 6.15 18.85 4.28
C ILE B 167 4.63 18.65 4.30
N THR B 168 4.22 17.43 3.88
CA THR B 168 2.85 16.96 3.85
C THR B 168 2.65 15.93 4.99
N ILE B 169 1.64 16.18 5.82
CA ILE B 169 1.28 15.30 6.92
C ILE B 169 -0.16 14.84 6.69
N GLU B 170 -0.31 13.65 6.06
CA GLU B 170 -1.58 13.03 5.70
C GLU B 170 -2.49 12.97 6.93
N GLY B 171 -3.67 13.56 6.78
CA GLY B 171 -4.68 13.68 7.83
C GLY B 171 -4.54 14.97 8.63
N VAL B 172 -3.28 15.44 8.86
CA VAL B 172 -3.01 16.65 9.64
C VAL B 172 -3.23 17.90 8.79
N ASN B 173 -2.55 18.04 7.62
CA ASN B 173 -2.77 19.18 6.72
C ASN B 173 -3.41 18.73 5.36
N THR B 174 -3.86 17.47 5.29
CA THR B 174 -4.55 16.86 4.14
C THR B 174 -5.84 16.22 4.68
N PRO B 175 -6.94 16.05 3.90
CA PRO B 175 -8.12 15.42 4.48
C PRO B 175 -8.04 13.88 4.54
N TYR B 176 -8.76 13.32 5.51
CA TYR B 176 -8.91 11.88 5.77
C TYR B 176 -10.41 11.55 5.77
N LEU B 177 -10.78 10.39 5.18
CA LEU B 177 -12.15 9.84 5.21
C LEU B 177 -12.19 8.67 6.19
N TYR B 178 -13.25 8.61 6.99
CA TYR B 178 -13.50 7.57 8.00
C TYR B 178 -14.84 6.89 7.78
N PHE B 179 -14.78 5.64 7.35
CA PHE B 179 -15.96 4.81 7.11
C PHE B 179 -16.19 3.98 8.38
N GLY B 180 -17.28 4.25 9.09
CA GLY B 180 -17.61 3.54 10.33
C GLY B 180 -18.77 2.56 10.29
N MET B 181 -18.79 1.68 11.28
CA MET B 181 -19.88 0.75 11.48
C MET B 181 -20.22 0.76 12.95
N TRP B 182 -21.30 0.09 13.33
CA TRP B 182 -21.69 0.05 14.72
C TRP B 182 -20.54 -0.42 15.61
N LYS B 183 -20.31 0.30 16.71
CA LYS B 183 -19.30 -0.02 17.73
C LYS B 183 -17.90 0.34 17.33
N THR B 184 -17.68 0.96 16.14
CA THR B 184 -16.32 1.39 15.82
C THR B 184 -16.09 2.61 16.68
N SER B 185 -14.93 2.72 17.29
CA SER B 185 -14.67 3.81 18.19
C SER B 185 -13.33 4.51 18.07
N PHE B 186 -13.26 5.71 18.62
CA PHE B 186 -12.00 6.44 18.67
C PHE B 186 -11.67 6.59 20.14
N ALA B 187 -10.46 6.19 20.51
CA ALA B 187 -9.96 6.23 21.89
C ALA B 187 -9.62 7.63 22.41
N TRP B 188 -9.42 7.76 23.72
CA TRP B 188 -9.10 9.06 24.34
C TRP B 188 -7.80 9.66 23.80
N HIS B 189 -7.89 10.88 23.27
CA HIS B 189 -6.73 11.54 22.70
C HIS B 189 -6.98 13.02 22.50
N THR B 190 -5.90 13.77 22.30
CA THR B 190 -5.88 15.17 21.87
C THR B 190 -5.32 15.07 20.43
N GLU B 191 -5.35 16.17 19.66
CA GLU B 191 -4.85 16.18 18.30
C GLU B 191 -3.31 16.20 18.25
N ASP B 192 -2.71 15.82 17.12
CA ASP B 192 -1.27 15.89 16.95
C ASP B 192 -0.85 17.36 17.12
N MET B 193 0.22 17.59 17.93
CA MET B 193 0.77 18.91 18.28
C MET B 193 -0.26 19.77 19.04
N ASP B 194 -1.30 19.12 19.62
CA ASP B 194 -2.46 19.72 20.32
C ASP B 194 -3.16 20.76 19.40
N LEU B 195 -3.34 20.39 18.13
CA LEU B 195 -3.99 21.23 17.12
C LEU B 195 -5.49 21.17 17.29
N TYR B 196 -6.22 21.95 16.48
CA TYR B 196 -7.69 21.90 16.43
C TYR B 196 -8.00 20.84 15.38
N SER B 197 -9.26 20.40 15.29
CA SER B 197 -9.74 19.51 14.24
C SER B 197 -11.17 19.87 13.84
N ILE B 198 -11.54 19.46 12.63
CA ILE B 198 -12.85 19.65 12.03
C ILE B 198 -13.29 18.28 11.54
N ASN B 199 -14.54 17.89 11.87
CA ASN B 199 -15.11 16.61 11.50
C ASN B 199 -16.51 16.83 10.89
N TYR B 200 -16.67 16.47 9.63
CA TYR B 200 -17.95 16.57 8.94
C TYR B 200 -18.49 15.18 8.66
N LEU B 201 -19.69 14.90 9.17
CA LEU B 201 -20.35 13.63 8.90
C LEU B 201 -21.10 13.80 7.53
N HIS B 202 -20.53 13.19 6.48
CA HIS B 202 -21.08 13.24 5.15
C HIS B 202 -22.46 12.60 5.05
N PHE B 203 -22.60 11.35 5.53
CA PHE B 203 -23.85 10.59 5.50
C PHE B 203 -23.84 9.44 6.51
N GLY B 204 -25.01 8.82 6.69
CA GLY B 204 -25.19 7.64 7.52
C GLY B 204 -25.64 7.85 8.94
N GLU B 205 -25.46 6.81 9.75
CA GLU B 205 -25.81 6.79 11.17
C GLU B 205 -24.96 7.79 12.00
N PRO B 206 -25.49 8.26 13.16
CA PRO B 206 -24.74 9.20 13.99
C PRO B 206 -23.36 8.74 14.51
N LYS B 207 -22.69 9.66 15.19
CA LYS B 207 -21.38 9.46 15.83
C LYS B 207 -21.52 10.15 17.18
N SER B 208 -21.29 9.39 18.25
CA SER B 208 -21.38 9.96 19.60
C SER B 208 -19.99 10.30 20.12
N TRP B 209 -19.88 11.43 20.78
CA TRP B 209 -18.63 11.95 21.28
C TRP B 209 -18.67 12.19 22.75
N TYR B 210 -17.49 12.06 23.39
CA TYR B 210 -17.21 12.41 24.78
C TYR B 210 -16.04 13.38 24.75
N SER B 211 -16.03 14.38 25.64
CA SER B 211 -14.98 15.37 25.74
C SER B 211 -14.68 15.70 27.21
N VAL B 212 -13.42 16.06 27.50
CA VAL B 212 -12.94 16.55 28.81
C VAL B 212 -12.48 17.99 28.54
N PRO B 213 -13.02 18.99 29.25
CA PRO B 213 -12.57 20.36 28.99
C PRO B 213 -11.07 20.47 29.12
N PRO B 214 -10.39 21.23 28.20
CA PRO B 214 -8.92 21.36 28.29
C PRO B 214 -8.37 21.71 29.69
N GLU B 215 -9.13 22.48 30.50
CA GLU B 215 -8.70 22.86 31.84
C GLU B 215 -8.66 21.67 32.83
N HIS B 216 -9.31 20.56 32.48
CA HIS B 216 -9.32 19.33 33.27
C HIS B 216 -8.59 18.18 32.60
N GLY B 217 -7.90 18.48 31.50
CA GLY B 217 -7.12 17.53 30.71
C GLY B 217 -5.99 16.85 31.44
N LYS B 218 -5.27 17.57 32.33
CA LYS B 218 -4.16 17.01 33.13
C LYS B 218 -4.63 15.95 34.14
N ARG B 219 -5.89 16.05 34.58
CA ARG B 219 -6.56 15.11 35.49
C ARG B 219 -6.80 13.75 34.80
N LEU B 220 -7.26 13.76 33.51
CA LEU B 220 -7.46 12.55 32.71
C LEU B 220 -6.12 11.84 32.53
N GLU B 221 -5.07 12.61 32.25
CA GLU B 221 -3.69 12.13 32.11
C GLU B 221 -3.19 11.44 33.37
N ARG B 222 -3.36 12.08 34.55
CA ARG B 222 -2.96 11.53 35.85
C ARG B 222 -3.71 10.25 36.12
N LEU B 223 -5.02 10.20 35.77
CA LEU B 223 -5.89 9.04 35.87
C LEU B 223 -5.31 7.89 35.03
N ALA B 224 -5.24 8.10 33.69
CA ALA B 224 -4.71 7.14 32.72
C ALA B 224 -3.32 6.62 33.09
N LYS B 225 -2.42 7.50 33.61
CA LYS B 225 -1.08 7.11 34.04
C LYS B 225 -1.14 6.10 35.20
N GLY B 226 -1.97 6.38 36.19
CA GLY B 226 -2.17 5.53 37.36
C GLY B 226 -2.70 4.14 37.06
N PHE B 227 -3.53 4.03 35.99
CA PHE B 227 -4.15 2.78 35.54
C PHE B 227 -3.21 1.94 34.71
N PHE B 228 -2.44 2.59 33.83
CA PHE B 228 -1.48 1.94 32.93
C PHE B 228 -0.07 2.40 33.31
N PRO B 229 0.52 1.93 34.45
CA PRO B 229 1.87 2.38 34.82
C PRO B 229 2.98 1.85 33.90
N GLY B 230 2.70 0.76 33.18
CA GLY B 230 3.61 0.16 32.20
C GLY B 230 3.76 1.02 30.97
N SER B 231 2.62 1.41 30.36
CA SER B 231 2.51 2.26 29.16
C SER B 231 3.09 3.67 29.38
N ALA B 232 2.92 4.23 30.58
CA ALA B 232 3.40 5.56 30.98
C ALA B 232 4.94 5.60 31.17
N GLN B 233 5.54 4.48 31.61
CA GLN B 233 7.00 4.36 31.79
C GLN B 233 7.72 4.24 30.43
N SER B 234 6.99 3.69 29.43
CA SER B 234 7.45 3.46 28.05
C SER B 234 7.24 4.67 27.12
N CYS B 235 6.31 5.58 27.46
CA CYS B 235 6.01 6.75 26.63
C CYS B 235 5.52 7.96 27.47
N GLU B 236 6.07 9.15 27.16
CA GLU B 236 5.72 10.43 27.81
C GLU B 236 4.23 10.78 27.56
N ALA B 237 3.73 10.50 26.34
CA ALA B 237 2.37 10.77 25.93
C ALA B 237 1.71 9.51 25.33
N PHE B 238 1.60 8.43 26.15
CA PHE B 238 1.04 7.14 25.73
C PHE B 238 -0.42 7.21 25.23
N LEU B 239 -1.23 8.22 25.65
CA LEU B 239 -2.62 8.35 25.15
C LEU B 239 -2.64 8.67 23.66
N ARG B 240 -1.51 9.17 23.11
CA ARG B 240 -1.33 9.51 21.69
C ARG B 240 -1.37 8.27 20.80
N HIS B 241 -1.16 7.10 21.40
CA HIS B 241 -1.24 5.83 20.70
C HIS B 241 -2.67 5.57 20.29
N LYS B 242 -3.58 6.23 20.97
CA LYS B 242 -5.01 6.11 20.74
C LYS B 242 -5.61 4.72 20.93
N MET B 243 -5.15 4.03 21.97
CA MET B 243 -5.64 2.70 22.30
C MET B 243 -6.39 2.61 23.63
N THR B 244 -6.46 3.70 24.39
CA THR B 244 -7.11 3.69 25.71
C THR B 244 -8.55 4.16 25.68
N LEU B 245 -9.47 3.24 26.04
CA LEU B 245 -10.93 3.50 26.14
C LEU B 245 -11.30 3.55 27.62
N ILE B 246 -11.95 4.64 28.05
CA ILE B 246 -12.38 4.90 29.44
C ILE B 246 -13.86 5.34 29.40
N SER B 247 -14.76 4.57 30.07
CA SER B 247 -16.22 4.83 30.08
C SER B 247 -16.66 6.07 30.85
N PRO B 248 -17.78 6.76 30.46
CA PRO B 248 -18.24 7.92 31.23
C PRO B 248 -18.36 7.65 32.75
N LEU B 249 -18.78 6.45 33.15
CA LEU B 249 -18.89 5.97 34.54
C LEU B 249 -17.54 6.02 35.28
N MET B 250 -16.44 5.61 34.62
CA MET B 250 -15.09 5.66 35.20
C MET B 250 -14.68 7.12 35.50
N LEU B 251 -14.95 8.03 34.54
CA LEU B 251 -14.69 9.48 34.65
C LEU B 251 -15.52 10.06 35.81
N LYS B 252 -16.84 9.69 35.87
CA LYS B 252 -17.76 10.12 36.92
C LYS B 252 -17.20 9.67 38.29
N LYS B 253 -16.72 8.42 38.39
CA LYS B 253 -16.14 7.84 39.60
C LYS B 253 -14.91 8.58 40.13
N TYR B 254 -14.00 8.97 39.26
CA TYR B 254 -12.73 9.61 39.62
C TYR B 254 -12.77 11.12 39.52
N GLY B 255 -13.98 11.67 39.46
CA GLY B 255 -14.22 13.11 39.42
C GLY B 255 -13.68 13.83 38.19
N ILE B 256 -13.67 13.18 37.02
CA ILE B 256 -13.22 13.83 35.79
C ILE B 256 -14.46 14.52 35.16
N PRO B 257 -14.51 15.87 35.12
CA PRO B 257 -15.66 16.54 34.47
C PRO B 257 -15.63 16.23 32.97
N PHE B 258 -16.81 15.97 32.38
CA PHE B 258 -16.93 15.62 30.97
C PHE B 258 -18.33 15.92 30.44
N ASP B 259 -18.48 15.94 29.11
CA ASP B 259 -19.78 16.15 28.48
C ASP B 259 -19.92 15.18 27.31
N LYS B 260 -21.12 15.02 26.78
CA LYS B 260 -21.36 14.14 25.64
C LYS B 260 -22.25 14.82 24.62
N VAL B 261 -22.12 14.40 23.35
CA VAL B 261 -22.88 14.95 22.21
C VAL B 261 -22.95 13.91 21.10
N THR B 262 -24.06 13.93 20.35
CA THR B 262 -24.31 13.07 19.18
C THR B 262 -24.35 13.93 17.94
N GLN B 263 -23.44 13.60 17.01
CA GLN B 263 -23.29 14.26 15.74
C GLN B 263 -24.08 13.42 14.73
N GLU B 264 -25.02 14.09 14.06
CA GLU B 264 -25.88 13.51 13.03
C GLU B 264 -25.32 13.88 11.67
N ALA B 265 -25.75 13.18 10.60
CA ALA B 265 -25.30 13.47 9.23
C ALA B 265 -25.60 14.92 8.86
N GLY B 266 -24.63 15.53 8.20
CA GLY B 266 -24.68 16.92 7.78
C GLY B 266 -24.27 17.90 8.86
N GLU B 267 -23.58 17.41 9.92
CA GLU B 267 -23.11 18.28 11.01
C GLU B 267 -21.60 18.26 11.17
N PHE B 268 -21.08 19.38 11.68
CA PHE B 268 -19.66 19.57 11.96
C PHE B 268 -19.39 19.50 13.44
N MET B 269 -18.24 18.94 13.82
CA MET B 269 -17.70 18.94 15.18
C MET B 269 -16.31 19.57 15.11
N ILE B 270 -16.08 20.56 15.99
CA ILE B 270 -14.80 21.26 16.15
C ILE B 270 -14.17 20.83 17.47
N THR B 271 -12.94 20.32 17.43
CA THR B 271 -12.17 19.97 18.63
C THR B 271 -11.12 21.09 18.77
N PHE B 272 -10.89 21.50 20.01
CA PHE B 272 -10.02 22.60 20.32
C PHE B 272 -8.66 22.13 20.89
N PRO B 273 -7.59 22.99 20.82
CA PRO B 273 -6.31 22.58 21.39
C PRO B 273 -6.43 22.02 22.81
N TYR B 274 -5.85 20.82 23.00
CA TYR B 274 -5.76 20.08 24.24
C TYR B 274 -7.11 19.58 24.74
N GLY B 275 -8.09 19.50 23.85
CA GLY B 275 -9.41 18.98 24.15
C GLY B 275 -9.40 17.48 23.96
N TYR B 276 -9.44 16.72 25.06
CA TYR B 276 -9.46 15.24 24.98
C TYR B 276 -10.80 14.75 24.52
N HIS B 277 -10.84 13.86 23.54
CA HIS B 277 -12.09 13.28 23.04
C HIS B 277 -11.97 11.80 22.77
N ALA B 278 -13.11 11.13 22.82
CA ALA B 278 -13.34 9.71 22.53
C ALA B 278 -14.77 9.60 22.07
N GLY B 279 -15.10 8.54 21.38
CA GLY B 279 -16.47 8.29 20.97
C GLY B 279 -16.67 7.01 20.21
N PHE B 280 -17.87 6.84 19.65
CA PHE B 280 -18.21 5.66 18.87
C PHE B 280 -19.26 5.97 17.81
N ASN B 281 -19.27 5.15 16.77
CA ASN B 281 -20.19 5.28 15.68
C ASN B 281 -21.43 4.48 15.94
N HIS B 282 -22.59 5.07 15.58
CA HIS B 282 -23.88 4.38 15.72
C HIS B 282 -24.11 3.26 14.73
N GLY B 283 -23.52 3.40 13.51
CA GLY B 283 -23.61 2.42 12.42
C GLY B 283 -22.84 2.85 11.19
N PHE B 284 -23.26 2.38 9.99
CA PHE B 284 -22.63 2.72 8.70
C PHE B 284 -22.74 4.20 8.40
N ASN B 285 -21.59 4.87 8.41
CA ASN B 285 -21.47 6.32 8.18
C ASN B 285 -20.19 6.65 7.44
N CYS B 286 -19.95 7.96 7.19
CA CYS B 286 -18.73 8.48 6.55
C CYS B 286 -18.47 9.89 7.05
N ALA B 287 -17.28 10.10 7.66
CA ALA B 287 -16.85 11.39 8.19
C ALA B 287 -15.56 11.83 7.49
N GLU B 288 -15.41 13.15 7.28
CA GLU B 288 -14.18 13.73 6.70
C GLU B 288 -13.53 14.58 7.78
N SER B 289 -12.20 14.41 7.94
CA SER B 289 -11.46 15.08 9.02
C SER B 289 -10.11 15.63 8.60
N THR B 290 -9.66 16.70 9.29
CA THR B 290 -8.37 17.39 9.17
C THR B 290 -8.09 18.24 10.40
N ASN B 291 -6.86 18.74 10.52
CA ASN B 291 -6.46 19.64 11.60
C ASN B 291 -6.31 21.04 11.03
N PHE B 292 -6.41 22.05 11.89
CA PHE B 292 -6.24 23.47 11.56
C PHE B 292 -5.72 24.22 12.81
N ALA B 293 -5.39 25.51 12.69
CA ALA B 293 -4.87 26.31 13.80
C ALA B 293 -5.40 27.76 13.79
N THR B 294 -5.17 28.48 14.88
CA THR B 294 -5.48 29.90 15.10
C THR B 294 -4.24 30.40 15.80
N ARG B 295 -4.09 31.74 15.99
CA ARG B 295 -2.91 32.30 16.69
C ARG B 295 -2.75 31.71 18.12
N ARG B 296 -3.87 31.47 18.83
CA ARG B 296 -3.94 30.89 20.19
C ARG B 296 -3.19 29.54 20.26
N TRP B 297 -3.35 28.69 19.22
CA TRP B 297 -2.74 27.38 19.12
C TRP B 297 -1.22 27.37 19.26
N ILE B 298 -0.52 28.39 18.74
CA ILE B 298 0.95 28.46 18.74
C ILE B 298 1.54 28.09 20.10
N GLU B 299 1.03 28.65 21.20
CA GLU B 299 1.51 28.33 22.54
C GLU B 299 1.34 26.83 22.89
N TYR B 300 0.26 26.19 22.39
CA TYR B 300 -0.01 24.76 22.60
C TYR B 300 1.00 23.92 21.89
N GLY B 301 1.34 24.30 20.67
CA GLY B 301 2.31 23.59 19.84
C GLY B 301 3.67 23.58 20.49
N LYS B 302 4.05 24.71 21.08
CA LYS B 302 5.29 24.94 21.81
C LYS B 302 5.36 24.08 23.08
N GLN B 303 4.24 23.93 23.79
CA GLN B 303 4.13 23.20 25.04
C GLN B 303 3.73 21.71 24.91
N ALA B 304 3.29 21.26 23.71
CA ALA B 304 2.82 19.90 23.43
C ALA B 304 3.83 18.79 23.78
N VAL B 305 3.38 17.81 24.60
CA VAL B 305 4.17 16.63 24.98
C VAL B 305 3.83 15.57 23.93
N LEU B 306 4.86 15.13 23.18
CA LEU B 306 4.69 14.18 22.08
C LEU B 306 5.06 12.75 22.47
N CYS B 307 4.65 11.79 21.62
CA CYS B 307 4.92 10.36 21.77
C CYS B 307 6.42 10.12 21.56
N SER B 308 7.09 9.57 22.58
CA SER B 308 8.53 9.30 22.54
C SER B 308 8.95 7.97 21.86
N CYS B 309 8.32 6.84 22.25
CA CYS B 309 8.63 5.49 21.77
C CYS B 309 8.46 5.25 20.25
N ARG B 310 7.48 5.89 19.59
CA ARG B 310 7.22 5.70 18.16
C ARG B 310 8.05 6.61 17.27
N MET B 313 5.74 8.99 14.51
CA MET B 313 4.97 10.03 15.18
C MET B 313 5.08 11.39 14.46
N VAL B 314 4.10 12.27 14.71
CA VAL B 314 3.99 13.60 14.11
C VAL B 314 4.55 14.73 14.99
N LYS B 315 5.61 15.39 14.48
CA LYS B 315 6.27 16.57 15.09
C LYS B 315 6.39 17.68 14.03
N ILE B 316 5.81 18.84 14.33
CA ILE B 316 5.82 20.03 13.49
C ILE B 316 6.81 21.02 14.12
N SER B 317 7.74 21.56 13.29
CA SER B 317 8.72 22.56 13.75
C SER B 317 7.93 23.84 14.09
N MET B 318 8.08 24.30 15.33
CA MET B 318 7.37 25.49 15.80
C MET B 318 8.06 26.81 15.44
N ASP B 319 9.32 26.73 14.96
CA ASP B 319 10.18 27.86 14.60
C ASP B 319 9.47 28.88 13.69
N VAL B 320 8.89 28.41 12.56
CA VAL B 320 8.18 29.23 11.56
C VAL B 320 7.03 30.05 12.18
N PHE B 321 6.29 29.45 13.14
CA PHE B 321 5.18 30.09 13.84
C PHE B 321 5.64 31.13 14.88
N VAL B 322 6.64 30.76 15.72
CA VAL B 322 7.19 31.60 16.80
C VAL B 322 7.89 32.82 16.18
N ARG B 323 8.48 32.68 14.99
CA ARG B 323 9.18 33.78 14.33
C ARG B 323 8.18 34.78 13.75
N LYS B 324 7.11 34.27 13.09
CA LYS B 324 6.06 35.07 12.43
C LYS B 324 5.03 35.71 13.34
N PHE B 325 4.65 35.05 14.45
CA PHE B 325 3.58 35.56 15.33
C PHE B 325 4.00 35.97 16.72
N GLN B 326 5.18 35.53 17.17
CA GLN B 326 5.74 35.93 18.47
C GLN B 326 7.21 36.37 18.25
N PRO B 327 7.50 37.40 17.39
CA PRO B 327 8.91 37.77 17.13
C PRO B 327 9.66 38.23 18.39
N GLU B 328 8.93 38.90 19.32
CA GLU B 328 9.44 39.40 20.59
C GLU B 328 9.90 38.24 21.50
N ARG B 329 9.19 37.09 21.41
CA ARG B 329 9.47 35.88 22.20
C ARG B 329 10.44 34.89 21.53
N TYR B 330 10.76 35.10 20.23
CA TYR B 330 11.64 34.23 19.42
C TYR B 330 12.98 33.88 20.08
N LYS B 331 13.71 34.90 20.61
CA LYS B 331 15.00 34.69 21.27
C LYS B 331 14.82 33.94 22.60
N LEU B 332 13.85 34.38 23.42
CA LEU B 332 13.51 33.78 24.72
C LEU B 332 13.13 32.30 24.59
N TRP B 333 12.28 31.95 23.59
CA TRP B 333 11.80 30.58 23.32
C TRP B 333 12.94 29.65 22.85
N LYS B 334 13.86 30.18 22.04
CA LYS B 334 15.02 29.44 21.53
C LYS B 334 16.04 29.17 22.66
N ALA B 335 16.13 30.11 23.63
CA ALA B 335 16.99 30.01 24.80
C ALA B 335 16.37 29.06 25.85
N GLY B 336 15.06 28.78 25.71
CA GLY B 336 14.29 27.91 26.60
C GLY B 336 13.78 28.63 27.83
N LYS B 337 13.84 29.98 27.83
CA LYS B 337 13.42 30.85 28.94
C LYS B 337 11.95 31.35 28.84
N ASP B 338 11.15 30.80 27.87
CA ASP B 338 9.73 31.14 27.68
C ASP B 338 8.85 30.34 28.66
N ASN B 339 8.63 30.94 29.86
CA ASN B 339 7.86 30.36 30.97
C ASN B 339 6.33 30.59 30.88
N THR B 340 5.81 30.99 29.69
CA THR B 340 4.38 31.25 29.44
C THR B 340 3.49 30.10 29.92
N VAL B 341 2.51 30.42 30.78
CA VAL B 341 1.54 29.48 31.31
C VAL B 341 0.24 29.70 30.53
N ILE B 342 -0.32 28.62 29.96
CA ILE B 342 -1.54 28.67 29.15
C ILE B 342 -2.80 28.81 30.01
N ASP B 343 -3.66 29.79 29.65
CA ASP B 343 -4.98 29.97 30.25
C ASP B 343 -5.96 29.36 29.24
N HIS B 344 -6.55 28.17 29.57
CA HIS B 344 -7.45 27.46 28.65
C HIS B 344 -8.79 28.15 28.43
N THR B 345 -9.19 29.09 29.34
CA THR B 345 -10.45 29.83 29.27
C THR B 345 -10.42 30.98 28.23
N LEU B 346 -9.23 31.48 27.92
CA LEU B 346 -8.97 32.60 27.01
C LEU B 346 -9.23 32.30 25.53
N PRO B 347 -9.99 33.16 24.80
CA PRO B 347 -10.20 32.92 23.37
C PRO B 347 -9.00 33.39 22.53
N THR B 348 -8.98 33.01 21.24
CA THR B 348 -7.94 33.38 20.30
C THR B 348 -7.86 34.91 20.12
N PRO B 349 -6.67 35.54 19.89
CA PRO B 349 -6.63 37.02 19.69
C PRO B 349 -7.54 37.59 18.57
N GLU B 350 -7.81 36.79 17.51
CA GLU B 350 -8.69 37.06 16.36
C GLU B 350 -10.18 37.31 16.75
N ALA B 351 -10.60 36.80 17.93
CA ALA B 351 -11.94 36.99 18.48
C ALA B 351 -12.16 38.44 18.98
N ALA B 352 -11.06 39.25 19.14
CA ALA B 352 -11.05 40.63 19.69
C ALA B 352 -12.17 41.52 19.17
N GLU B 353 -12.54 41.38 17.89
CA GLU B 353 -13.61 42.11 17.20
C GLU B 353 -15.03 41.78 17.71
N PHE B 354 -15.19 40.62 18.38
CA PHE B 354 -16.45 40.14 18.97
C PHE B 354 -16.49 40.39 20.50
N LEU B 355 -15.36 40.91 21.06
CA LEU B 355 -15.16 41.20 22.47
C LEU B 355 -15.15 42.73 22.73
N GLU C 7 32.75 10.28 -15.07
CA GLU C 7 33.90 10.91 -15.70
C GLU C 7 33.67 11.18 -17.20
N THR C 8 32.66 10.51 -17.79
CA THR C 8 32.26 10.61 -19.20
C THR C 8 31.42 11.86 -19.46
N LEU C 9 30.66 12.33 -18.44
CA LEU C 9 29.83 13.54 -18.53
C LEU C 9 30.62 14.77 -18.07
N ASN C 10 30.54 15.87 -18.86
CA ASN C 10 31.28 17.12 -18.65
C ASN C 10 32.78 16.82 -18.40
N PRO C 11 33.47 16.08 -19.32
CA PRO C 11 34.89 15.76 -19.07
C PRO C 11 35.81 16.99 -18.99
N SER C 12 35.34 18.10 -19.57
CA SER C 12 36.04 19.38 -19.64
C SER C 12 35.86 20.19 -18.37
N ALA C 13 34.80 19.86 -17.59
CA ALA C 13 34.35 20.54 -16.36
C ALA C 13 34.11 22.06 -16.61
N ARG C 14 33.36 22.36 -17.70
CA ARG C 14 33.00 23.70 -18.12
C ARG C 14 31.68 24.07 -17.51
N ILE C 15 31.52 25.38 -17.20
CA ILE C 15 30.30 25.97 -16.66
C ILE C 15 29.16 25.73 -17.71
N MET C 16 28.06 25.06 -17.22
CA MET C 16 26.88 24.72 -18.00
C MET C 16 25.70 25.64 -17.66
N THR C 17 24.87 25.98 -18.69
CA THR C 17 23.71 26.85 -18.56
C THR C 17 22.45 26.04 -18.79
N PHE C 18 21.45 26.18 -17.90
CA PHE C 18 20.18 25.45 -17.98
C PHE C 18 18.99 26.38 -18.18
N TYR C 19 18.05 25.93 -19.02
CA TYR C 19 16.81 26.65 -19.35
C TYR C 19 15.58 25.80 -18.98
N PRO C 20 15.25 25.66 -17.66
CA PRO C 20 14.10 24.83 -17.27
C PRO C 20 12.76 25.45 -17.65
N THR C 21 11.78 24.57 -17.94
CA THR C 21 10.39 24.96 -18.22
C THR C 21 9.71 25.27 -16.87
N MET C 22 8.47 25.79 -16.89
CA MET C 22 7.78 26.11 -15.65
C MET C 22 7.54 24.83 -14.80
N GLU C 23 7.32 23.66 -15.45
CA GLU C 23 7.07 22.35 -14.83
C GLU C 23 8.35 21.76 -14.20
N GLU C 24 9.49 21.87 -14.89
CA GLU C 24 10.82 21.48 -14.41
C GLU C 24 11.25 22.36 -13.19
N PHE C 25 11.08 23.70 -13.31
CA PHE C 25 11.45 24.74 -12.35
C PHE C 25 10.72 24.65 -10.99
N ARG C 26 9.49 24.09 -10.92
CA ARG C 26 8.70 23.97 -9.67
C ARG C 26 9.37 23.14 -8.56
N ASN C 27 10.10 22.07 -8.90
CA ASN C 27 10.79 21.25 -7.90
C ASN C 27 12.28 21.61 -7.90
N PHE C 28 12.72 22.37 -6.88
CA PHE C 28 14.09 22.86 -6.75
C PHE C 28 15.10 21.74 -6.63
N SER C 29 15.05 20.99 -5.51
CA SER C 29 15.94 19.85 -5.19
C SER C 29 15.99 18.80 -6.31
N ARG C 30 14.91 18.64 -7.08
CA ARG C 30 14.84 17.71 -8.19
C ARG C 30 15.63 18.25 -9.37
N TYR C 31 15.51 19.56 -9.67
CA TYR C 31 16.24 20.19 -10.76
C TYR C 31 17.75 20.24 -10.52
N ILE C 32 18.18 20.34 -9.24
CA ILE C 32 19.60 20.30 -8.85
C ILE C 32 20.14 18.89 -9.13
N ALA C 33 19.36 17.85 -8.76
CA ALA C 33 19.73 16.45 -9.03
C ALA C 33 19.85 16.25 -10.54
N TYR C 34 18.92 16.85 -11.34
CA TYR C 34 18.94 16.79 -12.80
C TYR C 34 20.20 17.45 -13.40
N ILE C 35 20.53 18.68 -12.99
CA ILE C 35 21.72 19.36 -13.55
C ILE C 35 23.01 18.57 -13.19
N GLU C 36 23.05 17.88 -12.02
CA GLU C 36 24.15 17.02 -11.58
C GLU C 36 24.28 15.77 -12.48
N SER C 37 23.11 15.24 -12.94
CA SER C 37 23.03 14.09 -13.83
C SER C 37 23.68 14.45 -15.17
N GLN C 38 23.64 15.73 -15.55
CA GLN C 38 24.23 16.30 -16.76
C GLN C 38 25.72 16.63 -16.60
N GLY C 39 26.24 16.55 -15.37
CA GLY C 39 27.63 16.83 -15.02
C GLY C 39 27.93 18.27 -14.65
N ALA C 40 26.91 19.10 -14.38
CA ALA C 40 27.06 20.52 -14.05
C ALA C 40 28.00 20.77 -12.90
N HIS C 41 27.91 19.92 -11.87
CA HIS C 41 28.66 19.97 -10.62
C HIS C 41 30.16 19.91 -10.79
N ARG C 42 30.66 19.29 -11.89
CA ARG C 42 32.10 19.15 -12.17
C ARG C 42 32.85 20.49 -12.33
N ALA C 43 32.17 21.53 -12.84
CA ALA C 43 32.72 22.89 -13.02
C ALA C 43 32.78 23.63 -11.68
N GLY C 44 31.91 23.26 -10.75
CA GLY C 44 31.76 23.84 -9.43
C GLY C 44 30.80 25.02 -9.43
N LEU C 45 30.32 25.40 -10.62
CA LEU C 45 29.46 26.56 -10.84
C LEU C 45 28.56 26.31 -12.06
N ALA C 46 27.25 26.61 -11.94
CA ALA C 46 26.28 26.44 -13.03
C ALA C 46 25.31 27.62 -13.10
N LYS C 47 24.87 27.99 -14.32
CA LYS C 47 23.89 29.05 -14.52
C LYS C 47 22.52 28.46 -14.83
N VAL C 48 21.49 29.03 -14.21
CA VAL C 48 20.12 28.60 -14.45
C VAL C 48 19.30 29.81 -14.84
N VAL C 49 18.79 29.81 -16.08
CA VAL C 49 17.95 30.88 -16.58
C VAL C 49 16.49 30.45 -16.35
N PRO C 50 15.77 31.14 -15.43
CA PRO C 50 14.37 30.71 -15.11
C PRO C 50 13.36 30.93 -16.25
N PRO C 51 12.17 30.26 -16.23
CA PRO C 51 11.16 30.52 -17.30
C PRO C 51 10.80 32.01 -17.37
N LYS C 52 10.49 32.53 -18.57
CA LYS C 52 10.17 33.96 -18.77
C LYS C 52 8.98 34.45 -17.94
N GLU C 53 7.98 33.58 -17.74
CA GLU C 53 6.77 33.84 -16.98
C GLU C 53 7.05 33.97 -15.46
N TRP C 54 8.20 33.45 -14.96
CA TRP C 54 8.57 33.51 -13.53
C TRP C 54 9.24 34.82 -13.13
N LYS C 55 8.78 35.38 -12.00
CA LYS C 55 9.25 36.61 -11.38
C LYS C 55 9.13 36.44 -9.86
N PRO C 56 10.18 36.76 -9.06
CA PRO C 56 10.06 36.66 -7.58
C PRO C 56 9.35 37.85 -6.91
N ARG C 57 9.23 38.99 -7.62
CA ARG C 57 8.66 40.24 -7.08
C ARG C 57 8.11 41.08 -8.23
N ALA C 58 6.97 41.73 -8.01
CA ALA C 58 6.32 42.52 -9.06
C ALA C 58 7.16 43.71 -9.54
N SER C 59 7.75 44.46 -8.59
CA SER C 59 8.61 45.61 -8.85
C SER C 59 9.60 45.83 -7.68
N TYR C 60 10.66 46.61 -7.92
CA TYR C 60 11.68 46.92 -6.91
C TYR C 60 11.70 48.41 -6.56
N ASP C 61 10.59 49.17 -6.86
CA ASP C 61 10.51 50.62 -6.59
C ASP C 61 10.35 50.99 -5.11
N ASP C 62 10.00 50.02 -4.26
CA ASP C 62 9.72 50.23 -2.85
C ASP C 62 10.86 49.84 -1.88
N ILE C 63 12.14 49.90 -2.31
CA ILE C 63 13.22 49.48 -1.42
C ILE C 63 14.23 50.60 -1.13
N ASP C 64 13.99 51.85 -1.59
CA ASP C 64 14.88 53.00 -1.39
C ASP C 64 15.28 53.22 0.06
N ASP C 65 14.34 53.02 1.00
CA ASP C 65 14.55 53.21 2.44
C ASP C 65 15.07 51.96 3.16
N LEU C 66 15.39 50.88 2.40
CA LEU C 66 15.92 49.65 2.98
C LEU C 66 17.32 49.94 3.48
N VAL C 67 17.60 49.53 4.73
CA VAL C 67 18.87 49.83 5.39
C VAL C 67 19.91 48.74 5.20
N ILE C 68 21.10 49.14 4.65
CA ILE C 68 22.32 48.34 4.55
C ILE C 68 23.07 48.66 5.87
N PRO C 69 22.99 47.76 6.89
CA PRO C 69 23.57 48.08 8.21
C PRO C 69 25.08 48.25 8.28
N ALA C 70 25.84 47.43 7.55
CA ALA C 70 27.30 47.51 7.61
C ALA C 70 27.94 47.56 6.21
N PRO C 71 27.78 48.68 5.44
CA PRO C 71 28.47 48.75 4.15
C PRO C 71 29.99 48.64 4.38
N ILE C 72 30.71 48.00 3.46
CA ILE C 72 32.18 47.85 3.55
C ILE C 72 32.91 48.59 2.43
N GLN C 73 33.96 49.34 2.76
CA GLN C 73 34.80 49.97 1.74
C GLN C 73 35.88 48.91 1.45
N GLN C 74 35.99 48.49 0.18
CA GLN C 74 36.90 47.42 -0.22
C GLN C 74 38.25 47.96 -0.68
N LEU C 75 39.24 47.87 0.21
CA LEU C 75 40.62 48.31 0.00
C LEU C 75 41.43 47.12 -0.49
N VAL C 76 41.97 47.19 -1.72
CA VAL C 76 42.75 46.12 -2.31
C VAL C 76 44.23 46.51 -2.43
N THR C 77 45.12 45.63 -1.97
CA THR C 77 46.57 45.79 -2.02
C THR C 77 47.18 44.62 -2.83
N GLY C 78 48.16 44.93 -3.68
CA GLY C 78 48.81 43.92 -4.49
C GLY C 78 49.29 44.36 -5.86
N GLN C 79 49.84 43.40 -6.59
CA GLN C 79 50.39 43.56 -7.93
C GLN C 79 50.52 42.20 -8.63
N SER C 80 50.74 42.23 -9.95
CA SER C 80 50.94 41.07 -10.80
C SER C 80 49.88 39.93 -10.61
N GLY C 81 48.60 40.30 -10.64
CA GLY C 81 47.47 39.38 -10.56
C GLY C 81 47.25 38.66 -9.24
N LEU C 82 47.90 39.12 -8.17
CA LEU C 82 47.85 38.56 -6.83
C LEU C 82 47.58 39.72 -5.84
N PHE C 83 46.40 39.66 -5.15
CA PHE C 83 45.95 40.72 -4.26
C PHE C 83 45.34 40.27 -2.90
N THR C 84 45.27 41.22 -1.92
CA THR C 84 44.63 41.06 -0.63
C THR C 84 43.60 42.19 -0.47
N GLN C 85 42.35 41.84 -0.15
CA GLN C 85 41.25 42.76 0.05
C GLN C 85 40.92 42.94 1.55
N TYR C 86 40.87 44.20 1.95
CA TYR C 86 40.57 44.65 3.28
C TYR C 86 39.23 45.34 3.28
N ASN C 87 38.43 45.10 4.30
CA ASN C 87 37.10 45.66 4.40
C ASN C 87 37.07 46.67 5.52
N ILE C 88 36.65 47.89 5.20
CA ILE C 88 36.56 48.96 6.18
C ILE C 88 35.06 49.14 6.42
N GLN C 89 34.58 48.83 7.65
CA GLN C 89 33.17 48.98 7.95
C GLN C 89 32.82 50.45 8.06
N LYS C 90 31.85 50.85 7.23
CA LYS C 90 31.35 52.20 7.13
C LYS C 90 29.98 52.24 7.84
N LYS C 91 29.52 53.45 8.17
CA LYS C 91 28.23 53.67 8.82
C LYS C 91 27.11 53.14 7.89
N ALA C 92 26.01 52.74 8.50
CA ALA C 92 24.80 52.25 7.86
C ALA C 92 24.26 53.27 6.89
N MET C 93 23.92 52.81 5.67
CA MET C 93 23.31 53.66 4.65
C MET C 93 22.13 52.94 4.05
N THR C 94 21.25 53.70 3.38
CA THR C 94 20.04 53.18 2.74
C THR C 94 20.42 52.80 1.31
N VAL C 95 19.55 52.02 0.62
CA VAL C 95 19.77 51.64 -0.79
C VAL C 95 19.75 52.93 -1.69
N ARG C 96 18.94 53.92 -1.32
CA ARG C 96 18.87 55.19 -2.03
C ARG C 96 20.24 55.87 -2.01
N GLU C 97 20.87 55.96 -0.80
CA GLU C 97 22.18 56.55 -0.58
C GLU C 97 23.28 55.76 -1.33
N PHE C 98 23.22 54.42 -1.27
CA PHE C 98 24.15 53.53 -1.95
C PHE C 98 24.06 53.66 -3.50
N ARG C 99 22.82 53.63 -4.06
CA ARG C 99 22.59 53.81 -5.51
C ARG C 99 23.17 55.15 -6.03
N LYS C 100 23.03 56.24 -5.24
CA LYS C 100 23.56 57.57 -5.58
C LYS C 100 25.09 57.54 -5.74
N ILE C 101 25.80 56.92 -4.76
CA ILE C 101 27.27 56.76 -4.79
C ILE C 101 27.68 55.88 -5.99
N ALA C 102 26.97 54.73 -6.20
CA ALA C 102 27.22 53.76 -7.26
C ALA C 102 27.18 54.39 -8.67
N ASN C 103 26.23 55.32 -8.95
CA ASN C 103 26.06 55.97 -10.26
C ASN C 103 26.77 57.31 -10.39
N SER C 104 27.53 57.70 -9.36
CA SER C 104 28.28 58.95 -9.34
C SER C 104 29.48 58.82 -10.27
N ASP C 105 29.98 59.95 -10.81
CA ASP C 105 31.11 59.97 -11.74
C ASP C 105 32.34 59.23 -11.18
N LYS C 106 32.63 59.41 -9.86
CA LYS C 106 33.74 58.74 -9.18
C LYS C 106 33.63 57.20 -9.20
N TYR C 107 32.42 56.64 -8.92
CA TYR C 107 32.22 55.20 -8.78
C TYR C 107 31.46 54.45 -9.89
N CYS C 108 30.93 55.14 -10.91
CA CYS C 108 30.16 54.46 -11.98
C CYS C 108 31.03 53.59 -12.87
N THR C 109 30.39 52.62 -13.56
CA THR C 109 30.98 51.65 -14.51
C THR C 109 31.63 52.42 -15.67
N PRO C 110 32.89 52.06 -16.07
CA PRO C 110 33.49 52.76 -17.24
C PRO C 110 32.88 52.30 -18.56
N ARG C 111 33.16 53.03 -19.66
CA ARG C 111 32.64 52.68 -21.00
C ARG C 111 33.37 51.45 -21.55
N TYR C 112 32.61 50.49 -22.12
CA TYR C 112 33.17 49.24 -22.67
C TYR C 112 32.34 48.66 -23.83
N SER C 113 33.03 47.98 -24.77
CA SER C 113 32.44 47.31 -25.93
C SER C 113 32.13 45.85 -25.58
N GLU C 114 33.19 45.04 -25.33
CA GLU C 114 33.09 43.63 -24.93
C GLU C 114 33.39 43.47 -23.44
N PHE C 115 33.03 42.29 -22.85
CA PHE C 115 33.27 41.98 -21.44
C PHE C 115 34.78 41.99 -21.15
N GLU C 116 35.57 41.47 -22.09
CA GLU C 116 37.02 41.36 -22.03
C GLU C 116 37.67 42.71 -21.70
N GLU C 117 37.10 43.81 -22.24
CA GLU C 117 37.53 45.19 -22.02
C GLU C 117 37.31 45.58 -20.56
N LEU C 118 36.09 45.29 -20.04
CA LEU C 118 35.71 45.57 -18.67
C LEU C 118 36.52 44.70 -17.67
N GLU C 119 36.84 43.45 -18.06
CA GLU C 119 37.64 42.52 -17.27
C GLU C 119 39.09 43.05 -17.15
N ARG C 120 39.62 43.60 -18.25
CA ARG C 120 40.94 44.22 -18.27
C ARG C 120 40.92 45.48 -17.38
N LYS C 121 39.83 46.27 -17.43
CA LYS C 121 39.68 47.49 -16.65
C LYS C 121 39.60 47.19 -15.16
N TYR C 122 38.98 46.06 -14.81
CA TYR C 122 38.83 45.60 -13.45
C TYR C 122 40.17 45.21 -12.87
N TRP C 123 40.93 44.33 -13.56
CA TRP C 123 42.21 43.84 -13.07
C TRP C 123 43.30 44.93 -13.13
N LYS C 124 43.12 45.95 -13.98
CA LYS C 124 44.05 47.07 -14.08
C LYS C 124 43.81 48.13 -13.00
N ASN C 125 42.56 48.27 -12.49
CA ASN C 125 42.20 49.33 -11.55
C ASN C 125 41.60 48.90 -10.19
N LEU C 126 41.62 47.60 -9.85
CA LEU C 126 40.98 47.13 -8.61
C LEU C 126 41.58 47.74 -7.33
N THR C 127 42.89 48.12 -7.35
CA THR C 127 43.57 48.73 -6.21
C THR C 127 43.30 50.24 -6.04
N PHE C 128 42.67 50.88 -7.02
CA PHE C 128 42.40 52.32 -6.97
C PHE C 128 40.95 52.68 -6.72
N ASN C 129 40.72 53.83 -6.10
CA ASN C 129 39.37 54.32 -5.84
C ASN C 129 38.46 53.27 -5.18
N PRO C 130 38.82 52.82 -3.98
CA PRO C 130 38.06 51.72 -3.34
C PRO C 130 36.53 51.89 -3.32
N PRO C 131 35.78 50.86 -3.84
CA PRO C 131 34.31 50.97 -3.86
C PRO C 131 33.65 50.53 -2.55
N ILE C 132 32.33 50.76 -2.42
CA ILE C 132 31.55 50.29 -1.25
C ILE C 132 30.70 49.08 -1.65
N TYR C 133 30.77 48.03 -0.85
CA TYR C 133 29.97 46.84 -1.05
C TYR C 133 28.89 46.79 0.03
N GLY C 134 27.61 46.88 -0.38
CA GLY C 134 26.50 46.79 0.55
C GLY C 134 26.19 45.33 0.79
N ALA C 135 27.12 44.57 1.41
CA ALA C 135 27.04 43.13 1.63
C ALA C 135 26.40 42.66 2.95
N ASP C 136 26.07 41.33 3.05
CA ASP C 136 25.54 40.62 4.25
C ASP C 136 24.28 41.24 4.87
N VAL C 137 23.39 41.73 4.00
CA VAL C 137 22.15 42.32 4.50
C VAL C 137 21.17 41.19 4.85
N ASN C 138 20.68 41.13 6.08
CA ASN C 138 19.70 40.10 6.39
C ASN C 138 18.35 40.51 5.81
N GLY C 139 17.82 39.69 4.92
CA GLY C 139 16.55 39.98 4.24
C GLY C 139 16.32 39.20 2.97
N THR C 140 15.19 39.46 2.33
CA THR C 140 14.73 38.83 1.08
C THR C 140 13.95 39.83 0.24
N LEU C 141 13.93 39.63 -1.08
CA LEU C 141 13.17 40.48 -1.97
C LEU C 141 12.05 39.66 -2.67
N TYR C 142 11.92 38.41 -2.24
CA TYR C 142 10.88 37.51 -2.73
C TYR C 142 9.57 37.88 -2.06
N GLU C 143 8.46 37.90 -2.82
CA GLU C 143 7.13 38.15 -2.26
C GLU C 143 6.67 36.85 -1.59
N LYS C 144 5.85 36.99 -0.53
CA LYS C 144 5.33 35.92 0.34
C LYS C 144 4.87 34.64 -0.39
N HIS C 145 4.08 34.79 -1.46
CA HIS C 145 3.48 33.71 -2.24
C HIS C 145 4.38 32.93 -3.23
N VAL C 146 5.60 33.41 -3.54
CA VAL C 146 6.47 32.75 -4.53
C VAL C 146 7.04 31.44 -3.97
N ASP C 147 6.49 30.34 -4.42
CA ASP C 147 6.89 29.01 -3.99
C ASP C 147 8.10 28.46 -4.74
N GLU C 148 8.26 28.88 -6.02
CA GLU C 148 9.33 28.44 -6.92
C GLU C 148 10.69 29.10 -6.64
N TRP C 149 11.67 28.29 -6.22
CA TRP C 149 13.07 28.68 -5.98
C TRP C 149 13.19 29.86 -4.99
N ASN C 150 12.44 29.83 -3.86
CA ASN C 150 12.47 30.90 -2.83
C ASN C 150 13.73 30.73 -1.99
N ILE C 151 14.68 31.68 -2.09
CA ILE C 151 16.00 31.67 -1.39
C ILE C 151 15.82 31.60 0.14
N GLY C 152 14.71 32.14 0.61
CA GLY C 152 14.36 32.13 2.04
C GLY C 152 13.87 30.80 2.56
N ARG C 153 13.22 30.00 1.69
CA ARG C 153 12.62 28.70 2.04
C ARG C 153 12.78 27.64 0.92
N LEU C 154 14.03 27.22 0.68
CA LEU C 154 14.39 26.27 -0.38
C LEU C 154 13.94 24.82 -0.18
N ARG C 155 13.54 24.43 1.04
CA ARG C 155 13.05 23.07 1.34
C ARG C 155 14.10 21.94 1.09
N THR C 156 15.40 22.21 1.32
CA THR C 156 16.42 21.16 1.16
C THR C 156 16.71 20.49 2.52
N ILE C 157 17.62 19.48 2.56
CA ILE C 157 17.97 18.78 3.80
C ILE C 157 18.75 19.66 4.81
N LEU C 158 19.23 20.85 4.38
CA LEU C 158 19.93 21.79 5.26
C LEU C 158 18.96 22.32 6.36
N ASP C 159 17.64 22.22 6.11
CA ASP C 159 16.58 22.64 7.02
C ASP C 159 16.66 21.97 8.37
N LEU C 160 17.30 20.76 8.41
CA LEU C 160 17.57 19.92 9.58
C LEU C 160 18.38 20.64 10.69
N VAL C 161 19.22 21.65 10.31
CA VAL C 161 20.03 22.45 11.24
C VAL C 161 19.08 23.26 12.17
N GLU C 162 18.21 24.12 11.61
CA GLU C 162 17.28 24.91 12.41
C GLU C 162 16.10 24.09 12.93
N LYS C 163 15.79 22.96 12.27
CA LYS C 163 14.67 22.10 12.65
C LYS C 163 15.03 21.12 13.78
N GLU C 164 16.13 20.36 13.65
CA GLU C 164 16.58 19.40 14.66
C GLU C 164 17.46 20.04 15.75
N SER C 165 18.46 20.86 15.35
CA SER C 165 19.39 21.50 16.30
C SER C 165 18.86 22.81 16.88
N GLY C 166 18.08 23.54 16.09
CA GLY C 166 17.50 24.82 16.47
C GLY C 166 18.33 25.99 15.98
N ILE C 167 19.64 25.75 15.81
CA ILE C 167 20.68 26.71 15.40
C ILE C 167 20.36 27.49 14.08
N THR C 168 20.43 28.84 14.16
CA THR C 168 20.26 29.76 13.04
C THR C 168 21.62 30.37 12.65
N ILE C 169 22.00 30.24 11.38
CA ILE C 169 23.25 30.76 10.84
C ILE C 169 22.91 31.74 9.71
N GLU C 170 22.87 33.06 10.04
CA GLU C 170 22.56 34.17 9.12
C GLU C 170 23.43 34.08 7.86
N GLY C 171 22.77 34.04 6.70
CA GLY C 171 23.43 33.89 5.41
C GLY C 171 23.57 32.44 4.96
N VAL C 172 23.75 31.50 5.91
CA VAL C 172 23.92 30.05 5.66
C VAL C 172 22.55 29.36 5.52
N ASN C 173 21.67 29.46 6.53
CA ASN C 173 20.32 28.91 6.43
C ASN C 173 19.22 30.01 6.44
N THR C 174 19.64 31.29 6.31
CA THR C 174 18.77 32.48 6.22
C THR C 174 19.21 33.26 4.97
N PRO C 175 18.37 34.06 4.27
CA PRO C 175 18.88 34.77 3.08
C PRO C 175 19.64 36.03 3.43
N TYR C 176 20.57 36.37 2.52
CA TYR C 176 21.41 37.56 2.56
C TYR C 176 21.20 38.35 1.28
N LEU C 177 21.28 39.68 1.38
CA LEU C 177 21.16 40.58 0.25
C LEU C 177 22.49 41.26 0.06
N TYR C 178 22.94 41.37 -1.21
CA TYR C 178 24.21 41.97 -1.63
C TYR C 178 23.98 43.08 -2.63
N PHE C 179 24.19 44.34 -2.19
CA PHE C 179 24.07 45.50 -3.02
C PHE C 179 25.45 45.79 -3.54
N GLY C 180 25.63 45.60 -4.85
CA GLY C 180 26.90 45.83 -5.51
C GLY C 180 27.05 47.13 -6.27
N MET C 181 28.32 47.48 -6.59
CA MET C 181 28.69 48.60 -7.41
C MET C 181 29.89 48.19 -8.28
N TRP C 182 30.25 48.97 -9.30
CA TRP C 182 31.39 48.66 -10.16
C TRP C 182 32.66 48.40 -9.34
N LYS C 183 33.33 47.27 -9.65
CA LYS C 183 34.61 46.90 -9.02
C LYS C 183 34.48 46.29 -7.64
N THR C 184 33.24 46.11 -7.13
CA THR C 184 33.08 45.45 -5.86
C THR C 184 33.27 44.00 -6.17
N SER C 185 33.87 43.27 -5.25
CA SER C 185 34.20 41.89 -5.54
C SER C 185 34.14 40.88 -4.42
N PHE C 186 34.15 39.62 -4.81
CA PHE C 186 34.20 38.52 -3.88
C PHE C 186 35.46 37.71 -4.14
N ALA C 187 36.20 37.46 -3.08
CA ALA C 187 37.45 36.75 -3.14
C ALA C 187 37.32 35.26 -3.32
N TRP C 188 38.43 34.61 -3.66
CA TRP C 188 38.44 33.15 -3.83
C TRP C 188 38.04 32.41 -2.55
N HIS C 189 37.00 31.56 -2.65
CA HIS C 189 36.49 30.83 -1.51
C HIS C 189 35.58 29.70 -1.94
N THR C 190 35.32 28.76 -1.00
CA THR C 190 34.32 27.70 -1.10
C THR C 190 33.27 28.15 -0.04
N GLU C 191 32.10 27.49 -0.01
CA GLU C 191 31.06 27.83 0.94
C GLU C 191 31.37 27.32 2.34
N ASP C 192 30.71 27.88 3.37
CA ASP C 192 30.89 27.40 4.74
C ASP C 192 30.45 25.93 4.78
N MET C 193 31.29 25.06 5.41
CA MET C 193 31.11 23.61 5.53
C MET C 193 31.12 22.92 4.15
N ASP C 194 31.67 23.61 3.13
CA ASP C 194 31.70 23.20 1.71
C ASP C 194 30.28 22.88 1.20
N LEU C 195 29.31 23.74 1.56
CA LEU C 195 27.91 23.60 1.18
C LEU C 195 27.73 24.07 -0.26
N TYR C 196 26.52 23.98 -0.78
CA TYR C 196 26.14 24.52 -2.09
C TYR C 196 25.69 25.92 -1.79
N SER C 197 25.49 26.74 -2.83
CA SER C 197 24.91 28.06 -2.72
C SER C 197 24.07 28.39 -3.96
N ILE C 198 23.14 29.33 -3.78
CA ILE C 198 22.24 29.82 -4.80
C ILE C 198 22.35 31.32 -4.77
N ASN C 199 22.46 31.94 -5.95
CA ASN C 199 22.59 33.38 -6.10
C ASN C 199 21.64 33.86 -7.18
N TYR C 200 20.68 34.70 -6.81
CA TYR C 200 19.74 35.31 -7.75
C TYR C 200 20.03 36.80 -7.91
N LEU C 201 20.21 37.25 -9.16
CA LEU C 201 20.44 38.67 -9.46
C LEU C 201 19.10 39.35 -9.62
N HIS C 202 18.60 39.99 -8.56
CA HIS C 202 17.32 40.65 -8.60
C HIS C 202 17.19 41.69 -9.70
N PHE C 203 18.16 42.64 -9.75
CA PHE C 203 18.16 43.72 -10.73
C PHE C 203 19.55 44.32 -10.87
N GLY C 204 19.71 45.18 -11.89
CA GLY C 204 20.95 45.91 -12.10
C GLY C 204 21.93 45.35 -13.10
N GLU C 205 23.16 45.89 -13.04
CA GLU C 205 24.28 45.54 -13.90
C GLU C 205 24.77 44.12 -13.63
N PRO C 206 25.39 43.44 -14.62
CA PRO C 206 25.86 42.06 -14.40
C PRO C 206 26.86 41.84 -13.28
N LYS C 207 27.07 40.54 -12.99
CA LYS C 207 28.01 40.00 -12.01
C LYS C 207 28.84 38.92 -12.73
N SER C 208 30.18 39.09 -12.74
CA SER C 208 31.06 38.15 -13.42
C SER C 208 31.76 37.23 -12.45
N TRP C 209 31.81 35.96 -12.81
CA TRP C 209 32.29 34.91 -11.96
C TRP C 209 33.42 34.15 -12.56
N TYR C 210 34.32 33.62 -11.71
CA TYR C 210 35.42 32.70 -12.01
C TYR C 210 35.21 31.49 -11.11
N SER C 211 35.53 30.30 -11.61
CA SER C 211 35.40 29.05 -10.88
C SER C 211 36.56 28.10 -11.16
N VAL C 212 36.94 27.27 -10.17
CA VAL C 212 37.94 26.20 -10.30
C VAL C 212 37.17 24.90 -10.04
N PRO C 213 37.17 23.93 -10.98
CA PRO C 213 36.42 22.69 -10.73
C PRO C 213 36.83 22.07 -9.39
N PRO C 214 35.87 21.55 -8.58
CA PRO C 214 36.22 20.89 -7.32
C PRO C 214 37.37 19.89 -7.37
N GLU C 215 37.52 19.15 -8.48
CA GLU C 215 38.60 18.17 -8.64
C GLU C 215 40.00 18.80 -8.72
N HIS C 216 40.06 20.13 -8.98
CA HIS C 216 41.31 20.88 -9.07
C HIS C 216 41.45 21.90 -7.95
N GLY C 217 40.53 21.85 -6.99
CA GLY C 217 40.50 22.75 -5.84
C GLY C 217 41.73 22.72 -4.95
N LYS C 218 42.32 21.51 -4.75
CA LYS C 218 43.53 21.35 -3.92
C LYS C 218 44.76 22.04 -4.54
N ARG C 219 44.76 22.20 -5.88
CA ARG C 219 45.82 22.87 -6.64
C ARG C 219 45.82 24.39 -6.36
N LEU C 220 44.62 25.01 -6.33
CA LEU C 220 44.44 26.44 -6.02
C LEU C 220 44.95 26.70 -4.60
N GLU C 221 44.62 25.80 -3.67
CA GLU C 221 45.04 25.85 -2.27
C GLU C 221 46.57 25.79 -2.17
N ARG C 222 47.25 24.81 -2.86
CA ARG C 222 48.72 24.69 -2.87
C ARG C 222 49.35 25.96 -3.43
N LEU C 223 48.72 26.54 -4.50
CA LEU C 223 49.14 27.78 -5.14
C LEU C 223 49.07 28.94 -4.13
N ALA C 224 47.85 29.24 -3.61
CA ALA C 224 47.58 30.28 -2.62
C ALA C 224 48.46 30.14 -1.38
N LYS C 225 48.73 28.90 -0.91
CA LYS C 225 49.62 28.64 0.25
C LYS C 225 51.05 29.09 -0.05
N GLY C 226 51.58 28.74 -1.22
CA GLY C 226 52.92 29.14 -1.65
C GLY C 226 53.14 30.63 -1.79
N PHE C 227 52.07 31.39 -2.14
CA PHE C 227 52.10 32.84 -2.31
C PHE C 227 52.02 33.56 -1.00
N PHE C 228 51.17 33.08 -0.08
CA PHE C 228 50.94 33.64 1.24
C PHE C 228 51.39 32.63 2.31
N PRO C 229 52.74 32.45 2.51
CA PRO C 229 53.20 31.46 3.52
C PRO C 229 52.92 31.87 4.98
N GLY C 230 52.73 33.18 5.21
CA GLY C 230 52.40 33.74 6.51
C GLY C 230 50.98 33.40 6.93
N SER C 231 50.00 33.67 6.03
CA SER C 231 48.56 33.43 6.22
C SER C 231 48.24 31.93 6.40
N ALA C 232 48.96 31.05 5.68
CA ALA C 232 48.80 29.60 5.73
C ALA C 232 49.31 28.97 7.05
N GLN C 233 50.37 29.57 7.66
CA GLN C 233 50.94 29.11 8.93
C GLN C 233 50.01 29.49 10.11
N SER C 234 49.23 30.58 9.92
CA SER C 234 48.28 31.15 10.89
C SER C 234 46.88 30.53 10.83
N CYS C 235 46.51 29.92 9.68
CA CYS C 235 45.19 29.32 9.50
C CYS C 235 45.22 28.12 8.54
N GLU C 236 44.54 27.00 8.94
CA GLU C 236 44.39 25.76 8.15
C GLU C 236 43.64 26.03 6.84
N ALA C 237 42.63 26.91 6.87
CA ALA C 237 41.82 27.28 5.72
C ALA C 237 41.75 28.82 5.58
N PHE C 238 42.93 29.47 5.35
CA PHE C 238 43.04 30.93 5.25
C PHE C 238 42.21 31.56 4.08
N LEU C 239 41.90 30.79 2.99
CA LEU C 239 41.09 31.34 1.89
C LEU C 239 39.65 31.60 2.34
N ARG C 240 39.23 31.00 3.50
CA ARG C 240 37.89 31.19 4.11
C ARG C 240 37.72 32.62 4.63
N HIS C 241 38.85 33.35 4.80
CA HIS C 241 38.83 34.76 5.22
C HIS C 241 38.24 35.64 4.11
N LYS C 242 38.14 35.12 2.86
CA LYS C 242 37.55 35.80 1.69
C LYS C 242 38.25 37.14 1.44
N MET C 243 39.60 37.10 1.42
CA MET C 243 40.46 38.27 1.24
C MET C 243 41.41 38.15 0.04
N THR C 244 41.61 36.94 -0.49
CA THR C 244 42.59 36.67 -1.55
C THR C 244 41.98 36.76 -2.96
N LEU C 245 42.46 37.74 -3.76
CA LEU C 245 42.07 37.92 -5.15
C LEU C 245 43.23 37.44 -6.06
N ILE C 246 42.94 36.53 -7.01
CA ILE C 246 43.91 35.94 -7.94
C ILE C 246 43.32 36.04 -9.38
N SER C 247 44.00 36.75 -10.30
CA SER C 247 43.51 37.00 -11.67
C SER C 247 43.48 35.76 -12.56
N PRO C 248 42.56 35.69 -13.58
CA PRO C 248 42.57 34.53 -14.50
C PRO C 248 43.94 34.25 -15.12
N LEU C 249 44.72 35.33 -15.46
CA LEU C 249 46.07 35.27 -16.05
C LEU C 249 47.03 34.58 -15.12
N MET C 250 46.92 34.83 -13.81
CA MET C 250 47.73 34.23 -12.74
C MET C 250 47.44 32.69 -12.66
N LEU C 251 46.16 32.30 -12.81
CA LEU C 251 45.69 30.91 -12.82
C LEU C 251 46.23 30.22 -14.06
N LYS C 252 46.09 30.89 -15.23
CA LYS C 252 46.55 30.44 -16.54
C LYS C 252 48.07 30.18 -16.47
N LYS C 253 48.80 31.09 -15.79
CA LYS C 253 50.26 31.03 -15.61
C LYS C 253 50.73 29.79 -14.85
N TYR C 254 50.04 29.39 -13.78
CA TYR C 254 50.43 28.25 -12.96
C TYR C 254 49.64 26.97 -13.27
N GLY C 255 49.00 26.93 -14.43
CA GLY C 255 48.23 25.80 -14.90
C GLY C 255 47.06 25.38 -14.03
N ILE C 256 46.35 26.34 -13.41
CA ILE C 256 45.16 26.03 -12.63
C ILE C 256 43.96 26.05 -13.63
N PRO C 257 43.26 24.90 -13.84
CA PRO C 257 42.12 24.90 -14.78
C PRO C 257 41.00 25.72 -14.17
N PHE C 258 40.32 26.54 -15.01
CA PHE C 258 39.24 27.43 -14.54
C PHE C 258 38.30 27.80 -15.67
N ASP C 259 37.14 28.38 -15.33
CA ASP C 259 36.20 28.87 -16.32
C ASP C 259 35.64 30.23 -15.88
N LYS C 260 34.98 30.96 -16.80
CA LYS C 260 34.35 32.23 -16.44
C LYS C 260 32.92 32.30 -16.98
N VAL C 261 32.07 33.10 -16.31
CA VAL C 261 30.68 33.31 -16.68
C VAL C 261 30.17 34.65 -16.18
N THR C 262 29.25 35.28 -16.95
CA THR C 262 28.61 36.54 -16.57
C THR C 262 27.12 36.31 -16.24
N GLN C 263 26.73 36.68 -15.04
CA GLN C 263 25.35 36.61 -14.56
C GLN C 263 24.67 37.95 -14.84
N GLU C 264 23.55 37.88 -15.53
CA GLU C 264 22.77 39.07 -15.87
C GLU C 264 21.53 39.09 -14.96
N ALA C 265 20.83 40.24 -14.87
CA ALA C 265 19.68 40.34 -13.99
C ALA C 265 18.61 39.33 -14.36
N GLY C 266 18.00 38.72 -13.36
CA GLY C 266 16.98 37.68 -13.55
C GLY C 266 17.56 36.28 -13.75
N GLU C 267 18.86 36.07 -13.39
CA GLU C 267 19.50 34.76 -13.55
C GLU C 267 20.01 34.22 -12.23
N PHE C 268 20.07 32.89 -12.15
CA PHE C 268 20.55 32.16 -10.98
C PHE C 268 21.90 31.56 -11.26
N MET C 269 22.77 31.54 -10.22
CA MET C 269 24.07 30.86 -10.23
C MET C 269 24.05 29.86 -9.06
N ILE C 270 24.41 28.59 -9.36
CA ILE C 270 24.51 27.51 -8.38
C ILE C 270 25.99 27.16 -8.20
N THR C 271 26.48 27.20 -6.95
CA THR C 271 27.85 26.81 -6.62
C THR C 271 27.71 25.44 -5.93
N PHE C 272 28.63 24.53 -6.23
CA PHE C 272 28.59 23.16 -5.75
C PHE C 272 29.60 22.88 -4.63
N PRO C 273 29.40 21.83 -3.81
CA PRO C 273 30.38 21.54 -2.74
C PRO C 273 31.83 21.53 -3.21
N TYR C 274 32.67 22.35 -2.54
CA TYR C 274 34.11 22.50 -2.75
C TYR C 274 34.45 23.18 -4.08
N GLY C 275 33.48 23.89 -4.65
CA GLY C 275 33.69 24.68 -5.86
C GLY C 275 34.21 26.06 -5.49
N TYR C 276 35.49 26.32 -5.77
CA TYR C 276 36.10 27.64 -5.51
C TYR C 276 35.63 28.67 -6.49
N HIS C 277 35.18 29.82 -6.00
CA HIS C 277 34.72 30.92 -6.87
C HIS C 277 35.18 32.27 -6.37
N ALA C 278 35.21 33.25 -7.27
CA ALA C 278 35.51 34.65 -6.99
C ALA C 278 34.89 35.35 -8.16
N GLY C 279 34.79 36.66 -8.09
CA GLY C 279 34.21 37.46 -9.15
C GLY C 279 34.10 38.93 -8.80
N PHE C 280 33.37 39.71 -9.66
CA PHE C 280 33.21 41.14 -9.47
C PHE C 280 31.91 41.64 -10.06
N ASN C 281 31.49 42.83 -9.59
CA ASN C 281 30.28 43.51 -10.03
C ASN C 281 30.60 44.58 -11.02
N HIS C 282 29.80 44.60 -12.09
CA HIS C 282 29.91 45.54 -13.20
C HIS C 282 29.40 46.89 -12.80
N GLY C 283 28.40 46.94 -11.94
CA GLY C 283 27.81 48.20 -11.51
C GLY C 283 26.70 47.98 -10.52
N PHE C 284 25.85 49.02 -10.31
CA PHE C 284 24.77 48.96 -9.35
C PHE C 284 23.82 47.78 -9.58
N ASN C 285 23.76 46.87 -8.59
CA ASN C 285 22.91 45.66 -8.63
C ASN C 285 22.46 45.16 -7.26
N CYS C 286 21.71 44.08 -7.24
CA CYS C 286 21.24 43.47 -6.01
C CYS C 286 21.11 41.99 -6.23
N ALA C 287 21.79 41.17 -5.41
CA ALA C 287 21.77 39.70 -5.45
C ALA C 287 21.31 39.16 -4.14
N GLU C 288 20.54 38.06 -4.17
CA GLU C 288 20.07 37.37 -2.96
C GLU C 288 20.76 36.00 -2.92
N SER C 289 21.31 35.65 -1.76
CA SER C 289 22.09 34.43 -1.58
C SER C 289 21.78 33.67 -0.30
N THR C 290 22.00 32.34 -0.35
CA THR C 290 21.88 31.39 0.77
C THR C 290 22.61 30.09 0.42
N ASN C 291 22.77 29.20 1.41
CA ASN C 291 23.37 27.89 1.22
C ASN C 291 22.27 26.86 1.28
N PHE C 292 22.49 25.69 0.67
CA PHE C 292 21.57 24.56 0.70
C PHE C 292 22.42 23.27 0.58
N ALA C 293 21.79 22.09 0.68
CA ALA C 293 22.46 20.81 0.60
C ALA C 293 21.65 19.76 -0.16
N THR C 294 22.29 18.64 -0.50
CA THR C 294 21.74 17.43 -1.12
C THR C 294 22.38 16.30 -0.32
N ARG C 295 21.93 15.04 -0.50
CA ARG C 295 22.53 13.91 0.20
C ARG C 295 24.08 13.80 -0.03
N ARG C 296 24.54 14.09 -1.27
CA ARG C 296 25.94 14.10 -1.70
C ARG C 296 26.82 15.00 -0.78
N TRP C 297 26.29 16.17 -0.38
CA TRP C 297 26.98 17.13 0.45
C TRP C 297 27.48 16.59 1.80
N ILE C 298 26.71 15.69 2.43
CA ILE C 298 27.04 15.14 3.74
C ILE C 298 28.53 14.76 3.86
N GLU C 299 29.07 14.00 2.90
CA GLU C 299 30.49 13.61 2.93
C GLU C 299 31.45 14.80 2.95
N TYR C 300 31.10 15.88 2.19
CA TYR C 300 31.83 17.15 2.08
C TYR C 300 31.88 17.91 3.38
N GLY C 301 30.77 17.85 4.17
CA GLY C 301 30.63 18.48 5.47
C GLY C 301 31.48 17.79 6.52
N LYS C 302 31.52 16.44 6.46
CA LYS C 302 32.31 15.54 7.32
C LYS C 302 33.82 15.80 7.12
N GLN C 303 34.24 16.05 5.86
CA GLN C 303 35.64 16.23 5.48
C GLN C 303 36.12 17.70 5.40
N ALA C 304 35.21 18.69 5.51
CA ALA C 304 35.52 20.13 5.41
C ALA C 304 36.58 20.63 6.40
N VAL C 305 37.63 21.32 5.87
CA VAL C 305 38.70 21.95 6.65
C VAL C 305 38.23 23.38 6.93
N LEU C 306 38.08 23.72 8.20
CA LEU C 306 37.57 25.02 8.63
C LEU C 306 38.64 26.00 9.08
N CYS C 307 38.25 27.29 9.18
CA CYS C 307 39.10 28.39 9.64
C CYS C 307 39.40 28.20 11.14
N SER C 308 40.70 28.07 11.49
CA SER C 308 41.15 27.83 12.86
C SER C 308 41.30 29.10 13.73
N CYS C 309 42.00 30.14 13.23
CA CYS C 309 42.32 31.39 13.94
C CYS C 309 41.11 32.23 14.40
N ARG C 310 39.99 32.24 13.64
CA ARG C 310 38.82 33.05 13.99
C ARG C 310 37.81 32.34 14.87
N LYS C 311 37.40 33.03 15.94
CA LYS C 311 36.36 32.65 16.88
C LYS C 311 35.09 33.20 16.21
N ASP C 312 33.94 32.55 16.44
CA ASP C 312 32.64 32.88 15.82
C ASP C 312 32.56 32.40 14.33
N MET C 313 33.57 31.62 13.81
CA MET C 313 33.56 31.01 12.46
C MET C 313 32.38 30.02 12.40
N VAL C 314 32.00 29.54 11.19
CA VAL C 314 30.83 28.65 11.00
C VAL C 314 31.17 27.16 10.99
N LYS C 315 30.66 26.42 12.01
CA LYS C 315 30.76 24.97 12.18
C LYS C 315 29.36 24.38 12.44
N ILE C 316 28.95 23.44 11.59
CA ILE C 316 27.66 22.74 11.66
C ILE C 316 27.95 21.33 12.16
N SER C 317 27.20 20.87 13.19
CA SER C 317 27.35 19.52 13.73
C SER C 317 26.82 18.54 12.66
N MET C 318 27.68 17.60 12.23
CA MET C 318 27.35 16.63 11.19
C MET C 318 26.60 15.40 11.70
N ASP C 319 26.52 15.26 13.03
CA ASP C 319 25.88 14.14 13.72
C ASP C 319 24.46 13.84 13.21
N VAL C 320 23.60 14.86 13.19
CA VAL C 320 22.20 14.78 12.75
C VAL C 320 22.07 14.22 11.30
N PHE C 321 22.99 14.62 10.40
CA PHE C 321 23.02 14.19 9.00
C PHE C 321 23.50 12.73 8.86
N VAL C 322 24.59 12.35 9.57
CA VAL C 322 25.13 10.99 9.52
C VAL C 322 24.07 10.01 10.06
N ARG C 323 23.56 10.25 11.30
CA ARG C 323 22.52 9.40 11.92
C ARG C 323 21.23 9.21 11.06
N LYS C 324 20.88 10.19 10.18
CA LYS C 324 19.67 10.15 9.33
C LYS C 324 19.90 9.60 7.91
N PHE C 325 21.06 9.88 7.30
CA PHE C 325 21.30 9.49 5.90
C PHE C 325 22.41 8.45 5.69
N GLN C 326 23.29 8.27 6.69
CA GLN C 326 24.34 7.25 6.66
C GLN C 326 24.26 6.43 8.00
N PRO C 327 23.11 5.78 8.35
CA PRO C 327 23.04 5.10 9.65
C PRO C 327 24.05 3.98 9.80
N GLU C 328 24.36 3.28 8.68
CA GLU C 328 25.33 2.18 8.60
C GLU C 328 26.73 2.65 8.96
N ARG C 329 27.06 3.91 8.58
CA ARG C 329 28.36 4.55 8.79
C ARG C 329 28.48 5.32 10.12
N TYR C 330 27.34 5.54 10.82
CA TYR C 330 27.26 6.33 12.06
C TYR C 330 28.26 5.91 13.16
N LYS C 331 28.38 4.60 13.45
CA LYS C 331 29.31 4.10 14.46
C LYS C 331 30.76 4.26 13.99
N LEU C 332 31.05 3.88 12.73
CA LEU C 332 32.36 3.98 12.09
C LEU C 332 32.89 5.43 12.08
N TRP C 333 32.02 6.40 11.70
CA TRP C 333 32.35 7.85 11.61
C TRP C 333 32.64 8.46 13.00
N LYS C 334 31.88 8.04 14.02
CA LYS C 334 32.06 8.50 15.39
C LYS C 334 33.36 7.96 16.00
N ALA C 335 33.75 6.72 15.59
CA ALA C 335 34.99 6.04 16.00
C ALA C 335 36.20 6.62 15.26
N GLY C 336 35.94 7.33 14.16
CA GLY C 336 36.97 7.94 13.32
C GLY C 336 37.56 7.00 12.29
N LYS C 337 36.89 5.85 12.06
CA LYS C 337 37.33 4.82 11.12
C LYS C 337 36.69 4.94 9.70
N ASP C 338 35.96 6.05 9.42
CA ASP C 338 35.34 6.30 8.11
C ASP C 338 36.36 6.94 7.14
N ASN C 339 37.07 6.06 6.39
CA ASN C 339 38.12 6.42 5.44
C ASN C 339 37.63 6.80 4.03
N THR C 340 36.30 7.06 3.86
CA THR C 340 35.67 7.43 2.59
C THR C 340 36.41 8.55 1.87
N VAL C 341 36.78 8.28 0.61
CA VAL C 341 37.46 9.23 -0.26
C VAL C 341 36.41 9.79 -1.23
N ILE C 342 36.32 11.13 -1.30
CA ILE C 342 35.35 11.82 -2.14
C ILE C 342 35.72 11.77 -3.62
N ASP C 343 34.75 11.35 -4.47
CA ASP C 343 34.86 11.38 -5.92
C ASP C 343 34.04 12.64 -6.34
N HIS C 344 34.73 13.73 -6.76
CA HIS C 344 34.06 14.99 -7.12
C HIS C 344 33.21 14.91 -8.40
N THR C 345 33.47 13.88 -9.25
CA THR C 345 32.77 13.66 -10.53
C THR C 345 31.39 13.03 -10.36
N LEU C 346 31.17 12.35 -9.23
CA LEU C 346 29.94 11.64 -8.91
C LEU C 346 28.74 12.54 -8.59
N PRO C 347 27.57 12.37 -9.26
CA PRO C 347 26.41 13.20 -8.92
C PRO C 347 25.70 12.71 -7.66
N THR C 348 24.77 13.54 -7.14
CA THR C 348 24.01 13.27 -5.90
C THR C 348 23.15 11.97 -6.06
N PRO C 349 22.98 11.12 -5.02
CA PRO C 349 22.17 9.90 -5.21
C PRO C 349 20.77 10.14 -5.81
N GLU C 350 20.16 11.33 -5.53
CA GLU C 350 18.85 11.82 -5.98
C GLU C 350 18.72 11.91 -7.52
N ALA C 351 19.87 11.99 -8.21
CA ALA C 351 19.93 12.08 -9.65
C ALA C 351 19.70 10.72 -10.33
N ALA C 352 19.65 9.60 -9.54
CA ALA C 352 19.50 8.21 -10.01
C ALA C 352 18.36 8.00 -11.01
N GLU C 353 17.24 8.75 -10.83
CA GLU C 353 16.05 8.74 -11.69
C GLU C 353 16.29 9.32 -13.10
N PHE C 354 17.35 10.12 -13.27
CA PHE C 354 17.75 10.75 -14.54
C PHE C 354 18.92 9.98 -15.19
N LEU C 355 19.48 9.01 -14.44
CA LEU C 355 20.62 8.18 -14.86
C LEU C 355 20.21 6.73 -15.26
N LYS C 356 18.90 6.42 -15.28
CA LYS C 356 18.35 5.11 -15.66
C LYS C 356 18.35 4.92 -17.17
N SER D 6 -14.29 -54.07 17.24
CA SER D 6 -13.76 -52.70 17.34
C SER D 6 -14.54 -51.84 18.36
N GLU D 7 -15.89 -51.97 18.35
CA GLU D 7 -16.80 -51.25 19.24
C GLU D 7 -16.71 -51.75 20.71
N THR D 8 -16.13 -52.95 20.90
CA THR D 8 -15.93 -53.61 22.19
C THR D 8 -14.71 -53.05 22.92
N LEU D 9 -13.69 -52.54 22.16
CA LEU D 9 -12.46 -51.94 22.70
C LEU D 9 -12.63 -50.44 22.87
N ASN D 10 -12.26 -49.91 24.07
CA ASN D 10 -12.41 -48.51 24.49
C ASN D 10 -13.86 -48.03 24.20
N PRO D 11 -14.91 -48.74 24.72
CA PRO D 11 -16.30 -48.31 24.41
C PRO D 11 -16.67 -46.92 24.89
N SER D 12 -15.94 -46.43 25.88
CA SER D 12 -16.11 -45.12 26.53
C SER D 12 -15.44 -44.01 25.74
N ALA D 13 -14.47 -44.38 24.88
CA ALA D 13 -13.63 -43.50 24.08
C ALA D 13 -12.84 -42.50 24.96
N ARG D 14 -12.24 -43.02 26.07
CA ARG D 14 -11.45 -42.22 27.02
C ARG D 14 -9.99 -42.23 26.58
N ILE D 15 -9.24 -41.14 26.86
CA ILE D 15 -7.82 -40.96 26.51
C ILE D 15 -7.04 -42.04 27.23
N MET D 16 -6.24 -42.79 26.49
CA MET D 16 -5.45 -43.86 27.03
C MET D 16 -3.97 -43.45 27.12
N THR D 17 -3.23 -43.95 28.17
CA THR D 17 -1.81 -43.65 28.36
C THR D 17 -1.00 -44.91 28.14
N PHE D 18 0.08 -44.84 27.36
CA PHE D 18 0.93 -45.98 27.05
C PHE D 18 2.36 -45.80 27.58
N TYR D 19 2.93 -46.91 28.09
CA TYR D 19 4.30 -46.96 28.64
C TYR D 19 5.13 -48.00 27.89
N PRO D 20 5.56 -47.70 26.63
CA PRO D 20 6.34 -48.69 25.87
C PRO D 20 7.75 -48.91 26.40
N THR D 21 8.24 -50.16 26.26
CA THR D 21 9.60 -50.55 26.64
C THR D 21 10.53 -49.94 25.59
N MET D 22 11.84 -50.21 25.65
CA MET D 22 12.74 -49.69 24.63
C MET D 22 12.58 -50.46 23.29
N GLU D 23 12.28 -51.79 23.35
CA GLU D 23 12.05 -52.62 22.17
C GLU D 23 10.76 -52.18 21.44
N GLU D 24 9.68 -51.92 22.22
CA GLU D 24 8.35 -51.47 21.77
C GLU D 24 8.40 -50.08 21.14
N PHE D 25 9.21 -49.17 21.72
CA PHE D 25 9.40 -47.77 21.32
C PHE D 25 10.20 -47.58 20.04
N ARG D 26 11.11 -48.52 19.70
CA ARG D 26 11.99 -48.43 18.51
C ARG D 26 11.26 -48.36 17.15
N ASN D 27 10.11 -49.06 16.98
CA ASN D 27 9.35 -48.98 15.74
C ASN D 27 8.13 -48.06 15.95
N PHE D 28 8.19 -46.83 15.38
CA PHE D 28 7.15 -45.82 15.53
C PHE D 28 5.81 -46.27 14.97
N SER D 29 5.70 -46.43 13.64
CA SER D 29 4.50 -46.84 12.91
C SER D 29 3.89 -48.13 13.45
N ARG D 30 4.72 -49.03 14.03
CA ARG D 30 4.26 -50.29 14.63
C ARG D 30 3.56 -50.00 15.93
N TYR D 31 4.14 -49.11 16.76
CA TYR D 31 3.56 -48.77 18.06
C TYR D 31 2.24 -48.01 17.94
N ILE D 32 2.07 -47.19 16.86
CA ILE D 32 0.81 -46.49 16.55
C ILE D 32 -0.26 -47.54 16.22
N ALA D 33 0.09 -48.54 15.39
CA ALA D 33 -0.81 -49.63 15.01
C ALA D 33 -1.21 -50.39 16.28
N TYR D 34 -0.24 -50.61 17.22
CA TYR D 34 -0.50 -51.27 18.51
C TYR D 34 -1.47 -50.49 19.39
N ILE D 35 -1.25 -49.18 19.62
CA ILE D 35 -2.16 -48.39 20.44
C ILE D 35 -3.58 -48.33 19.82
N GLU D 36 -3.66 -48.37 18.48
CA GLU D 36 -4.93 -48.42 17.78
C GLU D 36 -5.65 -49.75 17.95
N SER D 37 -4.88 -50.86 18.07
CA SER D 37 -5.41 -52.21 18.33
C SER D 37 -6.09 -52.24 19.70
N GLN D 38 -5.60 -51.39 20.64
CA GLN D 38 -6.09 -51.20 22.02
C GLN D 38 -7.30 -50.27 22.11
N GLY D 39 -7.68 -49.62 21.01
CA GLY D 39 -8.77 -48.66 20.91
C GLY D 39 -8.45 -47.21 21.27
N ALA D 40 -7.14 -46.85 21.37
CA ALA D 40 -6.67 -45.50 21.71
C ALA D 40 -7.25 -44.42 20.81
N HIS D 41 -7.36 -44.73 19.50
CA HIS D 41 -7.85 -43.85 18.46
C HIS D 41 -9.23 -43.33 18.68
N ARG D 42 -10.09 -44.11 19.34
CA ARG D 42 -11.48 -43.76 19.60
C ARG D 42 -11.68 -42.45 20.35
N ALA D 43 -10.73 -42.10 21.27
CA ALA D 43 -10.75 -40.85 22.05
C ALA D 43 -10.34 -39.65 21.20
N GLY D 44 -9.55 -39.93 20.15
CA GLY D 44 -9.01 -38.96 19.21
C GLY D 44 -7.69 -38.38 19.69
N LEU D 45 -7.25 -38.77 20.90
CA LEU D 45 -6.07 -38.27 21.58
C LEU D 45 -5.53 -39.34 22.53
N ALA D 46 -4.20 -39.58 22.49
CA ALA D 46 -3.53 -40.59 23.34
C ALA D 46 -2.22 -40.08 23.86
N LYS D 47 -1.85 -40.48 25.09
CA LYS D 47 -0.57 -40.10 25.69
C LYS D 47 0.39 -41.27 25.64
N VAL D 48 1.65 -40.98 25.27
CA VAL D 48 2.70 -41.98 25.24
C VAL D 48 3.87 -41.49 26.09
N VAL D 49 4.14 -42.23 27.19
CA VAL D 49 5.24 -41.92 28.08
C VAL D 49 6.45 -42.76 27.61
N PRO D 50 7.51 -42.12 27.07
CA PRO D 50 8.65 -42.88 26.55
C PRO D 50 9.48 -43.63 27.62
N PRO D 51 10.31 -44.66 27.26
CA PRO D 51 11.19 -45.29 28.29
C PRO D 51 12.08 -44.25 28.98
N LYS D 52 12.38 -44.44 30.28
CA LYS D 52 13.20 -43.51 31.08
C LYS D 52 14.61 -43.27 30.52
N GLU D 53 15.18 -44.32 29.91
CA GLU D 53 16.52 -44.27 29.30
C GLU D 53 16.55 -43.42 28.02
N TRP D 54 15.38 -43.14 27.38
CA TRP D 54 15.27 -42.36 26.14
C TRP D 54 15.24 -40.87 26.37
N LYS D 55 16.01 -40.16 25.55
CA LYS D 55 16.18 -38.70 25.54
C LYS D 55 16.39 -38.24 24.10
N PRO D 56 15.66 -37.21 23.60
CA PRO D 56 15.94 -36.71 22.24
C PRO D 56 17.15 -35.75 22.16
N ARG D 57 17.59 -35.18 23.28
CA ARG D 57 18.67 -34.19 23.34
C ARG D 57 19.36 -34.27 24.71
N ALA D 58 20.68 -34.09 24.74
CA ALA D 58 21.47 -34.17 25.97
C ALA D 58 21.09 -33.13 26.99
N SER D 59 20.91 -31.85 26.58
CA SER D 59 20.48 -30.74 27.44
C SER D 59 19.82 -29.64 26.59
N TYR D 60 19.12 -28.69 27.24
CA TYR D 60 18.46 -27.59 26.53
C TYR D 60 19.07 -26.21 26.89
N ASP D 61 20.30 -26.18 27.45
CA ASP D 61 20.96 -24.92 27.84
C ASP D 61 21.50 -24.08 26.66
N ASP D 62 21.58 -24.67 25.46
CA ASP D 62 22.14 -24.04 24.28
C ASP D 62 21.11 -23.52 23.26
N ILE D 63 19.90 -23.11 23.70
CA ILE D 63 18.90 -22.65 22.72
C ILE D 63 18.45 -21.20 22.92
N ASP D 64 19.07 -20.47 23.86
CA ASP D 64 18.77 -19.07 24.15
C ASP D 64 18.78 -18.15 22.92
N ASP D 65 19.69 -18.41 21.95
CA ASP D 65 19.87 -17.64 20.72
C ASP D 65 18.98 -18.08 19.57
N LEU D 66 18.14 -19.11 19.80
CA LEU D 66 17.21 -19.63 18.80
C LEU D 66 16.15 -18.57 18.53
N VAL D 67 15.93 -18.27 17.23
CA VAL D 67 15.04 -17.20 16.78
C VAL D 67 13.62 -17.67 16.50
N ILE D 68 12.66 -16.99 17.15
CA ILE D 68 11.22 -17.12 16.94
C ILE D 68 10.92 -15.99 15.92
N PRO D 69 10.82 -16.33 14.61
CA PRO D 69 10.60 -15.30 13.59
C PRO D 69 9.30 -14.48 13.66
N ALA D 70 8.16 -15.12 13.94
CA ALA D 70 6.88 -14.42 13.97
C ALA D 70 6.08 -14.71 15.24
N PRO D 71 6.50 -14.13 16.40
CA PRO D 71 5.72 -14.33 17.64
C PRO D 71 4.35 -13.66 17.53
N ILE D 72 3.27 -14.32 18.01
CA ILE D 72 1.88 -13.82 17.93
C ILE D 72 1.33 -13.39 19.29
N GLN D 73 0.67 -12.24 19.35
CA GLN D 73 0.00 -11.80 20.57
C GLN D 73 -1.43 -12.34 20.40
N GLN D 74 -1.88 -13.15 21.37
CA GLN D 74 -3.19 -13.79 21.32
C GLN D 74 -4.28 -12.97 22.01
N LEU D 75 -5.08 -12.27 21.20
CA LEU D 75 -6.20 -11.43 21.63
C LEU D 75 -7.47 -12.27 21.61
N VAL D 76 -8.11 -12.48 22.77
CA VAL D 76 -9.34 -13.30 22.86
C VAL D 76 -10.54 -12.43 23.20
N THR D 77 -11.64 -12.62 22.43
CA THR D 77 -12.92 -11.91 22.58
C THR D 77 -14.03 -12.94 22.86
N GLY D 78 -14.93 -12.64 23.80
CA GLY D 78 -16.03 -13.53 24.14
C GLY D 78 -16.48 -13.53 25.59
N GLN D 79 -17.43 -14.42 25.91
CA GLN D 79 -17.99 -14.61 27.24
C GLN D 79 -18.71 -15.97 27.30
N SER D 80 -19.05 -16.41 28.53
CA SER D 80 -19.81 -17.64 28.82
C SER D 80 -19.30 -18.89 28.12
N GLY D 81 -17.99 -19.12 28.21
CA GLY D 81 -17.32 -20.29 27.64
C GLY D 81 -17.27 -20.41 26.13
N LEU D 82 -17.52 -19.33 25.41
CA LEU D 82 -17.55 -19.25 23.96
C LEU D 82 -16.72 -18.03 23.52
N PHE D 83 -15.60 -18.25 22.80
CA PHE D 83 -14.64 -17.20 22.42
C PHE D 83 -14.11 -17.30 20.99
N THR D 84 -13.57 -16.18 20.47
CA THR D 84 -12.87 -16.07 19.18
C THR D 84 -11.51 -15.49 19.48
N GLN D 85 -10.45 -16.12 18.97
CA GLN D 85 -9.05 -15.74 19.15
C GLN D 85 -8.45 -15.04 17.93
N TYR D 86 -7.72 -13.95 18.14
CA TYR D 86 -7.08 -13.13 17.11
C TYR D 86 -5.59 -13.09 17.35
N ASN D 87 -4.81 -13.25 16.28
CA ASN D 87 -3.36 -13.27 16.38
C ASN D 87 -2.78 -11.99 15.81
N ILE D 88 -1.99 -11.29 16.61
CA ILE D 88 -1.33 -10.06 16.19
C ILE D 88 0.15 -10.40 16.02
N GLN D 89 0.66 -10.32 14.78
CA GLN D 89 2.08 -10.63 14.57
C GLN D 89 2.97 -9.55 15.16
N LYS D 90 3.89 -9.99 16.02
CA LYS D 90 4.87 -9.18 16.70
C LYS D 90 6.27 -9.43 16.07
N LYS D 91 7.21 -8.51 16.30
CA LYS D 91 8.56 -8.59 15.75
C LYS D 91 9.27 -9.83 16.29
N ALA D 92 10.22 -10.35 15.49
CA ALA D 92 11.04 -11.53 15.79
C ALA D 92 11.81 -11.33 17.07
N MET D 93 11.81 -12.35 17.92
CA MET D 93 12.54 -12.38 19.18
C MET D 93 13.23 -13.72 19.36
N THR D 94 14.20 -13.77 20.27
CA THR D 94 14.95 -14.99 20.60
C THR D 94 14.22 -15.71 21.71
N VAL D 95 14.58 -16.99 21.96
CA VAL D 95 13.99 -17.77 23.06
C VAL D 95 14.35 -17.09 24.40
N ARG D 96 15.58 -16.49 24.54
CA ARG D 96 16.04 -15.77 25.72
C ARG D 96 15.08 -14.63 26.06
N GLU D 97 14.74 -13.81 25.03
CA GLU D 97 13.82 -12.67 25.11
C GLU D 97 12.41 -13.14 25.48
N PHE D 98 11.93 -14.22 24.82
CA PHE D 98 10.63 -14.82 25.07
C PHE D 98 10.51 -15.40 26.50
N ARG D 99 11.51 -16.19 26.97
CA ARG D 99 11.55 -16.75 28.32
C ARG D 99 11.46 -15.64 29.40
N LYS D 100 12.15 -14.49 29.16
CA LYS D 100 12.14 -13.32 30.07
C LYS D 100 10.70 -12.77 30.23
N ILE D 101 9.95 -12.58 29.10
CA ILE D 101 8.56 -12.10 29.08
C ILE D 101 7.66 -13.12 29.79
N ALA D 102 7.83 -14.42 29.47
CA ALA D 102 7.05 -15.52 30.05
C ALA D 102 7.11 -15.59 31.59
N ASN D 103 8.29 -15.34 32.21
CA ASN D 103 8.50 -15.42 33.66
C ASN D 103 8.38 -14.07 34.37
N SER D 104 8.01 -13.02 33.62
CA SER D 104 7.83 -11.68 34.15
C SER D 104 6.55 -11.63 34.98
N ASP D 105 6.47 -10.71 35.94
CA ASP D 105 5.31 -10.55 36.81
C ASP D 105 4.02 -10.38 36.04
N LYS D 106 4.04 -9.61 34.92
CA LYS D 106 2.87 -9.42 34.04
C LYS D 106 2.33 -10.74 33.42
N TYR D 107 3.23 -11.60 32.91
CA TYR D 107 2.85 -12.81 32.18
C TYR D 107 3.06 -14.17 32.88
N CYS D 108 3.67 -14.24 34.07
CA CYS D 108 3.92 -15.53 34.71
C CYS D 108 2.65 -16.24 35.18
N THR D 109 2.77 -17.56 35.39
CA THR D 109 1.72 -18.48 35.85
C THR D 109 1.23 -18.05 37.23
N PRO D 110 -0.11 -18.01 37.48
CA PRO D 110 -0.60 -17.69 38.84
C PRO D 110 -0.41 -18.88 39.81
N ARG D 111 -0.52 -18.64 41.13
CA ARG D 111 -0.39 -19.69 42.15
C ARG D 111 -1.58 -20.65 42.10
N TYR D 112 -1.32 -21.98 42.20
CA TYR D 112 -2.37 -23.01 42.18
C TYR D 112 -2.01 -24.30 42.93
N SER D 113 -3.03 -24.96 43.53
CA SER D 113 -2.92 -26.21 44.27
C SER D 113 -3.18 -27.40 43.31
N GLU D 114 -4.42 -27.52 42.79
CA GLU D 114 -4.83 -28.53 41.82
C GLU D 114 -4.92 -27.94 40.41
N PHE D 115 -4.95 -28.80 39.36
CA PHE D 115 -5.08 -28.37 37.96
C PHE D 115 -6.40 -27.63 37.75
N GLU D 116 -7.47 -28.12 38.41
CA GLU D 116 -8.82 -27.59 38.36
C GLU D 116 -8.84 -26.08 38.66
N GLU D 117 -7.99 -25.64 39.61
CA GLU D 117 -7.82 -24.25 40.04
C GLU D 117 -7.24 -23.43 38.88
N LEU D 118 -6.18 -23.95 38.24
CA LEU D 118 -5.53 -23.31 37.11
C LEU D 118 -6.43 -23.27 35.88
N GLU D 119 -7.25 -24.33 35.68
CA GLU D 119 -8.21 -24.45 34.59
C GLU D 119 -9.30 -23.37 34.78
N ARG D 120 -9.75 -23.16 36.02
CA ARG D 120 -10.74 -22.12 36.35
C ARG D 120 -10.12 -20.73 36.12
N LYS D 121 -8.84 -20.55 36.48
CA LYS D 121 -8.11 -19.29 36.30
C LYS D 121 -7.93 -18.95 34.83
N TYR D 122 -7.75 -19.99 34.00
CA TYR D 122 -7.59 -19.87 32.55
C TYR D 122 -8.87 -19.41 31.92
N TRP D 123 -9.98 -20.11 32.20
CA TRP D 123 -11.26 -19.80 31.58
C TRP D 123 -11.86 -18.49 32.14
N LYS D 124 -11.43 -18.06 33.33
CA LYS D 124 -11.87 -16.81 33.92
C LYS D 124 -11.07 -15.60 33.40
N ASN D 125 -9.80 -15.79 32.97
CA ASN D 125 -8.94 -14.68 32.54
C ASN D 125 -8.35 -14.71 31.14
N LEU D 126 -8.79 -15.65 30.27
CA LEU D 126 -8.20 -15.78 28.93
C LEU D 126 -8.33 -14.50 28.05
N THR D 127 -9.38 -13.68 28.27
CA THR D 127 -9.64 -12.43 27.53
C THR D 127 -8.81 -11.23 28.01
N PHE D 128 -8.09 -11.36 29.12
CA PHE D 128 -7.28 -10.26 29.64
C PHE D 128 -5.77 -10.47 29.49
N ASN D 129 -5.00 -9.38 29.48
CA ASN D 129 -3.55 -9.46 29.43
C ASN D 129 -3.04 -10.37 28.33
N PRO D 130 -3.38 -10.09 27.08
CA PRO D 130 -3.03 -11.05 26.00
C PRO D 130 -1.58 -11.56 26.00
N PRO D 131 -1.37 -12.90 26.01
CA PRO D 131 0.00 -13.43 26.02
C PRO D 131 0.63 -13.57 24.63
N ILE D 132 1.94 -13.86 24.58
CA ILE D 132 2.64 -14.05 23.32
C ILE D 132 2.91 -15.54 23.12
N TYR D 133 2.56 -16.05 21.93
CA TYR D 133 2.81 -17.43 21.56
C TYR D 133 3.95 -17.46 20.54
N GLY D 134 5.03 -18.15 20.87
CA GLY D 134 6.15 -18.31 19.96
C GLY D 134 5.94 -19.55 19.12
N ALA D 135 4.84 -19.53 18.31
CA ALA D 135 4.32 -20.64 17.50
C ALA D 135 4.85 -20.75 16.07
N ASP D 136 4.55 -21.93 15.46
CA ASP D 136 4.86 -22.35 14.09
C ASP D 136 6.31 -22.02 13.64
N VAL D 137 7.31 -22.26 14.53
CA VAL D 137 8.72 -22.01 14.25
C VAL D 137 9.33 -23.25 13.57
N ASN D 138 9.91 -23.08 12.39
CA ASN D 138 10.53 -24.19 11.65
C ASN D 138 11.82 -24.59 12.33
N GLY D 139 11.84 -25.82 12.83
CA GLY D 139 12.99 -26.39 13.51
C GLY D 139 12.73 -27.65 14.27
N THR D 140 13.80 -28.18 14.90
CA THR D 140 13.78 -29.38 15.72
C THR D 140 14.77 -29.24 16.90
N LEU D 141 14.52 -29.95 17.98
CA LEU D 141 15.41 -29.97 19.14
C LEU D 141 15.99 -31.38 19.34
N TYR D 142 15.69 -32.28 18.39
CA TYR D 142 16.24 -33.62 18.37
C TYR D 142 17.68 -33.56 17.88
N GLU D 143 18.56 -34.37 18.47
CA GLU D 143 19.95 -34.48 18.01
C GLU D 143 19.96 -35.42 16.80
N LYS D 144 20.85 -35.17 15.82
CA LYS D 144 20.96 -35.88 14.53
C LYS D 144 20.81 -37.42 14.59
N HIS D 145 21.48 -38.06 15.55
CA HIS D 145 21.55 -39.51 15.73
C HIS D 145 20.33 -40.20 16.38
N VAL D 146 19.38 -39.42 16.94
CA VAL D 146 18.16 -39.96 17.61
C VAL D 146 17.21 -40.62 16.57
N ASP D 147 17.24 -41.96 16.52
CA ASP D 147 16.42 -42.73 15.58
C ASP D 147 15.01 -42.97 16.06
N GLU D 148 14.82 -43.07 17.38
CA GLU D 148 13.54 -43.39 18.02
C GLU D 148 12.62 -42.18 18.13
N TRP D 149 11.46 -42.26 17.42
CA TRP D 149 10.38 -41.26 17.44
C TRP D 149 10.88 -39.86 17.07
N ASN D 150 11.70 -39.77 16.01
CA ASN D 150 12.24 -38.49 15.57
C ASN D 150 11.19 -37.74 14.73
N ILE D 151 10.59 -36.69 15.31
CA ILE D 151 9.55 -35.84 14.73
C ILE D 151 9.95 -35.30 13.32
N GLY D 152 11.23 -35.02 13.12
CA GLY D 152 11.78 -34.57 11.82
C GLY D 152 11.81 -35.61 10.72
N ARG D 153 11.88 -36.92 11.09
CA ARG D 153 11.94 -38.06 10.16
C ARG D 153 11.18 -39.30 10.69
N LEU D 154 9.85 -39.19 10.80
CA LEU D 154 9.01 -40.30 11.30
C LEU D 154 8.87 -41.50 10.36
N ARG D 155 9.17 -41.25 9.05
CA ARG D 155 9.17 -42.18 7.91
C ARG D 155 7.85 -42.99 7.77
N THR D 156 6.69 -42.31 7.95
CA THR D 156 5.37 -42.92 7.73
C THR D 156 5.01 -42.76 6.22
N ILE D 157 3.79 -43.22 5.79
CA ILE D 157 3.35 -43.12 4.37
C ILE D 157 3.12 -41.65 3.92
N LEU D 158 3.09 -40.68 4.86
CA LEU D 158 2.93 -39.25 4.52
C LEU D 158 4.14 -38.76 3.71
N ASP D 159 5.27 -39.52 3.80
CA ASP D 159 6.50 -39.25 3.07
C ASP D 159 6.31 -39.29 1.55
N LEU D 160 5.22 -39.97 1.07
CA LEU D 160 4.84 -40.10 -0.34
C LEU D 160 4.56 -38.75 -1.01
N VAL D 161 4.03 -37.76 -0.26
CA VAL D 161 3.72 -36.41 -0.76
C VAL D 161 5.04 -35.76 -1.16
N GLU D 162 6.04 -35.86 -0.28
CA GLU D 162 7.37 -35.28 -0.44
C GLU D 162 8.21 -36.07 -1.46
N LYS D 163 8.31 -37.41 -1.29
CA LYS D 163 9.07 -38.32 -2.15
C LYS D 163 8.53 -38.43 -3.58
N GLU D 164 7.19 -38.45 -3.75
CA GLU D 164 6.57 -38.57 -5.07
C GLU D 164 6.35 -37.22 -5.77
N SER D 165 5.72 -36.26 -5.08
CA SER D 165 5.40 -34.96 -5.67
C SER D 165 6.54 -33.92 -5.57
N GLY D 166 7.34 -34.01 -4.51
CA GLY D 166 8.46 -33.09 -4.26
C GLY D 166 8.06 -31.98 -3.32
N ILE D 167 6.74 -31.81 -3.11
CA ILE D 167 6.10 -30.77 -2.30
C ILE D 167 6.41 -30.85 -0.79
N THR D 168 6.90 -29.74 -0.23
CA THR D 168 7.20 -29.55 1.20
C THR D 168 6.13 -28.64 1.84
N ILE D 169 5.50 -29.14 2.92
CA ILE D 169 4.47 -28.41 3.67
C ILE D 169 4.98 -28.23 5.11
N GLU D 170 5.59 -27.05 5.38
CA GLU D 170 6.16 -26.68 6.68
C GLU D 170 5.15 -26.89 7.80
N GLY D 171 5.54 -27.69 8.79
CA GLY D 171 4.69 -28.06 9.92
C GLY D 171 3.90 -29.34 9.71
N VAL D 172 3.52 -29.64 8.43
CA VAL D 172 2.74 -30.83 8.04
C VAL D 172 3.68 -32.02 7.80
N ASN D 173 4.68 -31.89 6.91
CA ASN D 173 5.66 -32.97 6.71
C ASN D 173 7.08 -32.56 7.16
N THR D 174 7.20 -31.41 7.86
CA THR D 174 8.44 -30.86 8.45
C THR D 174 8.15 -30.54 9.92
N PRO D 175 9.14 -30.50 10.86
CA PRO D 175 8.77 -30.19 12.26
C PRO D 175 8.62 -28.70 12.54
N TYR D 176 7.79 -28.38 13.55
CA TYR D 176 7.50 -27.03 14.01
C TYR D 176 7.69 -27.04 15.52
N LEU D 177 8.37 -26.02 16.08
CA LEU D 177 8.54 -25.82 17.54
C LEU D 177 7.53 -24.75 18.00
N TYR D 178 7.00 -24.92 19.22
CA TYR D 178 6.02 -24.06 19.86
C TYR D 178 6.49 -23.65 21.25
N PHE D 179 6.85 -22.38 21.38
CA PHE D 179 7.29 -21.80 22.63
C PHE D 179 6.07 -21.15 23.26
N GLY D 180 5.61 -21.69 24.36
CA GLY D 180 4.43 -21.12 25.01
C GLY D 180 4.71 -20.46 26.33
N MET D 181 3.72 -19.70 26.79
CA MET D 181 3.70 -19.07 28.11
C MET D 181 2.32 -19.33 28.71
N TRP D 182 2.11 -18.91 29.95
CA TRP D 182 0.82 -19.05 30.65
C TRP D 182 -0.28 -18.35 29.83
N LYS D 183 -1.43 -19.04 29.67
CA LYS D 183 -2.66 -18.56 29.01
C LYS D 183 -2.63 -18.65 27.48
N THR D 184 -1.55 -19.21 26.90
CA THR D 184 -1.52 -19.37 25.44
C THR D 184 -2.30 -20.60 25.14
N SER D 185 -3.11 -20.51 24.10
CA SER D 185 -4.01 -21.57 23.73
C SER D 185 -4.09 -21.95 22.28
N PHE D 186 -4.57 -23.16 22.05
CA PHE D 186 -4.83 -23.61 20.71
C PHE D 186 -6.32 -23.89 20.67
N ALA D 187 -6.96 -23.33 19.66
CA ALA D 187 -8.38 -23.45 19.45
C ALA D 187 -8.83 -24.78 18.92
N TRP D 188 -10.13 -25.03 19.03
CA TRP D 188 -10.71 -26.29 18.53
C TRP D 188 -10.46 -26.54 17.04
N HIS D 189 -9.86 -27.69 16.74
CA HIS D 189 -9.51 -28.04 15.37
C HIS D 189 -9.19 -29.50 15.24
N THR D 190 -9.17 -30.00 14.01
CA THR D 190 -8.67 -31.31 13.59
C THR D 190 -7.38 -30.92 12.78
N GLU D 191 -6.57 -31.89 12.39
CA GLU D 191 -5.35 -31.64 11.66
C GLU D 191 -5.63 -31.31 10.18
N ASP D 192 -4.63 -30.71 9.47
CA ASP D 192 -4.79 -30.44 8.06
C ASP D 192 -4.99 -31.78 7.36
N MET D 193 -5.98 -31.86 6.45
CA MET D 193 -6.35 -33.06 5.68
C MET D 193 -6.83 -34.21 6.59
N ASP D 194 -7.21 -33.87 7.84
CA ASP D 194 -7.62 -34.80 8.93
C ASP D 194 -6.51 -35.85 9.18
N LEU D 195 -5.24 -35.38 9.22
CA LEU D 195 -4.08 -36.23 9.44
C LEU D 195 -3.95 -36.53 10.93
N TYR D 196 -2.95 -37.35 11.28
CA TYR D 196 -2.59 -37.60 12.68
C TYR D 196 -1.58 -36.51 13.01
N SER D 197 -1.24 -36.37 14.29
CA SER D 197 -0.17 -35.49 14.75
C SER D 197 0.53 -36.10 15.97
N ILE D 198 1.76 -35.66 16.20
CA ILE D 198 2.64 -36.06 17.28
C ILE D 198 3.15 -34.79 17.91
N ASN D 199 3.12 -34.73 19.27
CA ASN D 199 3.50 -33.57 20.05
C ASN D 199 4.37 -34.00 21.22
N TYR D 200 5.63 -33.55 21.21
CA TYR D 200 6.57 -33.84 22.27
C TYR D 200 6.85 -32.58 23.07
N LEU D 201 6.56 -32.62 24.36
CA LEU D 201 6.85 -31.49 25.23
C LEU D 201 8.33 -31.62 25.70
N HIS D 202 9.25 -30.89 25.04
CA HIS D 202 10.68 -30.91 25.31
C HIS D 202 11.03 -30.58 26.74
N PHE D 203 10.51 -29.45 27.23
CA PHE D 203 10.76 -28.97 28.60
C PHE D 203 9.71 -27.93 29.03
N GLY D 204 9.78 -27.55 30.29
CA GLY D 204 8.95 -26.51 30.88
C GLY D 204 7.67 -26.95 31.56
N GLU D 205 6.78 -25.97 31.69
CA GLU D 205 5.45 -26.09 32.26
C GLU D 205 4.57 -26.99 31.42
N PRO D 206 3.59 -27.69 32.05
CA PRO D 206 2.72 -28.59 31.28
C PRO D 206 1.79 -27.88 30.27
N LYS D 207 1.11 -28.68 29.42
CA LYS D 207 0.11 -28.23 28.46
C LYS D 207 -1.17 -29.08 28.68
N SER D 208 -2.32 -28.43 28.93
CA SER D 208 -3.60 -29.12 29.13
C SER D 208 -4.40 -29.23 27.82
N TRP D 209 -4.88 -30.45 27.53
CA TRP D 209 -5.58 -30.77 26.30
C TRP D 209 -6.98 -31.19 26.59
N TYR D 210 -7.87 -30.90 25.63
CA TYR D 210 -9.28 -31.33 25.57
C TYR D 210 -9.42 -32.01 24.23
N SER D 211 -10.25 -33.05 24.16
CA SER D 211 -10.52 -33.82 22.94
C SER D 211 -11.97 -34.25 22.85
N VAL D 212 -12.49 -34.38 21.61
CA VAL D 212 -13.85 -34.88 21.31
C VAL D 212 -13.60 -36.14 20.48
N PRO D 213 -14.13 -37.32 20.90
CA PRO D 213 -13.89 -38.54 20.09
C PRO D 213 -14.33 -38.34 18.64
N PRO D 214 -13.54 -38.81 17.64
CA PRO D 214 -13.93 -38.66 16.24
C PRO D 214 -15.38 -39.03 15.90
N GLU D 215 -15.95 -40.03 16.58
CA GLU D 215 -17.34 -40.45 16.33
C GLU D 215 -18.38 -39.38 16.75
N HIS D 216 -17.97 -38.40 17.60
CA HIS D 216 -18.81 -37.30 18.07
C HIS D 216 -18.38 -35.97 17.53
N GLY D 217 -17.43 -35.97 16.61
CA GLY D 217 -16.89 -34.78 15.95
C GLY D 217 -17.90 -33.92 15.22
N LYS D 218 -18.90 -34.57 14.54
CA LYS D 218 -19.95 -33.88 13.79
C LYS D 218 -20.88 -33.08 14.71
N ARG D 219 -21.02 -33.52 15.97
CA ARG D 219 -21.83 -32.86 17.01
C ARG D 219 -21.19 -31.52 17.45
N LEU D 220 -19.87 -31.49 17.64
CA LEU D 220 -19.12 -30.26 17.97
C LEU D 220 -19.29 -29.25 16.82
N GLU D 221 -19.18 -29.74 15.57
CA GLU D 221 -19.37 -28.94 14.35
C GLU D 221 -20.78 -28.36 14.30
N ARG D 222 -21.81 -29.17 14.64
CA ARG D 222 -23.20 -28.72 14.69
C ARG D 222 -23.31 -27.58 15.67
N LEU D 223 -22.74 -27.78 16.87
CA LEU D 223 -22.68 -26.83 17.97
C LEU D 223 -22.05 -25.52 17.53
N ALA D 224 -20.72 -25.52 17.14
CA ALA D 224 -19.99 -24.35 16.67
C ALA D 224 -20.71 -23.64 15.51
N LYS D 225 -21.30 -24.40 14.56
CA LYS D 225 -22.05 -23.78 13.45
C LYS D 225 -23.21 -22.95 13.97
N GLY D 226 -23.99 -23.50 14.91
CA GLY D 226 -25.13 -22.81 15.51
C GLY D 226 -24.81 -21.56 16.30
N PHE D 227 -23.59 -21.50 16.91
CA PHE D 227 -23.09 -20.37 17.69
C PHE D 227 -22.56 -19.27 16.79
N PHE D 228 -21.83 -19.65 15.73
CA PHE D 228 -21.22 -18.74 14.75
C PHE D 228 -21.87 -18.95 13.37
N PRO D 229 -23.15 -18.49 13.16
CA PRO D 229 -23.80 -18.71 11.85
C PRO D 229 -23.19 -17.87 10.71
N GLY D 230 -22.51 -16.78 11.06
CA GLY D 230 -21.84 -15.90 10.11
C GLY D 230 -20.61 -16.55 9.51
N SER D 231 -19.72 -17.06 10.39
CA SER D 231 -18.46 -17.74 10.06
C SER D 231 -18.68 -19.03 9.22
N ALA D 232 -19.76 -19.77 9.54
CA ALA D 232 -20.15 -21.01 8.86
C ALA D 232 -20.70 -20.78 7.45
N GLN D 233 -21.37 -19.63 7.21
CA GLN D 233 -21.92 -19.27 5.89
C GLN D 233 -20.80 -18.83 4.94
N SER D 234 -19.69 -18.30 5.51
CA SER D 234 -18.50 -17.81 4.81
C SER D 234 -17.44 -18.92 4.53
N CYS D 235 -17.47 -20.03 5.31
CA CYS D 235 -16.52 -21.13 5.15
C CYS D 235 -17.12 -22.49 5.50
N GLU D 236 -16.86 -23.51 4.65
CA GLU D 236 -17.33 -24.90 4.84
C GLU D 236 -16.72 -25.51 6.11
N ALA D 237 -15.42 -25.20 6.37
CA ALA D 237 -14.70 -25.70 7.52
C ALA D 237 -14.07 -24.54 8.33
N PHE D 238 -14.88 -23.60 8.87
CA PHE D 238 -14.36 -22.43 9.59
C PHE D 238 -13.54 -22.79 10.86
N LEU D 239 -13.75 -23.98 11.50
CA LEU D 239 -12.96 -24.35 12.68
C LEU D 239 -11.50 -24.51 12.31
N ARG D 240 -11.20 -24.68 11.00
CA ARG D 240 -9.83 -24.79 10.44
C ARG D 240 -9.05 -23.50 10.58
N HIS D 241 -9.75 -22.36 10.80
CA HIS D 241 -9.14 -21.07 11.04
C HIS D 241 -8.39 -21.07 12.38
N LYS D 242 -8.67 -22.06 13.28
CA LYS D 242 -8.06 -22.22 14.61
C LYS D 242 -8.20 -20.96 15.46
N MET D 243 -9.44 -20.44 15.51
CA MET D 243 -9.79 -19.20 16.24
C MET D 243 -10.90 -19.41 17.28
N THR D 244 -11.63 -20.54 17.24
CA THR D 244 -12.77 -20.81 18.12
C THR D 244 -12.39 -21.56 19.38
N LEU D 245 -12.57 -20.89 20.54
CA LEU D 245 -12.33 -21.46 21.87
C LEU D 245 -13.69 -21.76 22.53
N ILE D 246 -13.92 -22.99 22.96
CA ILE D 246 -15.16 -23.46 23.60
C ILE D 246 -14.74 -24.20 24.92
N SER D 247 -15.20 -23.73 26.09
CA SER D 247 -14.84 -24.32 27.40
C SER D 247 -15.42 -25.72 27.67
N PRO D 248 -14.76 -26.57 28.49
CA PRO D 248 -15.34 -27.88 28.85
C PRO D 248 -16.78 -27.80 29.38
N LEU D 249 -17.10 -26.75 30.20
CA LEU D 249 -18.43 -26.45 30.75
C LEU D 249 -19.48 -26.25 29.65
N MET D 250 -19.12 -25.60 28.49
CA MET D 250 -20.00 -25.41 27.33
C MET D 250 -20.36 -26.75 26.70
N LEU D 251 -19.35 -27.60 26.51
CA LEU D 251 -19.54 -28.94 25.97
C LEU D 251 -20.39 -29.81 26.94
N LYS D 252 -20.11 -29.72 28.27
CA LYS D 252 -20.86 -30.44 29.30
C LYS D 252 -22.32 -30.01 29.25
N LYS D 253 -22.56 -28.70 29.06
CA LYS D 253 -23.89 -28.09 28.95
C LYS D 253 -24.72 -28.59 27.77
N TYR D 254 -24.10 -28.77 26.61
CA TYR D 254 -24.77 -29.18 25.39
C TYR D 254 -24.62 -30.64 25.07
N GLY D 255 -24.17 -31.41 26.07
CA GLY D 255 -24.00 -32.86 25.93
C GLY D 255 -23.00 -33.35 24.91
N ILE D 256 -21.88 -32.59 24.71
CA ILE D 256 -20.83 -33.00 23.78
C ILE D 256 -19.86 -33.88 24.59
N PRO D 257 -19.74 -35.20 24.27
CA PRO D 257 -18.79 -36.05 25.02
C PRO D 257 -17.36 -35.55 24.75
N PHE D 258 -16.53 -35.50 25.80
CA PHE D 258 -15.16 -35.04 25.73
C PHE D 258 -14.33 -35.59 26.89
N ASP D 259 -13.00 -35.45 26.81
CA ASP D 259 -12.09 -35.89 27.85
C ASP D 259 -10.98 -34.85 28.00
N LYS D 260 -10.26 -34.88 29.12
CA LYS D 260 -9.14 -33.96 29.32
C LYS D 260 -7.91 -34.71 29.79
N VAL D 261 -6.73 -34.15 29.46
CA VAL D 261 -5.43 -34.71 29.82
C VAL D 261 -4.36 -33.63 29.90
N THR D 262 -3.44 -33.79 30.85
CA THR D 262 -2.32 -32.88 31.02
C THR D 262 -1.02 -33.57 30.59
N GLN D 263 -0.38 -33.00 29.57
CA GLN D 263 0.90 -33.42 29.04
C GLN D 263 1.95 -32.68 29.88
N GLU D 264 2.89 -33.45 30.44
CA GLU D 264 4.02 -32.96 31.26
C GLU D 264 5.28 -33.07 30.40
N ALA D 265 6.36 -32.36 30.80
CA ALA D 265 7.62 -32.40 30.04
C ALA D 265 8.14 -33.85 29.92
N GLY D 266 8.63 -34.16 28.72
CA GLY D 266 9.13 -35.49 28.37
C GLY D 266 8.06 -36.45 27.94
N GLU D 267 6.86 -35.97 27.61
CA GLU D 267 5.76 -36.84 27.18
C GLU D 267 5.27 -36.52 25.78
N PHE D 268 4.71 -37.54 25.12
CA PHE D 268 4.17 -37.46 23.76
C PHE D 268 2.66 -37.52 23.80
N MET D 269 2.02 -36.72 22.92
CA MET D 269 0.57 -36.75 22.67
C MET D 269 0.38 -37.07 21.18
N ILE D 270 -0.47 -38.08 20.90
CA ILE D 270 -0.84 -38.49 19.55
C ILE D 270 -2.30 -38.09 19.31
N THR D 271 -2.56 -37.33 18.25
CA THR D 271 -3.91 -36.95 17.83
C THR D 271 -4.20 -37.81 16.62
N PHE D 272 -5.43 -38.29 16.52
CA PHE D 272 -5.85 -39.21 15.47
C PHE D 272 -6.72 -38.55 14.39
N PRO D 273 -6.85 -39.15 13.17
CA PRO D 273 -7.69 -38.53 12.13
C PRO D 273 -9.05 -38.15 12.63
N TYR D 274 -9.43 -36.88 12.40
CA TYR D 274 -10.73 -36.27 12.74
C TYR D 274 -10.98 -36.15 14.23
N GLY D 275 -9.89 -36.19 15.03
CA GLY D 275 -9.94 -35.98 16.48
C GLY D 275 -9.84 -34.50 16.78
N TYR D 276 -10.96 -33.88 17.19
CA TYR D 276 -10.97 -32.45 17.56
C TYR D 276 -10.26 -32.21 18.87
N HIS D 277 -9.34 -31.24 18.92
CA HIS D 277 -8.61 -30.90 20.15
C HIS D 277 -8.43 -29.38 20.30
N ALA D 278 -8.17 -28.93 21.52
CA ALA D 278 -7.90 -27.57 21.88
C ALA D 278 -7.23 -27.75 23.22
N GLY D 279 -6.65 -26.67 23.74
CA GLY D 279 -5.94 -26.70 25.00
C GLY D 279 -5.22 -25.41 25.30
N PHE D 280 -4.36 -25.42 26.33
CA PHE D 280 -3.62 -24.26 26.79
C PHE D 280 -2.32 -24.64 27.49
N ASN D 281 -1.42 -23.67 27.61
CA ASN D 281 -0.15 -23.86 28.28
C ASN D 281 -0.22 -23.30 29.67
N HIS D 282 0.40 -24.02 30.62
CA HIS D 282 0.45 -23.61 32.03
C HIS D 282 1.47 -22.52 32.28
N GLY D 283 2.47 -22.43 31.41
CA GLY D 283 3.56 -21.47 31.51
C GLY D 283 4.62 -21.76 30.48
N PHE D 284 5.83 -21.18 30.66
CA PHE D 284 6.95 -21.32 29.73
C PHE D 284 7.30 -22.77 29.45
N ASN D 285 7.13 -23.16 28.17
CA ASN D 285 7.40 -24.51 27.70
C ASN D 285 7.86 -24.54 26.23
N CYS D 286 8.21 -25.73 25.75
CA CYS D 286 8.60 -25.90 24.35
C CYS D 286 8.12 -27.26 23.90
N ALA D 287 7.27 -27.28 22.86
CA ALA D 287 6.73 -28.50 22.25
C ALA D 287 7.16 -28.59 20.79
N GLU D 288 7.44 -29.83 20.31
CA GLU D 288 7.80 -30.05 18.91
C GLU D 288 6.65 -30.86 18.28
N SER D 289 6.20 -30.47 17.10
CA SER D 289 5.05 -31.06 16.43
C SER D 289 5.22 -31.27 14.92
N THR D 290 4.51 -32.26 14.38
CA THR D 290 4.40 -32.63 12.95
C THR D 290 3.18 -33.53 12.73
N ASN D 291 2.81 -33.74 11.45
CA ASN D 291 1.72 -34.63 11.06
C ASN D 291 2.33 -35.90 10.50
N PHE D 292 1.58 -36.99 10.55
CA PHE D 292 1.96 -38.29 9.98
C PHE D 292 0.68 -39.02 9.55
N ALA D 293 0.80 -40.19 8.88
CA ALA D 293 -0.33 -40.98 8.43
C ALA D 293 -0.11 -42.48 8.59
N THR D 294 -1.17 -43.26 8.44
CA THR D 294 -1.20 -44.72 8.42
C THR D 294 -2.11 -45.02 7.22
N ARG D 295 -2.21 -46.29 6.78
CA ARG D 295 -3.09 -46.64 5.66
C ARG D 295 -4.56 -46.20 5.90
N ARG D 296 -5.04 -46.30 7.17
CA ARG D 296 -6.39 -45.91 7.63
C ARG D 296 -6.71 -44.45 7.25
N TRP D 297 -5.72 -43.55 7.40
CA TRP D 297 -5.86 -42.13 7.12
C TRP D 297 -6.31 -41.81 5.69
N ILE D 298 -5.85 -42.59 4.66
CA ILE D 298 -6.18 -42.31 3.25
C ILE D 298 -7.67 -41.95 3.06
N GLU D 299 -8.60 -42.76 3.60
CA GLU D 299 -10.02 -42.49 3.46
C GLU D 299 -10.44 -41.12 4.04
N TYR D 300 -9.83 -40.74 5.20
CA TYR D 300 -10.03 -39.45 5.89
C TYR D 300 -9.57 -38.28 5.01
N GLY D 301 -8.45 -38.42 4.29
CA GLY D 301 -7.89 -37.40 3.40
C GLY D 301 -8.79 -37.16 2.19
N LYS D 302 -9.35 -38.25 1.67
CA LYS D 302 -10.31 -38.26 0.57
C LYS D 302 -11.63 -37.55 0.95
N GLN D 303 -12.10 -37.75 2.20
CA GLN D 303 -13.36 -37.20 2.69
C GLN D 303 -13.25 -35.87 3.45
N ALA D 304 -12.01 -35.39 3.75
CA ALA D 304 -11.74 -34.16 4.47
C ALA D 304 -12.40 -32.90 3.84
N VAL D 305 -13.15 -32.17 4.67
CA VAL D 305 -13.79 -30.90 4.33
C VAL D 305 -12.74 -29.81 4.61
N LEU D 306 -12.32 -29.08 3.59
CA LEU D 306 -11.29 -28.06 3.74
C LEU D 306 -11.84 -26.64 3.79
N CYS D 307 -11.00 -25.71 4.22
CA CYS D 307 -11.32 -24.29 4.32
C CYS D 307 -11.47 -23.70 2.89
N SER D 308 -12.66 -23.15 2.57
CA SER D 308 -12.98 -22.61 1.26
C SER D 308 -12.51 -21.14 1.04
N CYS D 309 -12.82 -20.22 1.96
CA CYS D 309 -12.53 -18.79 1.87
C CYS D 309 -11.02 -18.40 1.74
N ARG D 310 -10.11 -19.13 2.40
CA ARG D 310 -8.67 -18.79 2.37
C ARG D 310 -7.90 -19.49 1.25
N LYS D 311 -7.04 -18.70 0.58
CA LYS D 311 -6.20 -19.15 -0.54
C LYS D 311 -4.93 -19.92 -0.07
N ASP D 312 -4.34 -19.44 1.07
CA ASP D 312 -3.14 -19.94 1.73
C ASP D 312 -3.29 -21.34 2.42
N MET D 313 -4.56 -21.85 2.57
CA MET D 313 -4.94 -23.12 3.21
C MET D 313 -4.14 -24.34 2.65
N VAL D 314 -4.05 -25.43 3.44
CA VAL D 314 -3.31 -26.66 3.08
C VAL D 314 -4.23 -27.74 2.46
N LYS D 315 -3.90 -28.09 1.19
CA LYS D 315 -4.52 -29.15 0.40
C LYS D 315 -3.42 -30.08 -0.16
N ILE D 316 -3.52 -31.36 0.15
CA ILE D 316 -2.62 -32.43 -0.33
C ILE D 316 -3.42 -33.19 -1.40
N SER D 317 -2.81 -33.40 -2.58
CA SER D 317 -3.44 -34.18 -3.64
C SER D 317 -3.49 -35.64 -3.18
N MET D 318 -4.67 -36.22 -3.22
CA MET D 318 -4.83 -37.57 -2.73
C MET D 318 -4.59 -38.61 -3.80
N ASP D 319 -4.46 -38.17 -5.06
CA ASP D 319 -4.23 -39.02 -6.23
C ASP D 319 -3.14 -40.07 -5.99
N VAL D 320 -1.94 -39.63 -5.53
CA VAL D 320 -0.75 -40.44 -5.27
C VAL D 320 -1.04 -41.60 -4.27
N PHE D 321 -1.86 -41.32 -3.24
CA PHE D 321 -2.29 -42.28 -2.21
C PHE D 321 -3.31 -43.30 -2.76
N VAL D 322 -4.31 -42.86 -3.57
CA VAL D 322 -5.39 -43.63 -4.22
C VAL D 322 -4.84 -44.54 -5.32
N ARG D 323 -3.74 -44.16 -5.98
CA ARG D 323 -3.12 -45.04 -6.97
C ARG D 323 -2.32 -46.14 -6.24
N LYS D 324 -1.50 -45.76 -5.25
CA LYS D 324 -0.63 -46.69 -4.53
C LYS D 324 -1.34 -47.67 -3.60
N PHE D 325 -2.42 -47.24 -2.90
CA PHE D 325 -3.06 -48.07 -1.91
C PHE D 325 -4.47 -48.51 -2.26
N GLN D 326 -5.16 -47.78 -3.17
CA GLN D 326 -6.50 -48.16 -3.62
C GLN D 326 -6.57 -48.16 -5.17
N PRO D 327 -5.71 -48.94 -5.87
CA PRO D 327 -5.74 -48.90 -7.35
C PRO D 327 -7.06 -49.32 -7.98
N GLU D 328 -7.77 -50.27 -7.33
CA GLU D 328 -9.07 -50.80 -7.74
C GLU D 328 -10.14 -49.72 -7.66
N ARG D 329 -9.99 -48.79 -6.68
CA ARG D 329 -10.93 -47.69 -6.41
C ARG D 329 -10.59 -46.40 -7.19
N TYR D 330 -9.40 -46.34 -7.84
CA TYR D 330 -8.89 -45.17 -8.55
C TYR D 330 -9.87 -44.55 -9.59
N LYS D 331 -10.50 -45.38 -10.44
CA LYS D 331 -11.45 -44.89 -11.44
C LYS D 331 -12.75 -44.41 -10.77
N LEU D 332 -13.27 -45.20 -9.83
CA LEU D 332 -14.49 -44.91 -9.05
C LEU D 332 -14.35 -43.57 -8.29
N TRP D 333 -13.21 -43.35 -7.61
CA TRP D 333 -12.92 -42.15 -6.80
C TRP D 333 -12.78 -40.88 -7.68
N LYS D 334 -12.18 -41.02 -8.86
CA LYS D 334 -12.03 -39.91 -9.81
C LYS D 334 -13.39 -39.52 -10.43
N ALA D 335 -14.27 -40.52 -10.62
CA ALA D 335 -15.64 -40.35 -11.13
C ALA D 335 -16.57 -39.76 -10.06
N GLY D 336 -16.14 -39.84 -8.80
CA GLY D 336 -16.87 -39.36 -7.63
C GLY D 336 -17.91 -40.35 -7.13
N LYS D 337 -17.81 -41.63 -7.58
CA LYS D 337 -18.72 -42.70 -7.23
C LYS D 337 -18.24 -43.58 -6.04
N ASP D 338 -17.15 -43.16 -5.33
CA ASP D 338 -16.62 -43.84 -4.14
C ASP D 338 -17.41 -43.44 -2.88
N ASN D 339 -18.49 -44.21 -2.61
CA ASN D 339 -19.44 -44.02 -1.50
C ASN D 339 -19.00 -44.58 -0.15
N THR D 340 -17.69 -44.91 0.01
CA THR D 340 -17.11 -45.48 1.25
C THR D 340 -17.46 -44.63 2.47
N VAL D 341 -18.04 -45.26 3.49
CA VAL D 341 -18.43 -44.60 4.75
C VAL D 341 -17.36 -44.97 5.77
N ILE D 342 -16.81 -43.94 6.46
CA ILE D 342 -15.78 -44.12 7.49
C ILE D 342 -16.36 -44.63 8.82
N ASP D 343 -15.77 -45.71 9.34
CA ASP D 343 -16.06 -46.26 10.66
C ASP D 343 -14.91 -45.77 11.57
N HIS D 344 -15.19 -44.81 12.49
CA HIS D 344 -14.15 -44.22 13.36
C HIS D 344 -13.60 -45.17 14.43
N THR D 345 -14.35 -46.27 14.72
CA THR D 345 -14.00 -47.29 15.73
C THR D 345 -12.95 -48.28 15.23
N LEU D 346 -12.83 -48.42 13.91
CA LEU D 346 -11.91 -49.34 13.24
C LEU D 346 -10.42 -48.95 13.36
N PRO D 347 -9.51 -49.87 13.75
CA PRO D 347 -8.08 -49.52 13.79
C PRO D 347 -7.44 -49.63 12.40
N THR D 348 -6.22 -49.06 12.22
CA THR D 348 -5.47 -49.10 10.95
C THR D 348 -5.21 -50.56 10.49
N PRO D 349 -5.23 -50.93 9.18
CA PRO D 349 -4.99 -52.34 8.79
C PRO D 349 -3.70 -52.96 9.34
N GLU D 350 -2.65 -52.14 9.58
CA GLU D 350 -1.33 -52.50 10.13
C GLU D 350 -1.40 -53.10 11.56
N ALA D 351 -2.53 -52.90 12.27
CA ALA D 351 -2.75 -53.42 13.63
C ALA D 351 -3.26 -54.88 13.62
N ALA D 352 -3.45 -55.45 12.40
CA ALA D 352 -3.91 -56.82 12.18
C ALA D 352 -3.09 -57.86 12.95
N GLU D 353 -1.76 -57.63 13.08
CA GLU D 353 -0.81 -58.49 13.79
C GLU D 353 -1.02 -58.51 15.33
N PHE D 354 -1.72 -57.51 15.87
CA PHE D 354 -2.04 -57.38 17.30
C PHE D 354 -3.50 -57.80 17.59
N LEU D 355 -4.25 -58.13 16.51
CA LEU D 355 -5.66 -58.55 16.56
C LEU D 355 -5.83 -60.03 16.22
ZN ZN E . -17.52 -15.64 -31.91
ZN ZN F . -33.75 -14.31 -38.56
C1 5UP G . -15.89 -20.21 -31.57
C2 5UP G . -17.22 -19.86 -31.37
C3 5UP G . -17.60 -18.54 -31.58
C4 5UP G . -15.47 -17.94 -32.15
C5 5UP G . -14.99 -19.23 -31.96
C6 5UP G . -18.99 -18.14 -31.36
N1 5UP G . -16.75 -17.58 -31.96
C7 5UP G . -20.05 -18.98 -31.41
C8 5UP G . -20.63 -16.68 -30.97
O 5UP G . -14.39 -21.97 -30.97
C 5UP G . -15.50 -21.65 -31.46
N 5UP G . -16.38 -22.57 -31.87
N3 5UP G . -19.33 -16.80 -31.10
N2 5UP G . -21.27 -15.51 -30.73
S 5UP G . -21.53 -18.16 -31.15
C1 EDO H . -19.96 -17.50 -27.06
O1 EDO H . -19.34 -17.91 -25.85
C2 EDO H . -20.00 -15.98 -27.11
O2 EDO H . -18.68 -15.46 -27.07
C1 EDO I . -7.49 -23.37 -49.78
O1 EDO I . -8.53 -24.22 -50.23
C2 EDO I . -8.16 -22.23 -49.02
O2 EDO I . -9.30 -21.74 -49.74
C1 EDO J . -18.57 -27.11 -14.47
O1 EDO J . -18.31 -25.71 -14.48
C2 EDO J . -17.99 -27.78 -15.73
O2 EDO J . -16.57 -27.88 -15.63
S DMS K . -8.13 -34.67 -22.12
O DMS K . -8.56 -35.70 -23.10
C1 DMS K . -9.22 -34.98 -20.76
C2 DMS K . -6.60 -35.25 -21.41
ZN ZN L . -9.45 13.51 17.13
ZN ZN M . 4.42 6.62 22.29
C1 5UP N . -12.54 10.56 14.77
C2 5UP N . -11.16 10.45 14.68
C3 5UP N . -10.36 11.31 15.43
C4 5UP N . -12.21 12.34 16.33
C5 5UP N . -13.07 11.54 15.61
C6 5UP N . -8.90 11.25 15.33
N1 5UP N . -10.87 12.25 16.25
C7 5UP N . -8.21 10.16 14.94
C8 5UP N . -6.83 12.06 15.52
O 5UP N . -14.46 9.93 13.55
C 5UP N . -13.38 9.56 14.07
N 5UP N . -12.94 8.31 14.01
N3 5UP N . -8.10 12.37 15.64
N2 5UP N . -5.83 12.90 15.79
S 5UP N . -6.52 10.45 14.96
C1 EDO O . -23.21 26.67 31.24
O1 EDO O . -21.91 26.15 31.10
C2 EDO O . -23.47 26.94 32.69
O2 EDO O . -23.77 25.71 33.33
C1 EDO P . -15.78 23.56 34.21
O1 EDO P . -14.60 24.05 34.83
C2 EDO P . -15.96 22.04 34.47
O2 EDO P . -16.87 21.79 35.55
C1 EDO Q . -20.28 16.44 34.31
O1 EDO Q . -18.91 16.41 34.70
C2 EDO Q . -20.83 15.02 34.14
O2 EDO Q . -20.37 14.18 35.20
C1 EDO R . -10.92 11.38 -3.17
O1 EDO R . -11.91 12.23 -3.76
C2 EDO R . -11.61 10.20 -2.41
O2 EDO R . -10.63 9.40 -1.77
C1 EDO S . -1.72 1.22 25.83
O1 EDO S . -0.65 2.06 25.45
C2 EDO S . -2.44 1.86 27.02
O2 EDO S . -3.78 1.41 27.09
C1 EDO T . -22.56 2.18 30.75
O1 EDO T . -23.24 0.91 30.60
C2 EDO T . -23.51 3.37 30.41
O2 EDO T . -22.74 4.48 29.97
C1 EDO U . -20.74 36.19 13.73
O1 EDO U . -20.93 37.58 13.50
C2 EDO U . -19.44 35.75 13.04
O2 EDO U . -19.56 35.98 11.66
C1 EDO V . -6.93 13.89 11.21
O1 EDO V . -8.11 13.42 10.59
C2 EDO V . -7.25 14.40 12.62
O2 EDO V . -8.45 15.15 12.57
C1 EDO W . -1.09 22.21 26.48
O1 EDO W . -0.08 22.00 25.47
C2 EDO W . -0.53 22.07 27.90
O2 EDO W . 0.06 20.79 28.02
C1 EDO X . -1.25 11.90 25.65
O1 EDO X . -2.02 13.00 25.12
C2 EDO X . -1.03 11.88 27.20
O2 EDO X . -0.56 10.61 27.67
ZN ZN Y . 30.07 32.12 -2.33
ZN ZN Z . 41.16 31.58 9.77
C1 5UP AA . 28.81 36.54 -3.78
C2 5UP AA . 29.14 36.24 -2.47
C3 5UP AA . 29.56 34.95 -2.17
C4 5UP AA . 29.35 34.29 -4.36
C5 5UP AA . 28.90 35.54 -4.74
C6 5UP AA . 29.85 34.55 -0.77
N1 5UP AA . 29.69 33.97 -3.09
C7 5UP AA . 30.19 35.44 0.20
C8 5UP AA . 30.14 33.12 0.91
O 5UP AA . 27.74 38.20 -5.09
C 5UP AA . 28.49 37.95 -4.13
N 5UP AA . 29.07 38.92 -3.40
N3 5UP AA . 29.81 33.22 -0.36
N2 5UP AA . 30.22 31.96 1.57
S 5UP AA . 30.51 34.64 1.68
C1 EDO BA . 43.00 39.94 -17.03
O1 EDO BA . 42.10 39.15 -17.78
C2 EDO BA . 43.47 41.15 -17.90
O2 EDO BA . 44.44 41.95 -17.22
C1 EDO CA . 13.82 42.89 3.60
O1 EDO CA . 14.95 43.17 4.43
C2 EDO CA . 12.95 44.17 3.44
O2 EDO CA . 12.16 44.11 2.25
C1 EDO DA . 13.39 16.84 -16.72
O1 EDO DA . 14.26 16.55 -17.79
C2 EDO DA . 14.10 17.74 -15.66
O2 EDO DA . 13.20 18.02 -14.58
C1 EDO EA . 18.02 26.26 2.48
O1 EDO EA . 16.96 25.33 2.74
C2 EDO EA . 17.77 27.57 3.24
O2 EDO EA . 16.53 28.11 2.84
C1 EDO FA . 31.55 11.43 -3.09
O1 EDO FA . 31.79 10.36 -2.17
C2 EDO FA . 30.16 12.11 -2.85
O2 EDO FA . 29.97 12.40 -1.46
C1 EDO GA . 25.62 32.14 1.10
O1 EDO GA . 26.47 32.34 -0.03
C2 EDO GA . 25.17 33.51 1.62
O2 EDO GA . 26.34 34.14 2.11
C1 EDO HA . 37.85 18.54 0.19
O1 EDO HA . 36.74 17.67 0.01
C2 EDO HA . 38.37 18.44 1.66
O2 EDO HA . 39.20 19.55 1.98
C1 EDO IA . 38.44 18.85 -15.14
O1 EDO IA . 38.91 19.97 -15.90
C2 EDO IA . 39.22 17.60 -15.55
O2 EDO IA . 38.32 16.71 -16.16
ZN ZN JA . -3.35 -29.87 16.30
ZN ZN KA . -12.05 -20.89 5.63
C1 5UP LA . -0.62 -27.45 19.59
C2 5UP LA . -0.84 -27.02 18.30
C3 5UP LA . -1.67 -27.79 17.47
C4 5UP LA . -2.05 -29.30 19.14
C5 5UP LA . -1.22 -28.62 20.02
C6 5UP LA . -1.86 -27.40 16.07
N1 5UP LA . -2.28 -28.91 17.88
C7 5UP LA . -1.71 -26.13 15.59
C8 5UP LA . -2.44 -27.75 13.95
O 5UP LA . 0.93 -27.10 21.37
C 5UP LA . 0.20 -26.57 20.49
N 5UP LA . 0.11 -25.25 20.30
N3 5UP LA . -2.28 -28.33 15.11
N2 5UP LA . -2.88 -28.37 12.84
S 5UP LA . -2.08 -26.03 13.93
C1 EDO MA . -15.94 -26.41 10.90
O1 EDO MA . -14.67 -26.91 10.54
C2 EDO MA . -17.04 -27.16 10.15
O2 EDO MA . -18.01 -26.20 9.77
C1 EDO NA . -14.48 -17.15 13.37
O1 EDO NA . -13.71 -17.81 12.37
C2 EDO NA . -15.16 -18.16 14.32
O2 EDO NA . -14.71 -17.99 15.67
C1 EDO OA . -13.36 -24.07 33.76
O1 EDO OA . -13.54 -25.43 34.16
C2 EDO OA . -14.14 -23.07 34.70
O2 EDO OA . -14.71 -22.00 33.91
C1 EDO PA . -14.64 -39.87 27.40
O1 EDO PA . -15.22 -39.02 28.39
C2 EDO PA . -14.44 -39.12 26.03
O2 EDO PA . -15.60 -39.28 25.21
C1 EDO QA . -17.93 -43.15 22.80
O1 EDO QA . -18.35 -42.00 23.54
C2 EDO QA . -19.12 -44.10 22.52
O2 EDO QA . -19.69 -43.84 21.24
C1 EDO RA . -18.00 -35.95 28.81
O1 EDO RA . -17.72 -37.34 28.62
C2 EDO RA . -17.76 -35.52 30.29
O2 EDO RA . -16.43 -35.87 30.65
C1 EDO SA . 1.36 -30.38 13.03
O1 EDO SA . 0.37 -30.70 13.98
C2 EDO SA . 2.21 -29.21 13.52
O2 EDO SA . 1.57 -28.04 13.08
C1 EDO TA . 4.04 -53.13 20.94
O1 EDO TA . 4.87 -53.30 19.80
C2 EDO TA . 3.93 -54.44 21.73
O2 EDO TA . 3.07 -54.24 22.85
#